data_3J9B
#
_entry.id   3J9B
#
_cell.length_a   1.0
_cell.length_b   1.0
_cell.length_c   1.0
_cell.angle_alpha   90
_cell.angle_beta   90
_cell.angle_gamma   90
#
_symmetry.space_group_name_H-M   'P 1'
#
loop_
_entity.id
_entity.type
_entity.pdbx_description
1 polymer Polymerase
2 polymer 'RNA-directed RNA polymerase catalytic subunit'
3 polymer 'Polymerase basic protein 2'
4 polymer "RNA (5'-R(P*AP*AP*AP*AP*AP*A)-3')"
5 polymer "RNA (5'-R(*UP*UP*UP*UP*UP*A)-3')"
6 polymer "RNA (5'-R(P*UP*UP*UP*UP*UP*U)-3')"
#
loop_
_entity_poly.entity_id
_entity_poly.type
_entity_poly.pdbx_seq_one_letter_code
_entity_poly.pdbx_strand_id
1 'polypeptide(L)'
;(UNK)(UNK)(UNK)(UNK)(UNK)(UNK)(UNK)(UNK)(UNK)(UNK)(UNK)(UNK)(UNK)(UNK)(UNK)(UNK)
(UNK)(UNK)(UNK)(UNK)(UNK)(UNK)(UNK)(UNK)(UNK)(UNK)(UNK)(UNK)(UNK)(UNK)(UNK)(UNK)
(UNK)(UNK)(UNK)(UNK)(UNK)(UNK)(UNK)(UNK)(UNK)(UNK)(UNK)(UNK)(UNK)(UNK)(UNK)(UNK)
(UNK)(UNK)(UNK)PFLKTTPRPLRLPDGPPCSQRSKFLLMDALKLSIEDPSHEGEGIPLYDAIKCMKTFFGWKEPNIV
KPHEKGINPNYLLAWKQVLAELQDIENEEKIPKTKNMRKTSQLKWALGENMAPEKVDFEDCKDVSDLRQYDSDEPKPRSL
ASWIQSEFNKACELTDSSWIELDEIGEDVAPIEHIASMRRNYFTAEVSHCRATEYIMKGVYINTALLNASCAAMDDFQLI
PMISKCRTKEGRRKTNLYGFIIKGRSHLRNDTDVVNFVSMEFSLTDPRLEPHKWEKYCVLEIGDMLLRTEIGQVSRPMFL
YVRTNGTSKIKMKWGMEMRRCLLQSLQQIESMIEAESSVKEKDMTKEFFENKSETWPIGESPKGMEEGSIGKVCRTLLAK
SVFNSLYASPQLEGFSAESRKLLLIVQALRDNLEPGTFDLGGLYEAIEECLINDPWVLLNASWFNSFLTHALK
;
A,H
2 'polypeptide(L)'
;MDVNPTLLFLKVPAQNAISTTFPY(UNK)(UNK)(UNK)(UNK)(UNK)(UNK)(UNK)(UNK)(UNK)(UNK)(UNK)
(UNK)(UNK)(UNK)(UNK)(UNK)(UNK)(UNK)(UNK)(UNK)(UNK)(UNK)(UNK)(UNK)(UNK)(UNK)(UNK)
(UNK)(UNK)(UNK)(UNK)(UNK)(UNK)(UNK)(UNK)(UNK)(UNK)(UNK)(UNK)(UNK)(UNK)(UNK)(UNK)
(UNK)(UNK)(UNK)(UNK)(UNK)(UNK)(UNK)(UNK)(UNK)(UNK)(UNK)(UNK)(UNK)(UNK)(UNK)(UNK)
(UNK)(UNK)(UNK)(UNK)(UNK)(UNK)(UNK)(UNK)(UNK)(UNK)(UNK)(UNK)(UNK)(UNK)(UNK)(UNK)
(UNK)(UNK)(UNK)(UNK)(UNK)(UNK)(UNK)(UNK)(UNK)(UNK)(UNK)(UNK)(UNK)(UNK)(UNK)(UNK)
(UNK)(UNK)(UNK)(UNK)(UNK)(UNK)(UNK)(UNK)(UNK)(UNK)(UNK)(UNK)(UNK)(UNK)(UNK)(UNK)
(UNK)(UNK)(UNK)(UNK)(UNK)(UNK)(UNK)(UNK)(UNK)(UNK)(UNK)(UNK)(UNK)(UNK)(UNK)(UNK)
(UNK)(UNK)(UNK)(UNK)(UNK)(UNK)(UNK)(UNK)(UNK)(UNK)(UNK)(UNK)(UNK)(UNK)(UNK)(UNK)
(UNK)(UNK)(UNK)(UNK)(UNK)(UNK)(UNK)(UNK)(UNK)(UNK)(UNK)(UNK)(UNK)(UNK)(UNK)(UNK)
(UNK)(UNK)(UNK)(UNK)(UNK)(UNK)(UNK)(UNK)(UNK)(UNK)(UNK)(UNK)(UNK)(UNK)(UNK)(UNK)
(UNK)(UNK)(UNK)(UNK)(UNK)(UNK)(UNK)(UNK)(UNK)(UNK)(UNK)(UNK)(UNK)(UNK)(UNK)(UNK)
(UNK)(UNK)(UNK)(UNK)(UNK)(UNK)(UNK)(UNK)(UNK)(UNK)(UNK)(UNK)(UNK)(UNK)(UNK)(UNK)
(UNK)(UNK)(UNK)(UNK)(UNK)(UNK)(UNK)(UNK)(UNK)(UNK)(UNK)(UNK)(UNK)(UNK)(UNK)(UNK)
(UNK)(UNK)(UNK)(UNK)(UNK)(UNK)(UNK)(UNK)(UNK)(UNK)(UNK)(UNK)(UNK)(UNK)(UNK)(UNK)
(UNK)(UNK)(UNK)(UNK)(UNK)(UNK)(UNK)(UNK)(UNK)(UNK)(UNK)(UNK)(UNK)(UNK)(UNK)(UNK)
(UNK)(UNK)(UNK)(UNK)(UNK)(UNK)(UNK)(UNK)(UNK)(UNK)(UNK)(UNK)(UNK)(UNK)(UNK)(UNK)
(UNK)(UNK)(UNK)(UNK)(UNK)(UNK)(UNK)(UNK)(UNK)(UNK)(UNK)(UNK)(UNK)(UNK)(UNK)(UNK)
(UNK)(UNK)(UNK)(UNK)(UNK)(UNK)(UNK)(UNK)(UNK)(UNK)(UNK)(UNK)(UNK)(UNK)(UNK)(UNK)
(UNK)(UNK)(UNK)(UNK)(UNK)(UNK)(UNK)(UNK)(UNK)(UNK)(UNK)(UNK)(UNK)(UNK)(UNK)(UNK)
(UNK)(UNK)(UNK)(UNK)(UNK)(UNK)(UNK)(UNK)(UNK)(UNK)(UNK)(UNK)(UNK)(UNK)(UNK)(UNK)
(UNK)(UNK)(UNK)(UNK)(UNK)(UNK)(UNK)(UNK)(UNK)(UNK)(UNK)(UNK)(UNK)(UNK)(UNK)(UNK)
(UNK)(UNK)(UNK)(UNK)(UNK)(UNK)(UNK)(UNK)(UNK)(UNK)(UNK)(UNK)(UNK)(UNK)(UNK)(UNK)
(UNK)(UNK)(UNK)(UNK)(UNK)(UNK)(UNK)(UNK)(UNK)(UNK)(UNK)(UNK)(UNK)(UNK)(UNK)(UNK)
(UNK)(UNK)(UNK)(UNK)(UNK)(UNK)(UNK)(UNK)(UNK)(UNK)(UNK)(UNK)(UNK)(UNK)(UNK)(UNK)
(UNK)(UNK)(UNK)(UNK)(UNK)(UNK)(UNK)(UNK)(UNK)(UNK)(UNK)(UNK)(UNK)(UNK)(UNK)(UNK)
(UNK)(UNK)(UNK)(UNK)(UNK)
;
B,I
3 'polypeptide(L)'
;(UNK)(UNK)(UNK)(UNK)(UNK)(UNK)(UNK)(UNK)(UNK)(UNK)(UNK)(UNK)(UNK)(UNK)(UNK)(UNK)
(UNK)(UNK)(UNK)(UNK)(UNK)(UNK)(UNK)(UNK)(UNK)(UNK)(UNK)(UNK)(UNK)(UNK)(UNK)(UNK)
(UNK)(UNK)(UNK)(UNK)(UNK)(UNK)(UNK)(UNK)(UNK)(UNK)(UNK)(UNK)(UNK)(UNK)(UNK)(UNK)
(UNK)(UNK)(UNK)(UNK)(UNK)(UNK)(UNK)(UNK)(UNK)(UNK)(UNK)(UNK)(UNK)(UNK)(UNK)(UNK)
(UNK)(UNK)
;
C,J
4 'polyribonucleotide' AAAAAA D,K
5 'polyribonucleotide' UUUUUA E
6 'polyribonucleotide' UUUUUU L
#
# COMPACT_ATOMS: atom_id res chain seq x y z
N UNK A 1 -67.43 -37.69 26.93
CA UNK A 1 -68.20 -37.03 25.90
C UNK A 1 -67.31 -36.61 24.73
N UNK A 2 -66.80 -35.39 24.79
CA UNK A 2 -65.89 -34.88 23.78
C UNK A 2 -66.61 -34.42 22.51
N UNK A 3 -67.93 -34.37 22.57
CA UNK A 3 -68.72 -33.94 21.41
C UNK A 3 -69.47 -32.65 21.69
N UNK A 4 -69.31 -31.66 20.81
CA UNK A 4 -69.99 -30.39 20.96
C UNK A 4 -70.86 -30.05 19.75
N UNK A 5 -72.11 -29.70 19.99
CA UNK A 5 -73.02 -29.30 18.93
C UNK A 5 -73.51 -27.87 19.14
N UNK A 6 -73.43 -27.04 18.10
CA UNK A 6 -73.81 -25.64 18.21
C UNK A 6 -74.83 -25.23 17.16
N UNK A 7 -75.90 -24.59 17.60
CA UNK A 7 -76.93 -24.10 16.69
C UNK A 7 -76.33 -23.08 15.72
N UNK A 8 -75.47 -22.19 16.22
CA UNK A 8 -74.80 -21.31 15.28
C UNK A 8 -73.93 -22.14 14.36
N UNK A 9 -73.21 -23.09 14.96
CA UNK A 9 -72.40 -24.05 14.22
C UNK A 9 -73.29 -24.94 13.38
N UNK A 10 -74.40 -25.38 13.96
CA UNK A 10 -75.36 -26.23 13.27
C UNK A 10 -75.95 -25.48 12.09
N UNK A 11 -76.25 -24.20 12.31
CA UNK A 11 -76.81 -23.37 11.25
C UNK A 11 -75.81 -23.25 10.12
N UNK A 12 -74.54 -23.06 10.47
CA UNK A 12 -73.47 -22.82 9.51
C UNK A 12 -73.24 -23.98 8.54
N UNK A 13 -73.37 -25.20 9.06
CA UNK A 13 -73.21 -26.40 8.25
C UNK A 13 -74.41 -26.65 7.36
N UNK A 14 -74.18 -26.63 6.04
CA UNK A 14 -75.21 -26.92 5.06
C UNK A 14 -74.67 -27.83 3.98
N UNK A 15 -75.38 -28.93 3.70
CA UNK A 15 -74.93 -29.88 2.70
C UNK A 15 -75.92 -29.99 1.53
N UNK A 16 -75.39 -29.91 0.31
CA UNK A 16 -76.23 -29.99 -0.89
C UNK A 16 -77.24 -31.11 -0.80
N UNK A 17 -78.49 -30.68 7.51
CA UNK A 17 -78.17 -30.71 8.93
C UNK A 17 -77.41 -31.97 9.30
N UNK A 18 -77.10 -32.12 10.58
CA UNK A 18 -76.37 -33.29 11.06
C UNK A 18 -77.17 -34.56 10.83
N UNK A 19 -78.48 -34.49 11.07
CA UNK A 19 -79.36 -35.63 10.86
C UNK A 19 -79.37 -36.02 9.38
N UNK A 20 -79.40 -35.01 8.51
CA UNK A 20 -79.37 -35.24 7.08
C UNK A 20 -78.07 -35.91 6.68
N UNK A 21 -76.97 -35.47 7.27
CA UNK A 21 -75.66 -36.05 7.01
C UNK A 21 -75.64 -37.52 7.44
N UNK A 22 -76.26 -37.80 8.58
CA UNK A 22 -76.34 -39.16 9.08
C UNK A 22 -77.14 -40.03 8.12
N UNK A 23 -78.23 -39.47 7.60
CA UNK A 23 -79.07 -40.17 6.63
C UNK A 23 -78.26 -40.49 5.38
N UNK A 24 -77.46 -39.52 4.94
CA UNK A 24 -76.62 -39.70 3.76
C UNK A 24 -75.61 -40.82 4.01
N UNK A 25 -75.05 -40.86 5.22
CA UNK A 25 -74.10 -41.89 5.58
C UNK A 25 -74.77 -43.26 5.55
N UNK A 26 -76.01 -43.31 6.04
CA UNK A 26 -76.78 -44.55 6.04
C UNK A 26 -77.02 -45.02 4.60
N UNK A 27 -77.32 -44.07 3.72
CA UNK A 27 -77.55 -44.37 2.32
C UNK A 27 -76.27 -44.93 1.69
N UNK A 28 -75.14 -44.34 2.06
CA UNK A 28 -73.85 -44.80 1.56
C UNK A 28 -73.58 -46.24 2.03
N UNK A 29 -73.94 -46.51 3.28
CA UNK A 29 -73.78 -47.84 3.84
C UNK A 29 -74.65 -48.84 3.10
N UNK A 30 -75.89 -48.46 2.84
CA UNK A 30 -76.95 -49.43 2.50
C UNK A 30 -76.75 -50.24 1.22
N UNK A 31 -76.36 -49.61 0.12
CA UNK A 31 -76.12 -50.38 -1.10
C UNK A 31 -75.20 -49.70 -2.10
N UNK A 32 -74.51 -50.52 -2.90
CA UNK A 32 -73.64 -50.02 -3.95
C UNK A 32 -74.39 -49.84 -5.28
N UNK A 33 -75.65 -50.22 -5.27
CA UNK A 33 -76.47 -50.18 -6.47
C UNK A 33 -76.65 -48.79 -7.05
N UNK A 34 -76.83 -47.81 -6.18
CA UNK A 34 -77.01 -46.43 -6.61
C UNK A 34 -75.78 -45.93 -7.35
N UNK A 35 -74.61 -46.29 -6.84
CA UNK A 35 -73.34 -45.89 -7.44
C UNK A 35 -73.20 -46.47 -8.85
N UNK A 36 -73.62 -47.71 -9.02
CA UNK A 36 -73.51 -48.40 -10.30
C UNK A 36 -74.31 -47.71 -11.40
N UNK A 37 -75.51 -47.26 -11.05
CA UNK A 37 -76.36 -46.56 -12.01
C UNK A 37 -75.71 -45.30 -12.55
N UNK A 38 -75.04 -44.57 -11.67
CA UNK A 38 -74.43 -43.30 -12.04
C UNK A 38 -73.38 -43.52 -13.12
N UNK A 39 -72.59 -44.59 -12.98
CA UNK A 39 -71.54 -44.85 -13.93
C UNK A 39 -72.14 -45.08 -15.32
N UNK A 40 -73.24 -45.82 -15.37
CA UNK A 40 -73.95 -46.02 -16.62
C UNK A 40 -74.48 -44.68 -17.07
N UNK A 41 -75.00 -43.91 -16.12
CA UNK A 41 -75.53 -42.59 -16.38
C UNK A 41 -74.43 -41.67 -16.88
N UNK A 42 -73.24 -41.81 -16.30
CA UNK A 42 -72.11 -40.95 -16.65
C UNK A 42 -71.76 -41.14 -18.11
N UNK A 43 -71.74 -42.38 -18.56
CA UNK A 43 -71.34 -42.66 -19.94
C UNK A 43 -72.30 -42.02 -20.94
N UNK A 44 -73.59 -42.13 -20.66
CA UNK A 44 -74.60 -41.52 -21.52
C UNK A 44 -74.49 -40.00 -21.54
N UNK A 45 -74.28 -39.41 -20.37
CA UNK A 45 -74.19 -37.95 -20.24
C UNK A 45 -73.00 -37.36 -20.99
N UNK A 46 -71.84 -38.00 -20.88
CA UNK A 46 -70.60 -37.42 -21.38
C UNK A 46 -69.73 -38.34 -22.26
N UNK A 47 -68.87 -37.73 -23.08
CA UNK A 47 -68.02 -38.46 -24.02
C UNK A 47 -66.53 -38.03 -24.01
N UNK A 48 -65.66 -38.93 -24.46
CA UNK A 48 -64.21 -38.73 -24.46
C UNK A 48 -63.52 -39.28 -25.71
N UNK A 49 -62.38 -38.69 -26.08
CA UNK A 49 -61.60 -39.15 -27.24
C UNK A 49 -60.07 -39.07 -27.01
N UNK A 50 -59.33 -39.94 -27.69
CA UNK A 50 -57.86 -39.93 -27.61
C UNK A 50 -57.18 -40.25 -28.95
N UNK A 51 -55.97 -39.74 -29.16
CA UNK A 51 -55.32 -39.87 -30.46
C UNK A 51 -54.07 -40.73 -30.46
N PRO A 52 -53.97 -41.63 -31.44
CA PRO A 52 -52.76 -42.44 -31.59
C PRO A 52 -51.59 -41.49 -31.86
N PHE A 53 -51.81 -40.51 -32.73
CA PHE A 53 -50.78 -39.51 -32.99
C PHE A 53 -49.46 -40.18 -33.42
N LEU A 54 -49.56 -41.22 -34.23
CA LEU A 54 -48.38 -42.00 -34.61
C LEU A 54 -47.36 -41.17 -35.38
N LYS A 55 -47.84 -40.34 -36.30
CA LYS A 55 -46.96 -39.49 -37.10
C LYS A 55 -46.31 -38.40 -36.25
N THR A 56 -45.05 -38.10 -36.53
CA THR A 56 -44.36 -36.99 -35.87
C THR A 56 -45.03 -35.69 -36.28
N THR A 57 -45.13 -34.74 -35.36
CA THR A 57 -45.84 -33.50 -35.66
C THR A 57 -44.92 -32.32 -35.37
N PRO A 58 -44.77 -31.44 -36.36
CA PRO A 58 -43.84 -30.33 -36.27
C PRO A 58 -44.49 -28.96 -36.31
N ARG A 59 -44.22 -28.17 -35.27
CA ARG A 59 -44.66 -26.79 -35.18
C ARG A 59 -43.42 -25.96 -34.92
N PRO A 60 -43.22 -24.94 -35.75
CA PRO A 60 -42.00 -24.13 -35.69
C PRO A 60 -41.95 -23.21 -34.48
N LEU A 61 -40.77 -23.02 -33.90
CA LEU A 61 -40.60 -22.02 -32.89
C LEU A 61 -40.87 -20.69 -33.59
N ARG A 62 -41.62 -19.82 -32.94
CA ARG A 62 -42.06 -18.57 -33.56
C ARG A 62 -41.53 -17.36 -32.81
N LEU A 63 -40.98 -16.41 -33.56
CA LEU A 63 -40.45 -15.18 -32.98
C LEU A 63 -41.25 -13.98 -33.45
N PRO A 64 -41.66 -13.10 -32.45
CA PRO A 64 -42.41 -11.93 -32.97
C PRO A 64 -41.45 -10.75 -33.07
N ASP A 65 -41.45 -10.09 -34.22
CA ASP A 65 -40.46 -9.06 -34.48
C ASP A 65 -40.55 -7.92 -33.48
N GLY A 66 -39.39 -7.51 -32.97
CA GLY A 66 -39.26 -6.42 -32.04
C GLY A 66 -37.87 -5.85 -32.14
N PRO A 67 -37.68 -4.62 -31.70
CA PRO A 67 -36.33 -4.00 -31.77
C PRO A 67 -35.31 -5.02 -31.28
N PRO A 68 -34.08 -4.96 -31.79
CA PRO A 68 -33.07 -5.96 -31.40
C PRO A 68 -32.77 -5.94 -29.90
N CYS A 69 -32.62 -7.13 -29.32
CA CYS A 69 -32.40 -7.30 -27.89
C CYS A 69 -31.04 -6.78 -27.41
N SER A 70 -31.02 -6.30 -26.17
CA SER A 70 -29.81 -5.78 -25.54
C SER A 70 -29.51 -6.55 -24.26
N GLN A 71 -28.24 -6.77 -23.98
CA GLN A 71 -27.85 -7.59 -22.84
C GLN A 71 -28.31 -6.99 -21.51
N ARG A 72 -28.78 -7.87 -20.62
CA ARG A 72 -29.29 -7.48 -19.32
C ARG A 72 -28.26 -7.69 -18.21
N SER A 73 -27.04 -8.04 -18.59
CA SER A 73 -26.01 -8.41 -17.62
C SER A 73 -25.66 -7.27 -16.69
N LYS A 74 -25.45 -7.61 -15.41
CA LYS A 74 -25.15 -6.64 -14.38
C LYS A 74 -23.81 -6.03 -14.73
N PHE A 75 -22.90 -6.86 -15.20
CA PHE A 75 -21.63 -6.41 -15.73
C PHE A 75 -21.44 -6.88 -17.16
N LEU A 76 -20.42 -6.36 -17.83
CA LEU A 76 -20.02 -6.84 -19.14
C LEU A 76 -19.32 -8.19 -18.98
N LEU A 77 -19.50 -9.08 -19.95
CA LEU A 77 -18.84 -10.38 -19.90
C LEU A 77 -17.76 -10.53 -20.96
N MET A 78 -18.19 -10.78 -22.20
CA MET A 78 -17.25 -10.91 -23.31
C MET A 78 -16.50 -9.62 -23.60
N ASP A 79 -17.22 -8.50 -23.51
CA ASP A 79 -16.69 -7.20 -23.85
C ASP A 79 -15.93 -6.63 -22.68
N ALA A 80 -15.87 -7.38 -21.57
CA ALA A 80 -15.14 -6.92 -20.38
C ALA A 80 -13.66 -6.76 -20.68
N LEU A 81 -13.02 -5.82 -19.99
CA LEU A 81 -11.56 -5.66 -20.12
C LEU A 81 -10.97 -5.50 -18.73
N LYS A 82 -9.97 -6.33 -18.44
CA LYS A 82 -9.31 -6.27 -17.14
C LYS A 82 -7.99 -5.53 -17.21
N LEU A 83 -7.75 -4.66 -16.24
CA LEU A 83 -6.42 -4.16 -15.97
C LEU A 83 -5.91 -4.95 -14.78
N SER A 84 -4.75 -5.60 -14.91
CA SER A 84 -4.32 -6.51 -13.83
C SER A 84 -2.90 -6.33 -13.30
N ILE A 85 -2.69 -6.86 -12.10
CA ILE A 85 -1.40 -6.85 -11.43
C ILE A 85 -1.18 -8.18 -10.70
N GLU A 86 -0.09 -8.29 -9.95
CA GLU A 86 0.17 -9.47 -9.12
C GLU A 86 0.00 -9.16 -7.63
N ILE A 95 -7.22 -4.78 0.16
CA ILE A 95 -7.77 -3.43 0.05
C ILE A 95 -8.03 -3.04 -1.40
N PRO A 96 -9.27 -3.26 -1.86
CA PRO A 96 -9.75 -3.02 -3.23
C PRO A 96 -9.23 -1.73 -3.86
N LEU A 97 -9.47 -0.59 -3.22
CA LEU A 97 -9.05 0.68 -3.80
C LEU A 97 -7.54 0.76 -4.03
N TYR A 98 -6.78 0.21 -3.09
CA TYR A 98 -5.34 0.20 -3.27
C TYR A 98 -5.01 -0.58 -4.53
N ASP A 99 -5.62 -1.75 -4.66
CA ASP A 99 -5.39 -2.60 -5.82
C ASP A 99 -5.95 -1.98 -7.09
N ALA A 100 -7.07 -1.26 -6.96
CA ALA A 100 -7.67 -0.59 -8.10
C ALA A 100 -6.66 0.37 -8.71
N ILE A 101 -6.10 1.23 -7.89
CA ILE A 101 -5.12 2.19 -8.36
C ILE A 101 -3.87 1.51 -8.94
N LYS A 102 -3.37 0.49 -8.27
CA LYS A 102 -2.22 -0.23 -8.80
C LYS A 102 -2.53 -0.83 -10.17
N CYS A 103 -3.77 -1.27 -10.37
CA CYS A 103 -4.19 -1.82 -11.65
C CYS A 103 -4.27 -0.74 -12.72
N MET A 104 -4.82 0.41 -12.35
CA MET A 104 -4.98 1.49 -13.30
C MET A 104 -3.62 2.01 -13.72
N LYS A 105 -2.67 1.92 -12.80
CA LYS A 105 -1.32 2.42 -13.07
C LYS A 105 -0.62 1.57 -14.13
N THR A 106 -1.12 0.36 -14.35
CA THR A 106 -0.55 -0.48 -15.41
C THR A 106 -1.05 -0.04 -16.77
N PHE A 107 -1.81 1.04 -16.83
CA PHE A 107 -2.31 1.56 -18.10
C PHE A 107 -1.80 2.97 -18.26
N PHE A 108 -1.39 3.31 -19.47
CA PHE A 108 -0.70 4.58 -19.69
C PHE A 108 -1.30 5.34 -20.88
N GLY A 109 -2.58 5.09 -21.14
CA GLY A 109 -3.29 5.74 -22.23
C GLY A 109 -4.52 6.54 -21.80
N TRP A 110 -4.69 6.77 -20.50
CA TRP A 110 -5.79 7.61 -20.03
C TRP A 110 -5.81 8.92 -20.80
N LYS A 111 -6.97 9.30 -21.31
CA LYS A 111 -7.11 10.59 -21.95
C LYS A 111 -8.39 11.32 -21.51
N GLU A 112 -8.58 12.54 -22.01
CA GLU A 112 -9.80 13.29 -21.75
C GLU A 112 -11.03 12.54 -22.24
N PRO A 113 -11.91 12.16 -21.32
CA PRO A 113 -13.07 11.32 -21.63
C PRO A 113 -14.04 12.06 -22.54
N ASN A 114 -14.63 11.33 -23.47
CA ASN A 114 -15.57 11.91 -24.40
C ASN A 114 -16.68 10.91 -24.76
N ILE A 115 -17.90 11.40 -24.91
CA ILE A 115 -19.02 10.55 -25.28
C ILE A 115 -18.97 10.17 -26.75
N VAL A 116 -19.12 8.87 -27.01
CA VAL A 116 -19.14 8.33 -28.37
C VAL A 116 -20.46 7.63 -28.70
N LYS A 117 -21.15 7.15 -27.69
CA LYS A 117 -22.45 6.51 -27.88
C LYS A 117 -23.37 6.91 -26.73
N PRO A 118 -24.25 7.89 -26.98
CA PRO A 118 -25.06 8.50 -25.92
C PRO A 118 -26.23 7.60 -25.53
N HIS A 119 -26.69 7.74 -24.30
CA HIS A 119 -27.97 7.20 -23.92
C HIS A 119 -28.97 8.18 -24.52
N GLU A 120 -29.90 7.67 -25.32
CA GLU A 120 -30.90 8.57 -25.90
C GLU A 120 -31.82 9.18 -24.84
N LYS A 121 -32.33 8.33 -23.95
CA LYS A 121 -33.12 8.79 -22.82
C LYS A 121 -32.31 9.57 -21.79
N GLY A 122 -31.13 9.04 -21.49
CA GLY A 122 -30.27 9.57 -20.46
C GLY A 122 -29.53 10.84 -20.79
N ILE A 123 -29.31 11.68 -19.78
CA ILE A 123 -28.42 12.81 -19.91
C ILE A 123 -27.03 12.22 -20.11
N ASN A 124 -26.24 12.82 -21.00
CA ASN A 124 -24.92 12.25 -21.32
C ASN A 124 -23.72 12.93 -20.68
N PRO A 125 -23.67 14.27 -20.68
CA PRO A 125 -22.50 14.91 -20.07
C PRO A 125 -22.33 14.44 -18.64
N ASN A 126 -23.42 14.00 -18.03
CA ASN A 126 -23.41 13.53 -16.65
C ASN A 126 -22.54 12.31 -16.46
N TYR A 127 -22.64 11.37 -17.40
CA TYR A 127 -21.85 10.15 -17.37
C TYR A 127 -20.37 10.50 -17.50
N LEU A 128 -20.05 11.45 -18.38
CA LEU A 128 -18.70 11.97 -18.47
C LEU A 128 -18.35 12.68 -17.17
N LEU A 129 -19.30 13.45 -16.66
CA LEU A 129 -19.14 14.17 -15.41
C LEU A 129 -18.99 13.18 -14.26
N ALA A 130 -19.77 12.11 -14.31
CA ALA A 130 -19.70 11.07 -13.29
C ALA A 130 -18.34 10.42 -13.32
N TRP A 131 -17.81 10.19 -14.53
CA TRP A 131 -16.49 9.60 -14.71
C TRP A 131 -15.43 10.51 -14.13
N LYS A 132 -15.59 11.82 -14.35
CA LYS A 132 -14.67 12.80 -13.81
C LYS A 132 -14.69 12.77 -12.29
N GLN A 133 -15.88 12.64 -11.71
CA GLN A 133 -15.99 12.55 -10.26
C GLN A 133 -15.29 11.29 -9.77
N VAL A 134 -15.53 10.15 -10.39
CA VAL A 134 -14.87 8.97 -9.82
C VAL A 134 -13.35 9.08 -9.92
N LEU A 135 -12.88 9.42 -11.12
CA LEU A 135 -11.45 9.58 -11.34
C LEU A 135 -10.88 10.77 -10.59
N ALA A 136 -11.59 11.90 -10.67
CA ALA A 136 -11.12 13.11 -10.05
C ALA A 136 -11.06 12.93 -8.55
N GLU A 137 -12.11 12.33 -8.00
CA GLU A 137 -12.18 12.12 -6.57
C GLU A 137 -11.04 11.21 -6.15
N LEU A 138 -10.81 10.15 -6.93
CA LEU A 138 -9.77 9.21 -6.54
C LEU A 138 -8.43 9.93 -6.52
N GLN A 139 -8.19 10.74 -7.54
CA GLN A 139 -6.91 11.43 -7.66
C GLN A 139 -6.71 12.38 -6.49
N ASP A 140 -7.77 13.11 -6.16
CA ASP A 140 -7.68 14.09 -5.08
C ASP A 140 -7.36 13.38 -3.79
N ILE A 141 -8.04 12.26 -3.55
CA ILE A 141 -7.84 11.56 -2.29
C ILE A 141 -6.39 11.10 -2.23
N GLU A 142 -5.90 10.55 -3.34
CA GLU A 142 -4.56 10.00 -3.35
C GLU A 142 -3.55 11.11 -3.07
N ASN A 143 -3.77 12.27 -3.67
CA ASN A 143 -2.88 13.40 -3.45
C ASN A 143 -2.87 13.93 -2.02
N GLU A 144 -4.06 14.04 -1.42
CA GLU A 144 -4.18 14.72 -0.13
C GLU A 144 -4.61 13.85 1.05
N GLU A 145 -4.57 12.54 0.90
CA GLU A 145 -5.28 11.68 1.83
C GLU A 145 -4.74 10.27 1.75
N LYS A 146 -5.11 9.49 2.76
CA LYS A 146 -5.00 8.04 2.72
C LYS A 146 -6.38 7.55 3.13
N ILE A 147 -7.35 7.74 2.23
CA ILE A 147 -8.76 7.49 2.51
C ILE A 147 -9.12 6.02 2.69
N PRO A 148 -10.11 5.78 3.65
CA PRO A 148 -10.47 4.36 3.76
C PRO A 148 -11.86 4.09 3.19
N LYS A 149 -11.95 3.12 2.28
CA LYS A 149 -13.23 2.68 1.72
C LYS A 149 -14.03 3.79 1.01
N THR A 150 -15.33 3.89 1.31
CA THR A 150 -16.24 4.78 0.62
C THR A 150 -16.02 6.28 0.85
N LYS A 151 -16.29 7.06 -0.18
CA LYS A 151 -16.25 8.53 -0.10
C LYS A 151 -17.52 9.10 -0.70
N ASN A 152 -18.00 10.22 -0.14
CA ASN A 152 -19.23 10.82 -0.61
C ASN A 152 -18.97 11.83 -1.72
N MET A 153 -19.61 11.62 -2.86
CA MET A 153 -19.46 12.51 -4.01
C MET A 153 -20.16 13.84 -3.75
N ARG A 154 -19.62 14.90 -4.34
CA ARG A 154 -20.26 16.20 -4.29
C ARG A 154 -21.59 16.06 -5.02
N LYS A 155 -22.62 16.75 -4.54
CA LYS A 155 -23.95 16.54 -5.09
C LYS A 155 -23.95 16.87 -6.58
N THR A 156 -24.58 15.99 -7.36
CA THR A 156 -24.62 16.12 -8.80
C THR A 156 -26.05 16.09 -9.33
N SER A 157 -26.37 17.02 -10.21
CA SER A 157 -27.69 17.06 -10.84
C SER A 157 -27.92 15.79 -11.65
N GLN A 158 -26.87 15.34 -12.33
CA GLN A 158 -26.97 14.17 -13.21
C GLN A 158 -26.96 12.87 -12.41
N LEU A 159 -26.08 12.81 -11.41
CA LEU A 159 -26.00 11.62 -10.56
C LEU A 159 -27.31 11.43 -9.80
N LYS A 160 -27.87 12.55 -9.36
CA LYS A 160 -29.14 12.58 -8.63
C LYS A 160 -30.28 12.07 -9.51
N TRP A 161 -30.24 12.43 -10.78
CA TRP A 161 -31.36 12.18 -11.69
C TRP A 161 -31.68 10.70 -11.85
N ALA A 162 -30.67 9.85 -11.94
CA ALA A 162 -30.96 8.43 -12.11
C ALA A 162 -31.34 7.78 -10.78
N LEU A 163 -30.62 8.15 -9.72
CA LEU A 163 -30.88 7.62 -8.40
C LEU A 163 -32.27 8.00 -7.90
N GLY A 164 -32.66 9.25 -8.17
CA GLY A 164 -33.96 9.75 -7.76
C GLY A 164 -34.65 10.51 -8.87
N ASP A 187 -46.75 -6.88 -13.56
CA ASP A 187 -46.73 -6.72 -15.02
C ASP A 187 -45.36 -6.59 -15.72
N SER A 188 -44.47 -5.77 -15.20
CA SER A 188 -43.09 -5.74 -15.68
C SER A 188 -42.86 -5.11 -17.07
N ASP A 189 -43.85 -4.41 -17.61
CA ASP A 189 -43.67 -3.68 -18.88
C ASP A 189 -43.14 -4.54 -20.04
N GLU A 190 -43.73 -5.72 -20.24
CA GLU A 190 -43.22 -6.71 -21.20
C GLU A 190 -43.95 -6.79 -22.55
N PRO A 191 -44.80 -5.71 -22.88
CA PRO A 191 -45.64 -5.98 -24.07
C PRO A 191 -44.93 -6.25 -25.41
N LYS A 192 -43.88 -5.50 -25.77
CA LYS A 192 -43.18 -5.74 -27.03
C LYS A 192 -42.36 -7.03 -26.99
N PRO A 193 -42.43 -7.82 -28.06
CA PRO A 193 -41.55 -8.99 -28.15
C PRO A 193 -40.29 -8.61 -28.91
N ARG A 194 -39.16 -8.62 -28.22
CA ARG A 194 -37.89 -8.22 -28.81
C ARG A 194 -37.40 -9.22 -29.85
N SER A 195 -36.78 -8.70 -30.91
CA SER A 195 -36.16 -9.57 -31.90
C SER A 195 -34.81 -10.11 -31.45
N LEU A 196 -34.59 -11.40 -31.64
CA LEU A 196 -33.31 -12.01 -31.32
C LEU A 196 -32.20 -11.33 -32.12
N ALA A 197 -31.02 -11.23 -31.51
CA ALA A 197 -29.85 -10.69 -32.17
C ALA A 197 -28.70 -11.67 -32.03
N SER A 198 -27.78 -11.66 -32.99
CA SER A 198 -26.64 -12.58 -32.97
C SER A 198 -25.76 -12.44 -31.73
N TRP A 199 -25.76 -11.25 -31.12
CA TRP A 199 -24.84 -10.99 -30.02
C TRP A 199 -24.96 -11.97 -28.85
N ILE A 200 -26.19 -12.25 -28.43
CA ILE A 200 -26.45 -13.20 -27.35
C ILE A 200 -26.03 -14.63 -27.70
N GLN A 201 -26.29 -15.04 -28.93
CA GLN A 201 -25.99 -16.39 -29.38
C GLN A 201 -24.49 -16.67 -29.36
N SER A 202 -23.71 -15.68 -29.75
CA SER A 202 -22.26 -15.79 -29.81
C SER A 202 -21.64 -16.06 -28.44
N GLU A 203 -22.24 -15.49 -27.41
CA GLU A 203 -21.62 -15.41 -26.09
C GLU A 203 -21.33 -16.80 -25.52
N PHE A 204 -22.24 -17.73 -25.77
CA PHE A 204 -22.05 -19.10 -25.31
C PHE A 204 -20.80 -19.70 -25.93
N ASN A 205 -20.55 -19.39 -27.20
CA ASN A 205 -19.44 -20.01 -27.91
C ASN A 205 -18.09 -19.58 -27.32
N LYS A 206 -17.89 -18.26 -27.24
CA LYS A 206 -16.64 -17.72 -26.75
C LYS A 206 -16.43 -18.10 -25.29
N ALA A 207 -17.55 -18.00 -24.57
CA ALA A 207 -17.68 -18.22 -23.13
C ALA A 207 -17.42 -19.66 -22.74
N CYS A 208 -17.91 -20.55 -23.58
CA CYS A 208 -17.61 -21.97 -23.44
C CYS A 208 -16.10 -22.07 -23.55
N GLU A 209 -15.51 -21.19 -24.35
CA GLU A 209 -14.08 -21.19 -24.56
C GLU A 209 -13.30 -21.01 -23.26
N LEU A 210 -12.30 -21.87 -23.18
CA LEU A 210 -11.24 -22.01 -22.18
C LEU A 210 -10.43 -20.73 -22.11
N THR A 211 -9.97 -20.41 -20.92
CA THR A 211 -9.05 -19.33 -20.70
C THR A 211 -7.78 -20.03 -20.27
N ASP A 212 -6.66 -19.66 -20.87
CA ASP A 212 -5.43 -20.39 -20.59
C ASP A 212 -4.94 -19.85 -19.27
N SER A 213 -5.70 -20.15 -18.22
CA SER A 213 -5.34 -19.70 -16.88
C SER A 213 -6.01 -20.60 -15.87
N SER A 214 -5.54 -20.57 -14.62
CA SER A 214 -6.18 -21.33 -13.56
C SER A 214 -7.02 -20.36 -12.74
N TRP A 215 -8.31 -20.65 -12.60
CA TRP A 215 -9.22 -19.72 -11.95
C TRP A 215 -9.22 -19.84 -10.45
N ILE A 216 -9.33 -21.07 -9.96
CA ILE A 216 -9.45 -21.29 -8.53
C ILE A 216 -8.51 -22.38 -8.03
N GLU A 217 -7.90 -22.15 -6.88
CA GLU A 217 -7.11 -23.18 -6.25
C GLU A 217 -7.82 -23.65 -4.98
N LEU A 218 -8.18 -24.91 -4.95
CA LEU A 218 -8.79 -25.53 -3.77
C LEU A 218 -7.96 -26.74 -3.43
N ASP A 219 -7.59 -26.88 -2.15
CA ASP A 219 -6.75 -27.99 -1.78
C ASP A 219 -6.92 -28.36 -0.32
N GLU A 220 -8.07 -28.92 0.01
CA GLU A 220 -8.25 -29.53 1.31
C GLU A 220 -8.28 -31.02 1.05
N ILE A 221 -7.37 -31.74 1.68
CA ILE A 221 -7.36 -33.17 1.51
C ILE A 221 -7.94 -33.76 2.77
N ILE A 228 -14.84 -47.00 -3.78
CA ILE A 228 -15.31 -46.13 -4.86
C ILE A 228 -14.99 -44.66 -4.56
N GLU A 229 -14.59 -44.39 -3.32
CA GLU A 229 -14.30 -43.03 -2.91
C GLU A 229 -13.17 -42.47 -3.74
N HIS A 230 -12.15 -43.29 -3.99
CA HIS A 230 -11.02 -42.86 -4.77
C HIS A 230 -11.45 -42.51 -6.19
N ILE A 231 -12.35 -43.32 -6.74
CA ILE A 231 -12.85 -43.08 -8.09
C ILE A 231 -13.59 -41.76 -8.13
N ALA A 232 -14.40 -41.51 -7.11
CA ALA A 232 -15.18 -40.30 -7.07
C ALA A 232 -14.23 -39.13 -7.03
N SER A 233 -13.18 -39.27 -6.24
CA SER A 233 -12.20 -38.22 -6.07
C SER A 233 -11.51 -37.90 -7.38
N MET A 234 -11.16 -38.94 -8.12
CA MET A 234 -10.52 -38.76 -9.42
C MET A 234 -11.43 -38.05 -10.41
N ARG A 235 -12.70 -38.43 -10.41
CA ARG A 235 -13.64 -37.79 -11.33
C ARG A 235 -13.72 -36.33 -10.95
N ARG A 236 -13.73 -36.08 -9.65
CA ARG A 236 -13.86 -34.73 -9.12
C ARG A 236 -12.68 -33.91 -9.56
N ASN A 237 -11.49 -34.48 -9.53
CA ASN A 237 -10.28 -33.80 -9.99
C ASN A 237 -10.33 -33.44 -11.47
N TYR A 238 -10.81 -34.38 -12.29
CA TYR A 238 -10.90 -34.08 -13.71
C TYR A 238 -11.85 -32.90 -13.88
N PHE A 239 -12.93 -32.95 -13.11
CA PHE A 239 -13.93 -31.90 -13.16
C PHE A 239 -13.41 -30.55 -12.69
N THR A 240 -12.54 -30.57 -11.70
CA THR A 240 -11.89 -29.38 -11.20
C THR A 240 -11.04 -28.79 -12.31
N ALA A 241 -10.33 -29.64 -13.05
CA ALA A 241 -9.55 -29.13 -14.16
C ALA A 241 -10.47 -28.47 -15.20
N GLU A 242 -11.61 -29.12 -15.44
CA GLU A 242 -12.57 -28.57 -16.38
C GLU A 242 -13.12 -27.21 -15.93
N VAL A 243 -13.37 -27.08 -14.63
CA VAL A 243 -13.86 -25.84 -14.05
C VAL A 243 -12.80 -24.75 -14.18
N SER A 244 -11.56 -25.16 -13.97
CA SER A 244 -10.44 -24.25 -14.03
C SER A 244 -10.43 -23.68 -15.43
N HIS A 245 -10.74 -24.51 -16.41
CA HIS A 245 -10.84 -23.98 -17.78
C HIS A 245 -12.24 -23.55 -18.27
N CYS A 246 -12.70 -22.38 -17.84
CA CYS A 246 -13.83 -21.71 -18.49
C CYS A 246 -14.02 -20.23 -18.18
N ARG A 247 -14.40 -19.48 -19.22
CA ARG A 247 -14.86 -18.10 -19.08
C ARG A 247 -16.15 -18.01 -18.25
N ALA A 248 -16.99 -19.03 -18.36
CA ALA A 248 -18.18 -19.10 -17.52
C ALA A 248 -17.76 -19.03 -16.05
N THR A 249 -16.71 -19.75 -15.71
CA THR A 249 -16.22 -19.77 -14.33
C THR A 249 -15.73 -18.40 -13.89
N GLU A 250 -15.04 -17.69 -14.78
CA GLU A 250 -14.69 -16.30 -14.47
C GLU A 250 -15.94 -15.49 -14.15
N TYR A 251 -16.97 -15.62 -15.00
CA TYR A 251 -18.24 -14.93 -14.78
C TYR A 251 -18.78 -15.21 -13.38
N ILE A 252 -18.70 -16.47 -12.96
CA ILE A 252 -19.15 -16.85 -11.63
C ILE A 252 -18.43 -16.05 -10.55
N MET A 253 -17.12 -16.07 -10.61
CA MET A 253 -16.29 -15.44 -9.58
C MET A 253 -16.40 -13.92 -9.63
N LYS A 254 -16.42 -13.36 -10.84
CA LYS A 254 -16.66 -11.94 -11.03
C LYS A 254 -17.93 -11.51 -10.30
N GLY A 255 -18.98 -12.32 -10.45
CA GLY A 255 -20.27 -12.08 -9.80
C GLY A 255 -20.26 -12.28 -8.29
N VAL A 256 -19.50 -13.24 -7.80
CA VAL A 256 -19.45 -13.49 -6.37
C VAL A 256 -18.91 -12.28 -5.62
N TYR A 257 -17.86 -11.68 -6.16
CA TYR A 257 -17.27 -10.48 -5.57
C TYR A 257 -18.22 -9.29 -5.59
N ILE A 258 -18.92 -9.09 -6.70
CA ILE A 258 -19.81 -7.95 -6.87
C ILE A 258 -20.98 -7.96 -5.89
N ASN A 259 -21.57 -9.14 -5.68
CA ASN A 259 -22.69 -9.29 -4.77
C ASN A 259 -22.31 -8.98 -3.33
N THR A 260 -21.12 -9.41 -2.94
CA THR A 260 -20.67 -9.30 -1.56
C THR A 260 -20.29 -7.85 -1.27
N ALA A 261 -19.38 -7.31 -2.06
CA ALA A 261 -18.93 -5.92 -1.90
C ALA A 261 -20.11 -4.95 -1.82
N LEU A 262 -21.03 -5.06 -2.77
CA LEU A 262 -22.17 -4.14 -2.84
C LEU A 262 -23.04 -4.25 -1.58
N LEU A 263 -23.23 -5.47 -1.11
CA LEU A 263 -24.06 -5.71 0.06
C LEU A 263 -23.45 -5.06 1.30
N ASN A 264 -22.14 -5.22 1.46
CA ASN A 264 -21.43 -4.58 2.55
C ASN A 264 -21.48 -3.07 2.41
N ALA A 265 -21.24 -2.58 1.20
CA ALA A 265 -21.29 -1.15 1.00
C ALA A 265 -22.70 -0.63 1.26
N SER A 266 -23.69 -1.33 0.72
CA SER A 266 -25.06 -0.83 0.81
C SER A 266 -25.65 -0.76 2.21
N CYS A 267 -25.47 -1.81 3.00
CA CYS A 267 -26.12 -1.83 4.32
C CYS A 267 -25.58 -0.75 5.25
N ALA A 268 -24.25 -0.71 5.38
CA ALA A 268 -23.60 0.18 6.34
C ALA A 268 -23.87 1.65 6.03
N ALA A 269 -23.80 1.99 4.75
CA ALA A 269 -24.07 3.37 4.33
C ALA A 269 -25.03 3.41 3.15
N MET A 270 -26.29 3.07 3.40
CA MET A 270 -27.30 3.18 2.37
C MET A 270 -27.42 4.66 2.02
N ASP A 271 -27.38 5.49 3.06
CA ASP A 271 -27.36 6.94 2.90
C ASP A 271 -26.10 7.39 2.19
N ASP A 272 -24.97 6.78 2.54
CA ASP A 272 -23.68 7.20 1.97
C ASP A 272 -23.34 6.55 0.64
N PHE A 273 -22.92 7.36 -0.33
CA PHE A 273 -22.46 6.88 -1.62
C PHE A 273 -21.09 6.23 -1.47
N GLN A 274 -20.83 5.19 -2.25
CA GLN A 274 -19.57 4.47 -2.18
C GLN A 274 -19.00 4.18 -3.57
N LEU A 275 -17.67 4.18 -3.68
CA LEU A 275 -16.99 3.78 -4.91
C LEU A 275 -16.46 2.36 -4.76
N ILE A 276 -17.03 1.43 -5.51
CA ILE A 276 -16.62 0.04 -5.39
C ILE A 276 -15.85 -0.43 -6.62
N PRO A 277 -14.59 -0.80 -6.43
CA PRO A 277 -13.86 -1.41 -7.54
C PRO A 277 -14.50 -2.74 -7.88
N MET A 278 -14.61 -3.02 -9.18
CA MET A 278 -15.01 -4.33 -9.66
C MET A 278 -13.78 -5.20 -9.83
N ILE A 279 -13.58 -6.18 -9.06
CA ILE A 279 -12.34 -6.91 -8.87
C ILE A 279 -12.52 -8.42 -8.94
N SER A 280 -11.48 -9.11 -9.42
CA SER A 280 -11.40 -10.57 -9.34
C SER A 280 -9.96 -10.96 -9.05
N LYS A 281 -9.76 -12.21 -8.60
CA LYS A 281 -8.43 -12.72 -8.27
C LYS A 281 -8.15 -13.97 -9.07
N CYS A 282 -6.89 -14.20 -9.39
CA CYS A 282 -6.54 -15.48 -9.99
C CYS A 282 -5.08 -15.88 -9.71
N ARG A 283 -4.74 -17.10 -10.10
CA ARG A 283 -3.41 -17.65 -9.95
C ARG A 283 -2.90 -17.89 -11.36
N THR A 284 -1.73 -17.35 -11.69
CA THR A 284 -1.18 -17.54 -13.03
C THR A 284 -0.67 -18.97 -13.26
N LYS A 285 -0.13 -19.22 -14.45
CA LYS A 285 0.47 -20.52 -14.72
C LYS A 285 1.68 -20.66 -13.81
N GLU A 286 2.53 -19.64 -13.82
CA GLU A 286 3.76 -19.62 -13.03
C GLU A 286 3.47 -19.57 -11.53
N GLY A 287 2.19 -19.47 -11.17
CA GLY A 287 1.78 -19.60 -9.78
C GLY A 287 1.52 -18.31 -9.02
N ARG A 288 1.90 -17.17 -9.62
CA ARG A 288 1.73 -15.88 -8.95
C ARG A 288 0.26 -15.52 -8.75
N ARG A 289 -0.08 -15.04 -7.56
CA ARG A 289 -1.42 -14.54 -7.30
C ARG A 289 -1.65 -13.17 -7.93
N LYS A 290 -2.74 -13.03 -8.68
CA LYS A 290 -3.02 -11.80 -9.42
C LYS A 290 -4.34 -11.17 -9.00
N THR A 291 -4.37 -9.84 -8.96
CA THR A 291 -5.58 -9.10 -8.66
C THR A 291 -5.98 -8.25 -9.86
N ASN A 292 -7.16 -8.51 -10.40
CA ASN A 292 -7.58 -7.86 -11.63
C ASN A 292 -8.72 -6.87 -11.42
N LEU A 293 -8.54 -5.66 -11.96
CA LEU A 293 -9.55 -4.63 -11.86
C LEU A 293 -10.17 -4.39 -13.23
N TYR A 294 -11.49 -4.48 -13.28
CA TYR A 294 -12.24 -4.25 -14.53
C TYR A 294 -12.81 -2.83 -14.74
N GLY A 295 -13.45 -2.29 -13.70
CA GLY A 295 -14.03 -0.97 -13.75
C GLY A 295 -14.54 -0.63 -12.37
N PHE A 296 -15.49 0.29 -12.28
CA PHE A 296 -16.03 0.71 -11.00
C PHE A 296 -17.53 0.67 -10.91
N ILE A 297 -18.01 0.49 -9.69
CA ILE A 297 -19.44 0.63 -9.41
C ILE A 297 -19.59 1.67 -8.31
N ILE A 298 -20.59 2.53 -8.47
CA ILE A 298 -21.00 3.50 -7.46
C ILE A 298 -22.44 3.19 -7.06
N LYS A 299 -22.71 3.17 -5.76
CA LYS A 299 -24.02 2.78 -5.25
C LYS A 299 -24.88 3.98 -4.81
N GLY A 300 -26.11 4.03 -5.28
CA GLY A 300 -27.01 5.12 -5.00
C GLY A 300 -27.60 4.94 -3.61
N ARG A 301 -28.52 5.82 -3.23
CA ARG A 301 -29.03 5.80 -1.87
C ARG A 301 -30.51 5.45 -1.80
N SER A 302 -30.82 4.39 -1.06
CA SER A 302 -32.19 4.01 -0.78
C SER A 302 -32.25 3.14 0.47
N HIS A 303 -33.43 3.08 1.09
CA HIS A 303 -33.67 2.14 2.15
C HIS A 303 -34.74 1.20 1.63
N LEU A 304 -34.47 -0.10 1.67
CA LEU A 304 -35.42 -1.04 1.07
C LEU A 304 -36.34 -1.78 2.04
N ARG A 305 -37.43 -2.29 1.48
CA ARG A 305 -38.20 -3.34 2.13
C ARG A 305 -37.80 -4.63 1.41
N ASN A 306 -37.20 -5.55 2.14
CA ASN A 306 -36.60 -6.76 1.56
C ASN A 306 -37.59 -7.77 0.99
N ASP A 307 -37.22 -8.43 -0.11
CA ASP A 307 -36.07 -8.06 -0.93
C ASP A 307 -36.53 -7.17 -2.09
N THR A 308 -37.85 -6.99 -2.16
CA THR A 308 -38.51 -6.21 -3.19
C THR A 308 -37.77 -4.93 -3.56
N ASP A 309 -37.23 -4.25 -2.57
CA ASP A 309 -36.62 -2.94 -2.77
C ASP A 309 -35.41 -2.95 -3.70
N VAL A 310 -35.33 -1.91 -4.54
CA VAL A 310 -34.24 -1.73 -5.48
C VAL A 310 -33.31 -0.56 -5.18
N VAL A 311 -32.02 -0.81 -5.29
CA VAL A 311 -31.01 0.22 -5.10
C VAL A 311 -30.25 0.36 -6.40
N ASN A 312 -30.10 1.59 -6.87
CA ASN A 312 -29.44 1.80 -8.16
C ASN A 312 -28.00 2.25 -7.98
N PHE A 313 -27.10 1.44 -8.52
CA PHE A 313 -25.67 1.76 -8.53
C PHE A 313 -25.22 1.83 -9.98
N VAL A 314 -24.57 2.92 -10.34
CA VAL A 314 -24.11 3.11 -11.70
C VAL A 314 -22.84 2.30 -11.91
N SER A 315 -22.78 1.60 -13.03
CA SER A 315 -21.64 0.76 -13.32
C SER A 315 -20.74 1.48 -14.31
N MET A 316 -19.44 1.28 -14.17
CA MET A 316 -18.47 1.87 -15.09
C MET A 316 -17.41 0.84 -15.48
N GLU A 317 -17.53 0.29 -16.69
CA GLU A 317 -16.70 -0.84 -17.07
C GLU A 317 -15.81 -0.62 -18.29
N PHE A 318 -14.55 -1.05 -18.17
CA PHE A 318 -13.58 -0.89 -19.25
C PHE A 318 -13.90 -1.87 -20.36
N SER A 319 -13.73 -1.42 -21.60
CA SER A 319 -13.89 -2.32 -22.73
C SER A 319 -13.09 -1.83 -23.93
N LEU A 320 -12.62 -2.78 -24.73
CA LEU A 320 -12.02 -2.46 -26.03
C LEU A 320 -13.07 -2.47 -27.12
N THR A 321 -14.31 -2.78 -26.76
CA THR A 321 -15.38 -2.93 -27.75
C THR A 321 -16.00 -1.61 -28.19
N ASP A 322 -15.91 -1.32 -29.48
CA ASP A 322 -16.58 -0.16 -30.04
C ASP A 322 -18.10 -0.34 -29.98
N PRO A 323 -18.79 0.58 -29.27
CA PRO A 323 -20.24 0.50 -29.08
C PRO A 323 -20.98 0.64 -30.40
N ARG A 324 -20.31 1.15 -31.42
CA ARG A 324 -20.98 1.51 -32.66
C ARG A 324 -21.13 0.35 -33.64
N LEU A 325 -20.48 -0.78 -33.35
CA LEU A 325 -20.67 -1.98 -34.16
C LEU A 325 -22.06 -2.60 -33.96
N GLU A 326 -22.56 -2.54 -32.71
CA GLU A 326 -23.86 -3.09 -32.39
C GLU A 326 -24.54 -2.16 -31.39
N PRO A 327 -24.89 -0.96 -31.84
CA PRO A 327 -25.46 0.04 -30.92
C PRO A 327 -26.67 -0.54 -30.22
N HIS A 328 -27.38 -1.45 -30.90
CA HIS A 328 -28.61 -2.02 -30.35
C HIS A 328 -28.37 -2.75 -29.03
N LYS A 329 -27.25 -3.47 -28.96
CA LYS A 329 -26.84 -4.17 -27.75
C LYS A 329 -26.70 -3.22 -26.56
N TRP A 330 -26.34 -1.97 -26.85
CA TRP A 330 -25.97 -1.03 -25.80
C TRP A 330 -27.01 0.06 -25.50
N GLU A 331 -28.28 -0.25 -25.76
CA GLU A 331 -29.36 0.72 -25.61
C GLU A 331 -29.41 1.35 -24.21
N LYS A 332 -29.09 0.56 -23.18
CA LYS A 332 -29.19 1.03 -21.79
C LYS A 332 -27.93 1.77 -21.35
N TYR A 333 -27.01 1.99 -22.28
CA TYR A 333 -25.67 2.47 -21.93
C TYR A 333 -25.33 3.83 -22.49
N CYS A 334 -24.64 4.64 -21.70
CA CYS A 334 -23.81 5.72 -22.25
C CYS A 334 -22.39 5.19 -22.37
N VAL A 335 -21.80 5.31 -23.54
CA VAL A 335 -20.42 4.83 -23.68
C VAL A 335 -19.43 5.96 -23.97
N LEU A 336 -18.48 6.12 -23.05
CA LEU A 336 -17.40 7.09 -23.20
C LEU A 336 -16.16 6.47 -23.86
N GLU A 337 -15.35 7.31 -24.49
CA GLU A 337 -14.00 6.92 -24.84
C GLU A 337 -13.11 7.54 -23.77
N ILE A 338 -12.36 6.70 -23.06
CA ILE A 338 -11.64 7.15 -21.88
C ILE A 338 -10.13 7.02 -21.99
N GLY A 339 -9.65 6.55 -23.14
CA GLY A 339 -8.23 6.39 -23.33
C GLY A 339 -7.89 5.67 -24.60
N ASP A 340 -6.59 5.49 -24.82
CA ASP A 340 -6.12 4.72 -25.97
C ASP A 340 -5.06 3.73 -25.53
N MET A 341 -5.14 2.50 -26.07
CA MET A 341 -4.27 1.41 -25.63
C MET A 341 -3.34 0.90 -26.75
N LEU A 342 -2.09 0.65 -26.38
CA LEU A 342 -1.06 0.17 -27.29
C LEU A 342 -0.83 -1.33 -27.09
N LEU A 343 -1.19 -2.14 -28.09
CA LEU A 343 -1.14 -3.59 -27.95
C LEU A 343 -0.11 -4.24 -28.84
N ARG A 344 0.53 -5.27 -28.31
CA ARG A 344 1.42 -6.14 -29.09
C ARG A 344 0.59 -7.04 -30.00
N THR A 345 1.07 -7.24 -31.22
CA THR A 345 0.24 -7.82 -32.26
C THR A 345 1.04 -8.60 -33.29
N GLU A 346 0.39 -9.56 -33.93
CA GLU A 346 1.02 -10.33 -34.99
C GLU A 346 1.78 -9.42 -35.94
N ILE A 347 1.31 -8.19 -36.11
CA ILE A 347 1.95 -7.25 -37.01
C ILE A 347 2.63 -6.07 -36.32
N GLY A 348 2.71 -6.09 -34.99
CA GLY A 348 3.39 -5.04 -34.25
C GLY A 348 2.48 -4.28 -33.29
N GLN A 349 2.87 -3.06 -32.93
CA GLN A 349 2.08 -2.25 -32.02
C GLN A 349 0.89 -1.60 -32.76
N VAL A 350 -0.30 -1.79 -32.20
CA VAL A 350 -1.51 -1.20 -32.77
C VAL A 350 -2.23 -0.40 -31.69
N SER A 351 -2.79 0.76 -32.06
CA SER A 351 -3.48 1.62 -31.11
C SER A 351 -4.99 1.35 -31.16
N ARG A 352 -5.60 1.02 -30.01
CA ARG A 352 -7.04 0.78 -29.94
C ARG A 352 -7.67 1.62 -28.87
N PRO A 353 -8.82 2.22 -29.18
CA PRO A 353 -9.54 3.03 -28.19
C PRO A 353 -9.95 2.17 -27.02
N MET A 354 -9.92 2.76 -25.84
CA MET A 354 -10.48 2.12 -24.68
C MET A 354 -11.76 2.84 -24.27
N PHE A 355 -12.83 2.07 -24.15
CA PHE A 355 -14.13 2.65 -23.83
C PHE A 355 -14.51 2.36 -22.39
N LEU A 356 -15.35 3.25 -21.87
CA LEU A 356 -16.01 3.03 -20.59
C LEU A 356 -17.50 2.85 -20.86
N TYR A 357 -18.02 1.68 -20.54
CA TYR A 357 -19.46 1.44 -20.64
C TYR A 357 -20.16 1.85 -19.35
N VAL A 358 -21.10 2.78 -19.47
CA VAL A 358 -21.77 3.32 -18.29
C VAL A 358 -23.26 3.09 -18.34
N ARG A 359 -23.86 2.79 -17.19
CA ARG A 359 -25.31 2.65 -17.13
C ARG A 359 -25.75 2.66 -15.68
N THR A 360 -27.07 2.81 -15.44
CA THR A 360 -27.59 2.67 -14.07
C THR A 360 -28.38 1.36 -13.78
N ASN A 361 -28.05 0.67 -12.68
CA ASN A 361 -28.68 -0.62 -12.30
C ASN A 361 -28.91 -0.88 -10.80
N GLY A 362 -29.85 -1.79 -10.46
CA GLY A 362 -30.18 -2.13 -9.08
C GLY A 362 -30.48 -3.58 -8.72
N THR A 363 -30.34 -3.95 -7.44
CA THR A 363 -30.58 -5.32 -6.94
C THR A 363 -31.20 -5.41 -5.52
N SER A 364 -31.79 -6.55 -5.16
CA SER A 364 -32.43 -6.70 -3.87
C SER A 364 -31.65 -7.73 -3.09
N LYS A 365 -31.77 -7.71 -1.77
CA LYS A 365 -31.13 -8.70 -0.91
C LYS A 365 -31.29 -10.09 -1.52
N ILE A 366 -32.48 -10.36 -2.07
CA ILE A 366 -32.79 -11.67 -2.63
C ILE A 366 -31.99 -11.98 -3.89
N LYS A 367 -31.93 -11.01 -4.80
CA LYS A 367 -31.20 -11.20 -6.05
C LYS A 367 -29.70 -11.29 -5.79
N MET A 368 -29.22 -10.49 -4.84
CA MET A 368 -27.83 -10.57 -4.42
C MET A 368 -27.52 -11.92 -3.79
N LYS A 369 -28.48 -12.43 -3.02
CA LYS A 369 -28.34 -13.74 -2.39
C LYS A 369 -28.26 -14.86 -3.44
N TRP A 370 -29.11 -14.77 -4.46
CA TRP A 370 -29.10 -15.74 -5.54
C TRP A 370 -27.78 -15.65 -6.33
N GLY A 371 -27.30 -14.43 -6.51
CA GLY A 371 -26.07 -14.19 -7.23
C GLY A 371 -24.86 -14.70 -6.47
N MET A 372 -24.90 -14.53 -5.15
CA MET A 372 -23.82 -14.92 -4.25
C MET A 372 -23.60 -16.43 -4.29
N GLU A 373 -24.69 -17.16 -4.46
CA GLU A 373 -24.71 -18.61 -4.39
C GLU A 373 -24.41 -19.19 -5.78
N MET A 374 -23.83 -18.35 -6.63
CA MET A 374 -23.44 -18.76 -7.99
C MET A 374 -22.40 -19.88 -7.93
N ARG A 375 -21.69 -19.96 -6.83
CA ARG A 375 -20.82 -21.11 -6.63
C ARG A 375 -21.74 -22.34 -6.67
N ARG A 376 -22.96 -22.21 -6.15
CA ARG A 376 -23.91 -23.32 -6.10
C ARG A 376 -24.36 -23.92 -7.44
N CYS A 377 -24.65 -23.09 -8.45
CA CYS A 377 -24.95 -23.61 -9.77
C CYS A 377 -23.84 -24.50 -10.33
N LEU A 378 -22.59 -24.13 -10.04
CA LEU A 378 -21.44 -24.92 -10.44
C LEU A 378 -21.46 -26.28 -9.76
N LEU A 379 -21.85 -26.30 -8.49
CA LEU A 379 -21.92 -27.55 -7.74
C LEU A 379 -22.92 -28.50 -8.36
N GLN A 380 -24.06 -27.96 -8.78
CA GLN A 380 -25.05 -28.73 -9.51
C GLN A 380 -24.43 -29.20 -10.81
N SER A 381 -23.67 -28.31 -11.43
CA SER A 381 -22.94 -28.62 -12.66
C SER A 381 -22.32 -30.01 -12.55
N LEU A 382 -21.58 -30.23 -11.47
CA LEU A 382 -20.90 -31.51 -11.21
C LEU A 382 -21.87 -32.69 -11.16
N GLN A 383 -22.91 -32.62 -10.36
CA GLN A 383 -23.76 -33.80 -10.13
C GLN A 383 -24.40 -34.37 -11.41
N GLN A 384 -24.87 -33.50 -12.30
CA GLN A 384 -25.55 -33.95 -13.52
C GLN A 384 -24.65 -34.76 -14.46
N ILE A 385 -23.40 -34.33 -14.60
CA ILE A 385 -22.44 -35.05 -15.45
C ILE A 385 -22.19 -36.44 -14.90
N GLU A 386 -22.05 -36.52 -13.57
CA GLU A 386 -21.85 -37.80 -12.91
C GLU A 386 -23.05 -38.68 -13.16
N SER A 387 -24.23 -38.07 -13.12
CA SER A 387 -25.48 -38.77 -13.39
C SER A 387 -25.55 -39.35 -14.80
N MET A 388 -25.06 -38.61 -15.79
CA MET A 388 -25.02 -39.10 -17.16
C MET A 388 -24.11 -40.32 -17.24
N ILE A 389 -22.96 -40.16 -16.42
CA ILE A 389 -21.99 -41.23 -16.28
C ILE A 389 -22.59 -42.43 -15.55
N GLU A 390 -23.39 -42.16 -14.54
CA GLU A 390 -24.01 -43.22 -13.73
C GLU A 390 -24.94 -44.08 -14.57
N ALA A 391 -25.67 -43.46 -15.49
CA ALA A 391 -26.60 -44.17 -16.35
C ALA A 391 -25.87 -45.17 -17.24
N GLU A 392 -24.70 -44.75 -17.74
CA GLU A 392 -23.90 -45.61 -18.60
C GLU A 392 -23.44 -46.86 -17.87
N SER A 393 -23.05 -46.69 -16.61
CA SER A 393 -22.62 -47.81 -15.78
C SER A 393 -23.67 -48.91 -15.71
N SER A 394 -24.93 -48.53 -15.65
CA SER A 394 -26.02 -49.49 -15.48
C SER A 394 -26.16 -50.50 -16.63
N VAL A 395 -26.00 -50.05 -17.88
CA VAL A 395 -26.24 -50.93 -19.02
C VAL A 395 -25.28 -52.12 -19.06
N LYS A 396 -24.00 -51.87 -18.83
CA LYS A 396 -23.03 -52.92 -18.56
C LYS A 396 -22.34 -52.50 -17.27
N GLU A 397 -22.38 -53.33 -16.25
CA GLU A 397 -22.04 -52.84 -14.93
C GLU A 397 -20.54 -52.67 -14.76
N LYS A 398 -20.02 -51.72 -15.52
CA LYS A 398 -18.66 -51.21 -15.39
C LYS A 398 -18.72 -49.70 -15.61
N ASP A 399 -17.84 -48.95 -14.95
CA ASP A 399 -17.83 -47.50 -15.08
C ASP A 399 -17.42 -47.05 -16.49
N MET A 400 -18.05 -45.98 -16.98
CA MET A 400 -17.68 -45.42 -18.28
C MET A 400 -17.10 -44.02 -18.18
N THR A 401 -17.06 -43.47 -16.97
CA THR A 401 -16.60 -42.10 -16.79
C THR A 401 -15.15 -41.93 -17.20
N LYS A 402 -14.31 -42.90 -16.80
CA LYS A 402 -12.90 -42.85 -17.14
C LYS A 402 -12.72 -42.91 -18.64
N GLU A 403 -13.50 -43.76 -19.29
CA GLU A 403 -13.42 -43.91 -20.74
C GLU A 403 -13.81 -42.61 -21.42
N PHE A 404 -14.85 -41.96 -20.91
CA PHE A 404 -15.28 -40.69 -21.49
C PHE A 404 -14.18 -39.64 -21.33
N PHE A 405 -13.57 -39.62 -20.15
CA PHE A 405 -12.49 -38.69 -19.84
C PHE A 405 -11.26 -38.90 -20.71
N GLU A 406 -10.92 -40.17 -20.93
CA GLU A 406 -9.65 -40.55 -21.55
C GLU A 406 -9.52 -40.37 -23.07
N ASN A 407 -10.44 -40.95 -23.84
CA ASN A 407 -10.21 -41.01 -25.28
C ASN A 407 -11.37 -40.83 -26.28
N LYS A 408 -12.22 -41.85 -26.28
CA LYS A 408 -13.33 -42.04 -27.21
C LYS A 408 -14.66 -41.52 -26.68
N SER A 409 -15.75 -42.00 -27.25
CA SER A 409 -17.04 -41.35 -27.06
C SER A 409 -17.13 -40.13 -27.99
N GLU A 410 -16.20 -40.07 -28.94
CA GLU A 410 -16.05 -38.98 -29.90
C GLU A 410 -17.24 -38.78 -30.83
N THR A 411 -17.88 -39.89 -31.20
CA THR A 411 -18.82 -39.92 -32.32
C THR A 411 -20.02 -38.98 -32.17
N TRP A 412 -20.54 -38.82 -30.96
CA TRP A 412 -21.70 -37.97 -30.76
C TRP A 412 -21.37 -36.53 -31.20
N PRO A 413 -22.38 -35.88 -31.90
CA PRO A 413 -21.96 -34.58 -32.45
C PRO A 413 -22.57 -33.37 -31.74
N ILE A 414 -21.73 -32.41 -31.40
CA ILE A 414 -22.17 -31.17 -30.76
C ILE A 414 -22.15 -29.87 -31.60
N GLY A 415 -21.84 -29.96 -32.89
CA GLY A 415 -21.76 -28.77 -33.71
C GLY A 415 -22.08 -28.91 -35.18
N GLU A 416 -22.20 -27.76 -35.83
CA GLU A 416 -22.43 -27.70 -37.26
C GLU A 416 -21.26 -26.96 -37.87
N SER A 417 -20.96 -27.23 -39.13
CA SER A 417 -19.95 -26.49 -39.86
C SER A 417 -20.38 -26.40 -41.32
N PRO A 418 -19.59 -25.71 -42.15
CA PRO A 418 -19.94 -25.70 -43.58
C PRO A 418 -20.06 -27.12 -44.12
N LYS A 419 -19.22 -28.02 -43.61
CA LYS A 419 -19.25 -29.44 -43.98
C LYS A 419 -20.47 -30.15 -43.39
N GLY A 420 -21.09 -29.53 -42.38
CA GLY A 420 -22.29 -30.08 -41.77
C GLY A 420 -22.06 -30.65 -40.39
N MET A 421 -22.91 -31.71 -40.06
CA MET A 421 -22.75 -32.35 -38.77
C MET A 421 -21.29 -32.47 -38.37
N GLU A 422 -21.01 -32.29 -37.09
CA GLU A 422 -19.65 -32.22 -36.59
C GLU A 422 -19.55 -32.77 -35.17
N GLU A 423 -18.45 -33.46 -34.86
CA GLU A 423 -18.31 -34.12 -33.57
C GLU A 423 -17.06 -33.71 -32.81
N GLY A 424 -17.01 -34.05 -31.52
CA GLY A 424 -15.94 -33.61 -30.65
C GLY A 424 -15.82 -34.46 -29.40
N SER A 425 -14.73 -34.30 -28.65
CA SER A 425 -14.69 -34.75 -27.24
C SER A 425 -15.59 -33.95 -26.25
N ILE A 426 -16.13 -34.70 -25.30
CA ILE A 426 -17.13 -34.29 -24.31
C ILE A 426 -16.53 -33.36 -23.26
N GLY A 427 -15.20 -33.27 -23.26
CA GLY A 427 -14.51 -32.34 -22.39
C GLY A 427 -15.06 -30.97 -22.76
N LYS A 428 -15.33 -30.80 -24.05
CA LYS A 428 -16.11 -29.67 -24.52
C LYS A 428 -17.50 -29.74 -23.88
N VAL A 429 -18.09 -30.93 -23.76
CA VAL A 429 -19.36 -31.04 -23.07
C VAL A 429 -19.32 -30.43 -21.68
N CYS A 430 -18.34 -30.81 -20.88
CA CYS A 430 -18.18 -30.22 -19.55
C CYS A 430 -18.27 -28.71 -19.62
N ARG A 431 -17.54 -28.11 -20.54
CA ARG A 431 -17.59 -26.68 -20.74
C ARG A 431 -18.97 -26.24 -21.22
N THR A 432 -19.54 -27.00 -22.15
CA THR A 432 -20.88 -26.71 -22.65
C THR A 432 -21.92 -26.86 -21.55
N LEU A 433 -21.79 -27.92 -20.77
CA LEU A 433 -22.65 -28.12 -19.61
C LEU A 433 -22.39 -27.01 -18.60
N LEU A 434 -21.12 -26.66 -18.44
CA LEU A 434 -20.71 -25.64 -17.50
C LEU A 434 -21.26 -24.27 -17.88
N ALA A 435 -21.16 -23.95 -19.16
CA ALA A 435 -21.58 -22.65 -19.69
C ALA A 435 -23.08 -22.41 -19.55
N LYS A 436 -23.87 -23.46 -19.79
CA LYS A 436 -25.32 -23.32 -19.79
C LYS A 436 -25.80 -22.89 -18.41
N SER A 437 -25.25 -23.50 -17.37
CA SER A 437 -25.60 -23.10 -16.02
C SER A 437 -25.16 -21.67 -15.75
N VAL A 438 -24.00 -21.30 -16.28
CA VAL A 438 -23.50 -19.95 -16.07
C VAL A 438 -24.48 -18.93 -16.64
N PHE A 439 -25.09 -19.27 -17.77
CA PHE A 439 -25.85 -18.28 -18.54
C PHE A 439 -27.19 -17.91 -17.90
N ASN A 440 -27.90 -18.89 -17.35
CA ASN A 440 -29.18 -18.62 -16.72
C ASN A 440 -29.04 -17.68 -15.50
N SER A 441 -27.98 -17.86 -14.73
CA SER A 441 -27.85 -17.06 -13.52
C SER A 441 -27.87 -15.60 -13.95
N LEU A 442 -27.25 -15.32 -15.09
CA LEU A 442 -27.23 -13.98 -15.64
C LEU A 442 -28.60 -13.40 -16.04
N TYR A 443 -29.38 -14.24 -16.72
CA TYR A 443 -30.73 -13.92 -17.10
C TYR A 443 -31.59 -15.14 -16.86
N ALA A 444 -31.73 -15.53 -15.60
CA ALA A 444 -32.68 -16.57 -15.25
C ALA A 444 -33.97 -15.79 -15.14
N SER A 445 -34.38 -15.22 -16.26
CA SER A 445 -35.47 -14.26 -16.23
C SER A 445 -36.70 -14.98 -15.73
N PRO A 446 -37.42 -14.34 -14.83
CA PRO A 446 -38.63 -14.98 -14.30
C PRO A 446 -39.37 -15.81 -15.35
N GLN A 447 -39.46 -15.23 -16.55
CA GLN A 447 -40.28 -15.77 -17.64
C GLN A 447 -39.79 -17.14 -18.12
N LEU A 448 -38.48 -17.31 -18.17
CA LEU A 448 -37.88 -18.49 -18.76
C LEU A 448 -38.28 -19.78 -18.04
N GLU A 449 -38.36 -19.73 -16.72
CA GLU A 449 -38.55 -20.97 -15.98
C GLU A 449 -39.82 -21.65 -16.46
N GLY A 450 -40.72 -20.85 -17.00
CA GLY A 450 -41.96 -21.38 -17.55
C GLY A 450 -41.67 -22.25 -18.76
N PHE A 451 -40.73 -21.81 -19.58
CA PHE A 451 -40.40 -22.54 -20.79
C PHE A 451 -39.86 -23.93 -20.51
N SER A 452 -39.03 -24.05 -19.48
CA SER A 452 -38.35 -25.32 -19.26
C SER A 452 -39.36 -26.43 -19.02
N ALA A 453 -40.37 -26.16 -18.20
CA ALA A 453 -41.40 -27.15 -17.95
C ALA A 453 -42.18 -27.48 -19.21
N GLU A 454 -42.64 -26.45 -19.91
CA GLU A 454 -43.34 -26.64 -21.17
C GLU A 454 -42.39 -27.28 -22.17
N SER A 455 -41.15 -26.80 -22.16
CA SER A 455 -40.11 -27.31 -23.03
C SER A 455 -39.80 -28.77 -22.74
N ARG A 456 -39.80 -29.11 -21.45
CA ARG A 456 -39.28 -30.40 -21.01
C ARG A 456 -40.05 -31.60 -21.57
N LYS A 457 -41.37 -31.49 -21.63
CA LYS A 457 -42.17 -32.62 -22.06
C LYS A 457 -41.86 -33.05 -23.48
N LEU A 458 -41.68 -32.08 -24.36
CA LEU A 458 -41.46 -32.39 -25.78
C LEU A 458 -40.19 -33.19 -25.94
N LEU A 459 -39.15 -32.80 -25.21
CA LEU A 459 -37.88 -33.49 -25.29
C LEU A 459 -38.08 -34.92 -24.81
N LEU A 460 -38.86 -35.08 -23.75
CA LEU A 460 -39.12 -36.42 -23.22
C LEU A 460 -39.86 -37.27 -24.24
N ILE A 461 -40.86 -36.69 -24.90
CA ILE A 461 -41.58 -37.40 -25.94
C ILE A 461 -40.66 -37.70 -27.11
N VAL A 462 -39.84 -36.72 -27.47
CA VAL A 462 -38.92 -36.89 -28.58
C VAL A 462 -38.16 -38.20 -28.45
N GLN A 463 -37.85 -38.58 -27.22
CA GLN A 463 -37.23 -39.87 -26.94
C GLN A 463 -38.20 -40.96 -27.38
N ALA A 464 -39.48 -40.70 -27.16
CA ALA A 464 -40.53 -41.66 -27.48
C ALA A 464 -40.53 -41.99 -28.98
N LEU A 465 -40.31 -40.99 -29.82
CA LEU A 465 -40.27 -41.27 -31.25
C LEU A 465 -39.11 -42.24 -31.47
N ARG A 466 -37.99 -41.96 -30.81
CA ARG A 466 -36.77 -42.71 -31.01
C ARG A 466 -37.00 -44.16 -30.65
N ASP A 467 -37.75 -44.40 -29.57
CA ASP A 467 -38.19 -45.75 -29.27
C ASP A 467 -39.69 -45.63 -29.28
N ASN A 468 -40.30 -45.82 -30.45
CA ASN A 468 -41.57 -45.21 -30.78
C ASN A 468 -42.73 -45.49 -29.83
N LEU A 469 -43.45 -44.42 -29.51
CA LEU A 469 -44.58 -44.43 -28.59
C LEU A 469 -45.50 -43.26 -28.89
N GLU A 470 -46.73 -43.30 -28.38
CA GLU A 470 -47.71 -42.24 -28.62
C GLU A 470 -47.81 -41.29 -27.42
N PRO A 471 -47.71 -39.99 -27.68
CA PRO A 471 -47.71 -38.98 -26.59
C PRO A 471 -48.94 -38.90 -25.68
N GLY A 472 -50.16 -38.93 -26.23
CA GLY A 472 -51.35 -39.04 -25.41
C GLY A 472 -52.14 -37.81 -25.79
N THR A 473 -53.44 -37.80 -25.52
CA THR A 473 -54.21 -36.62 -25.86
C THR A 473 -53.62 -35.49 -25.04
N PHE A 474 -53.35 -34.36 -25.67
CA PHE A 474 -52.76 -33.26 -24.94
C PHE A 474 -52.98 -32.00 -25.76
N ASP A 475 -53.45 -30.94 -25.12
CA ASP A 475 -53.64 -29.69 -25.83
C ASP A 475 -52.31 -29.03 -26.19
N LEU A 476 -51.74 -29.51 -27.29
CA LEU A 476 -50.46 -29.04 -27.81
C LEU A 476 -50.52 -27.58 -28.20
N GLY A 477 -51.65 -27.16 -28.78
CA GLY A 477 -51.82 -25.76 -29.16
C GLY A 477 -51.79 -24.86 -27.94
N GLY A 478 -52.41 -25.32 -26.86
CA GLY A 478 -52.40 -24.59 -25.60
C GLY A 478 -51.00 -24.50 -25.05
N LEU A 479 -50.24 -25.58 -25.19
CA LEU A 479 -48.85 -25.61 -24.76
C LEU A 479 -48.02 -24.62 -25.55
N TYR A 480 -48.30 -24.53 -26.84
CA TYR A 480 -47.63 -23.58 -27.72
C TYR A 480 -47.95 -22.15 -27.31
N GLU A 481 -49.20 -21.91 -26.92
CA GLU A 481 -49.62 -20.61 -26.44
C GLU A 481 -48.87 -20.26 -25.16
N ALA A 482 -48.70 -21.25 -24.29
CA ALA A 482 -47.94 -21.06 -23.05
C ALA A 482 -46.49 -20.72 -23.38
N ILE A 483 -45.95 -21.41 -24.39
CA ILE A 483 -44.58 -21.16 -24.84
C ILE A 483 -44.49 -19.74 -25.39
N GLU A 484 -45.52 -19.32 -26.11
CA GLU A 484 -45.58 -17.93 -26.57
C GLU A 484 -45.51 -16.98 -25.38
N GLU A 485 -46.22 -17.32 -24.31
CA GLU A 485 -46.17 -16.52 -23.08
C GLU A 485 -44.75 -16.52 -22.53
N CYS A 486 -44.11 -17.68 -22.59
CA CYS A 486 -42.73 -17.85 -22.13
C CYS A 486 -41.78 -16.98 -22.96
N LEU A 487 -42.06 -16.88 -24.25
CA LEU A 487 -41.21 -16.15 -25.17
C LEU A 487 -41.17 -14.71 -24.73
N ILE A 488 -39.97 -14.13 -24.81
CA ILE A 488 -39.72 -12.83 -24.19
C ILE A 488 -38.86 -11.89 -25.04
N ASN A 489 -38.97 -10.61 -24.71
CA ASN A 489 -38.11 -9.58 -25.29
C ASN A 489 -36.67 -9.89 -24.91
N ASP A 490 -36.51 -10.51 -23.74
CA ASP A 490 -35.20 -10.81 -23.21
C ASP A 490 -34.39 -11.69 -24.15
N PRO A 491 -33.11 -11.38 -24.24
CA PRO A 491 -32.18 -11.91 -25.25
C PRO A 491 -31.84 -13.36 -24.97
N TRP A 492 -31.63 -13.71 -23.71
CA TRP A 492 -31.32 -15.08 -23.33
C TRP A 492 -32.47 -16.03 -23.64
N VAL A 493 -33.69 -15.60 -23.31
CA VAL A 493 -34.87 -16.41 -23.57
C VAL A 493 -35.08 -16.64 -25.06
N LEU A 494 -34.87 -15.59 -25.84
CA LEU A 494 -35.02 -15.65 -27.29
C LEU A 494 -34.00 -16.60 -27.90
N LEU A 495 -32.77 -16.56 -27.39
CA LEU A 495 -31.67 -17.33 -27.95
C LEU A 495 -31.87 -18.84 -27.83
N ASN A 496 -32.39 -19.28 -26.68
CA ASN A 496 -32.55 -20.70 -26.40
C ASN A 496 -33.50 -21.41 -27.36
N ALA A 497 -34.59 -20.72 -27.71
CA ALA A 497 -35.63 -21.29 -28.56
C ALA A 497 -35.13 -21.64 -29.96
N SER A 498 -34.28 -20.78 -30.51
CA SER A 498 -33.82 -20.92 -31.89
C SER A 498 -33.05 -22.22 -32.17
N TRP A 499 -32.19 -22.62 -31.24
CA TRP A 499 -31.38 -23.81 -31.43
C TRP A 499 -32.21 -25.08 -31.27
N PHE A 500 -33.46 -24.92 -30.87
CA PHE A 500 -34.32 -26.05 -30.56
C PHE A 500 -34.43 -26.93 -31.79
N ASN A 501 -34.40 -26.30 -32.97
CA ASN A 501 -34.57 -27.00 -34.23
C ASN A 501 -33.53 -28.10 -34.53
N SER A 502 -32.25 -27.87 -34.24
CA SER A 502 -31.26 -28.88 -34.61
C SER A 502 -31.69 -30.23 -34.08
N PHE A 503 -32.13 -30.34 -32.78
CA PHE A 503 -32.63 -31.61 -32.27
C PHE A 503 -33.85 -32.05 -33.06
N LEU A 504 -34.72 -31.09 -33.37
CA LEU A 504 -35.92 -31.38 -34.15
C LEU A 504 -35.55 -31.87 -35.54
N THR A 505 -34.53 -31.23 -36.12
CA THR A 505 -34.04 -31.63 -37.44
C THR A 505 -33.50 -33.05 -37.39
N HIS A 506 -32.79 -33.38 -36.31
CA HIS A 506 -32.24 -34.72 -36.14
C HIS A 506 -33.37 -35.73 -36.04
N ALA A 507 -34.42 -35.36 -35.32
CA ALA A 507 -35.60 -36.23 -35.18
C ALA A 507 -36.25 -36.46 -36.53
N MET B 1 -17.66 -23.01 -33.94
CA MET B 1 -18.69 -24.05 -33.85
C MET B 1 -19.68 -23.75 -32.72
N ASP B 2 -20.92 -23.50 -33.09
CA ASP B 2 -21.97 -23.21 -32.10
C ASP B 2 -22.70 -24.47 -31.68
N VAL B 3 -22.32 -25.00 -30.51
CA VAL B 3 -22.94 -26.22 -30.00
C VAL B 3 -24.35 -25.93 -29.55
N ASN B 4 -25.20 -26.95 -29.70
CA ASN B 4 -26.55 -26.94 -29.18
C ASN B 4 -26.66 -27.91 -28.00
N PRO B 5 -27.31 -27.41 -26.85
CA PRO B 5 -27.28 -28.35 -25.72
C PRO B 5 -27.98 -29.68 -25.96
N THR B 6 -29.03 -29.71 -26.77
CA THR B 6 -29.91 -30.89 -26.89
C THR B 6 -29.29 -32.22 -27.36
N LEU B 7 -28.33 -32.16 -28.28
CA LEU B 7 -27.89 -33.33 -29.03
C LEU B 7 -27.30 -34.51 -28.24
N LEU B 8 -26.47 -34.24 -27.23
CA LEU B 8 -25.89 -35.33 -26.43
C LEU B 8 -26.96 -36.11 -25.67
N PHE B 9 -28.00 -35.40 -25.24
CA PHE B 9 -29.14 -36.07 -24.66
C PHE B 9 -29.64 -36.97 -25.78
N LEU B 10 -29.72 -36.42 -26.98
CA LEU B 10 -30.23 -37.17 -28.12
C LEU B 10 -29.36 -38.37 -28.48
N LYS B 11 -28.05 -38.18 -28.45
CA LYS B 11 -27.12 -39.25 -28.82
C LYS B 11 -27.20 -40.44 -27.88
N VAL B 12 -27.29 -40.17 -26.59
CA VAL B 12 -27.39 -41.23 -25.59
C VAL B 12 -28.24 -40.80 -24.40
N PRO B 13 -28.89 -41.83 -23.69
CA PRO B 13 -29.64 -41.37 -22.52
C PRO B 13 -30.42 -40.05 -22.48
N ALA B 14 -31.34 -39.86 -23.40
CA ALA B 14 -32.13 -38.64 -23.45
C ALA B 14 -32.95 -38.49 -22.17
N GLN B 15 -33.52 -39.59 -21.71
CA GLN B 15 -34.27 -39.60 -20.46
C GLN B 15 -33.35 -39.28 -19.29
N ASN B 16 -32.14 -39.81 -19.32
CA ASN B 16 -31.16 -39.60 -18.25
C ASN B 16 -30.58 -38.19 -18.26
N ALA B 17 -30.28 -37.69 -19.45
CA ALA B 17 -29.67 -36.37 -19.60
C ALA B 17 -30.61 -35.27 -19.09
N ILE B 18 -31.89 -35.41 -19.38
CA ILE B 18 -32.87 -34.41 -18.99
C ILE B 18 -32.75 -33.90 -17.56
N SER B 19 -32.01 -34.62 -16.73
CA SER B 19 -31.83 -34.20 -15.35
C SER B 19 -31.16 -32.84 -15.35
N THR B 20 -30.27 -32.65 -16.31
CA THR B 20 -29.54 -31.40 -16.48
C THR B 20 -30.46 -30.23 -16.82
N THR B 21 -31.64 -30.54 -17.35
CA THR B 21 -32.50 -29.56 -17.98
C THR B 21 -32.96 -28.40 -17.09
N PHE B 22 -33.35 -28.69 -15.85
CA PHE B 22 -33.90 -27.64 -15.00
C PHE B 22 -32.84 -27.00 -14.11
N PRO B 23 -32.82 -25.68 -14.05
CA PRO B 23 -31.79 -24.99 -13.27
C PRO B 23 -32.34 -24.47 -11.96
N TYR B 24 -31.72 -24.85 -10.85
CA TYR B 24 -32.14 -24.37 -9.54
C TYR B 24 -31.53 -25.23 -8.43
N UNK B 25 -53.17 -9.11 -4.68
CA UNK B 25 -54.55 -9.18 -4.23
C UNK B 25 -55.52 -9.20 -5.40
N UNK B 26 -55.28 -8.35 -6.39
CA UNK B 26 -56.14 -8.28 -7.56
C UNK B 26 -56.12 -9.59 -8.34
N UNK B 27 -54.94 -10.18 -8.45
CA UNK B 27 -54.79 -11.45 -9.17
C UNK B 27 -55.51 -12.58 -8.46
N UNK B 28 -55.40 -12.59 -7.12
CA UNK B 28 -56.04 -13.62 -6.32
C UNK B 28 -57.55 -13.55 -6.47
N UNK B 29 -58.08 -12.33 -6.48
CA UNK B 29 -59.51 -12.13 -6.66
C UNK B 29 -59.96 -12.65 -8.02
N UNK B 30 -59.14 -12.40 -9.04
CA UNK B 30 -59.43 -12.87 -10.39
C UNK B 30 -59.45 -14.39 -10.41
N UNK B 31 -58.51 -15.00 -9.71
CA UNK B 31 -58.44 -16.46 -9.62
C UNK B 31 -59.70 -17.00 -8.95
N UNK B 32 -60.14 -16.31 -7.89
CA UNK B 32 -61.35 -16.71 -7.19
C UNK B 32 -62.55 -16.63 -8.12
N UNK B 33 -62.60 -15.58 -8.93
CA UNK B 33 -63.68 -15.41 -9.89
C UNK B 33 -63.67 -16.54 -10.92
N UNK B 34 -62.47 -16.93 -11.36
CA UNK B 34 -62.33 -18.02 -12.31
C UNK B 34 -62.84 -19.32 -11.68
N UNK B 35 -62.52 -19.51 -10.41
CA UNK B 35 -62.97 -20.70 -9.69
C UNK B 35 -64.49 -20.71 -9.61
N UNK B 36 -65.08 -19.55 -9.36
CA UNK B 36 -66.52 -19.42 -9.29
C UNK B 36 -67.15 -19.77 -10.64
N UNK B 37 -66.51 -19.31 -11.71
CA UNK B 37 -66.98 -19.60 -13.06
C UNK B 37 -66.93 -21.11 -13.32
N UNK B 38 -65.86 -21.74 -12.86
CA UNK B 38 -65.70 -23.18 -13.00
C UNK B 38 -66.80 -23.92 -12.25
N UNK B 39 -67.13 -23.42 -11.06
CA UNK B 39 -68.16 -24.04 -10.23
C UNK B 39 -69.48 -24.17 -10.99
N UNK B 40 -73.13 -24.20 -12.09
CA UNK B 40 -74.07 -23.19 -11.63
C UNK B 40 -75.02 -23.73 -10.56
N UNK B 41 -75.15 -22.95 -9.49
CA UNK B 41 -76.14 -23.19 -8.45
C UNK B 41 -76.38 -21.86 -7.74
N UNK B 42 -77.54 -21.71 -7.11
CA UNK B 42 -77.81 -20.49 -6.38
C UNK B 42 -78.21 -20.73 -4.93
N UNK B 43 -77.46 -20.21 -3.98
CA UNK B 43 -77.85 -20.40 -2.58
C UNK B 43 -77.24 -19.41 -1.60
N UNK B 44 -77.92 -19.21 -0.47
CA UNK B 44 -77.36 -18.49 0.66
C UNK B 44 -77.53 -19.32 1.93
N UNK B 45 -76.48 -19.33 2.75
CA UNK B 45 -76.56 -19.65 4.19
C UNK B 45 -77.07 -18.48 5.08
N UNK B 46 -77.52 -18.80 6.29
CA UNK B 46 -78.08 -17.78 7.16
C UNK B 46 -77.06 -16.75 7.64
N UNK B 47 -77.48 -15.49 7.65
CA UNK B 47 -76.76 -14.42 8.34
C UNK B 47 -75.28 -14.21 8.00
N UNK B 48 -74.91 -14.18 6.71
CA UNK B 48 -75.75 -14.57 5.58
C UNK B 48 -74.77 -14.77 4.42
N UNK B 49 -75.18 -15.44 3.34
CA UNK B 49 -74.30 -15.54 2.18
C UNK B 49 -75.00 -16.18 0.98
N UNK B 50 -74.95 -15.49 -0.15
CA UNK B 50 -75.44 -16.07 -1.39
C UNK B 50 -74.21 -16.56 -2.16
N UNK B 51 -74.17 -17.87 -2.38
CA UNK B 51 -73.02 -18.52 -3.00
C UNK B 51 -73.43 -19.82 -3.67
N UNK B 52 -72.58 -20.32 -4.54
CA UNK B 52 -72.89 -21.58 -5.23
C UNK B 52 -72.16 -22.76 -4.60
N UNK B 53 -72.94 -23.76 -4.17
CA UNK B 53 -72.40 -24.98 -3.62
C UNK B 53 -72.83 -25.88 -4.72
N UNK B 54 -71.86 -26.51 -5.37
CA UNK B 54 -72.11 -27.28 -6.58
C UNK B 54 -72.63 -28.69 -6.33
N UNK B 55 -73.83 -28.96 -6.85
CA UNK B 55 -74.39 -30.30 -6.85
C UNK B 55 -73.97 -31.03 -8.12
N UNK B 56 -73.26 -30.32 -8.98
CA UNK B 56 -72.78 -30.88 -10.25
C UNK B 56 -73.93 -31.38 -11.13
N UNK B 57 -73.80 -32.59 -11.66
CA UNK B 57 -74.82 -33.14 -12.54
C UNK B 57 -74.73 -32.54 -13.93
N UNK B 58 -70.86 -36.13 -7.66
CA UNK B 58 -72.20 -36.18 -7.09
C UNK B 58 -72.25 -37.04 -5.84
N UNK B 59 -73.39 -37.04 -5.15
CA UNK B 59 -73.57 -37.86 -3.96
C UNK B 59 -73.47 -39.33 -4.33
N UNK B 60 -74.01 -39.67 -5.49
CA UNK B 60 -73.93 -41.02 -6.01
C UNK B 60 -72.46 -41.37 -6.25
N UNK B 61 -71.70 -40.39 -6.74
CA UNK B 61 -70.27 -40.57 -6.96
C UNK B 61 -69.52 -40.84 -5.66
N UNK B 62 -69.91 -40.13 -4.61
CA UNK B 62 -69.35 -40.31 -3.28
C UNK B 62 -69.68 -41.72 -2.77
N UNK B 63 -70.89 -42.16 -3.06
CA UNK B 63 -71.33 -43.50 -2.69
C UNK B 63 -70.48 -44.53 -3.40
N UNK B 64 -70.16 -44.25 -4.66
CA UNK B 64 -69.29 -45.10 -5.47
C UNK B 64 -67.88 -45.16 -4.89
N UNK B 65 -67.39 -44.02 -4.41
CA UNK B 65 -66.09 -43.97 -3.75
C UNK B 65 -66.13 -44.84 -2.49
N UNK B 66 -67.24 -44.77 -1.78
CA UNK B 66 -67.44 -45.58 -0.59
C UNK B 66 -67.41 -47.06 -0.94
N UNK B 67 -68.02 -47.39 -2.07
CA UNK B 67 -68.04 -48.75 -2.59
C UNK B 67 -66.63 -49.24 -2.94
N UNK B 68 -65.82 -48.35 -3.51
CA UNK B 68 -64.44 -48.65 -3.80
C UNK B 68 -63.68 -48.93 -2.51
N UNK B 69 -63.99 -48.13 -1.50
CA UNK B 69 -63.38 -48.30 -0.18
C UNK B 69 -63.77 -49.67 0.37
N UNK B 70 -65.03 -50.05 0.17
CA UNK B 70 -65.55 -51.34 0.59
C UNK B 70 -64.83 -52.49 -0.12
N UNK B 71 -64.55 -52.30 -1.40
CA UNK B 71 -63.79 -53.26 -2.17
C UNK B 71 -62.39 -53.41 -1.61
N UNK B 72 -61.82 -52.30 -1.18
CA UNK B 72 -60.50 -52.29 -0.56
C UNK B 72 -60.58 -53.13 0.70
N UNK B 73 -60.44 -49.37 6.44
CA UNK B 73 -59.17 -48.75 6.80
C UNK B 73 -59.35 -47.74 7.92
N UNK B 74 -60.43 -46.97 7.86
CA UNK B 74 -60.71 -45.97 8.87
C UNK B 74 -60.94 -46.60 10.24
N UNK B 75 -61.63 -47.73 10.26
CA UNK B 75 -61.91 -48.45 11.49
C UNK B 75 -60.67 -48.55 12.37
N UNK B 76 -59.52 -48.74 11.73
CA UNK B 76 -58.26 -48.86 12.44
C UNK B 76 -57.66 -47.48 12.67
N UNK B 77 -57.77 -46.61 11.67
CA UNK B 77 -57.25 -45.25 11.79
C UNK B 77 -57.99 -44.51 12.90
N UNK B 78 -59.32 -44.67 12.90
CA UNK B 78 -60.16 -44.00 13.88
C UNK B 78 -59.83 -44.48 15.29
N UNK B 79 -59.59 -45.78 15.43
CA UNK B 79 -59.20 -46.33 16.72
C UNK B 79 -57.86 -45.74 17.12
N UNK B 80 -56.95 -45.61 16.16
CA UNK B 80 -55.75 -44.81 16.35
C UNK B 80 -56.14 -43.34 16.52
N UNK B 81 -57.13 -42.93 15.73
CA UNK B 81 -57.59 -41.56 15.66
C UNK B 81 -58.16 -41.05 16.99
N UNK B 82 -58.92 -41.89 17.68
CA UNK B 82 -59.50 -41.49 18.96
C UNK B 82 -58.38 -41.22 19.97
N UNK B 83 -57.37 -42.08 19.95
CA UNK B 83 -56.21 -41.91 20.83
C UNK B 83 -55.50 -40.61 20.50
N UNK B 84 -55.37 -40.33 19.21
CA UNK B 84 -54.72 -39.10 18.78
C UNK B 84 -55.49 -37.89 19.28
N UNK B 85 -56.81 -37.99 19.22
CA UNK B 85 -57.71 -36.94 19.69
C UNK B 85 -57.58 -36.70 21.20
N UNK B 86 -57.43 -37.78 21.96
CA UNK B 86 -57.31 -37.64 23.41
C UNK B 86 -56.05 -36.85 23.76
N UNK B 87 -54.98 -37.14 23.01
CA UNK B 87 -53.69 -36.48 23.16
C UNK B 87 -53.73 -35.10 22.52
N UNK B 88 -54.37 -35.01 21.35
CA UNK B 88 -54.55 -33.75 20.66
C UNK B 88 -55.35 -32.83 21.57
N UNK B 89 -51.12 -31.06 24.24
CA UNK B 89 -50.94 -30.86 22.81
C UNK B 89 -50.93 -29.38 22.45
N UNK B 90 -51.04 -28.53 23.48
CA UNK B 90 -51.05 -27.08 23.27
C UNK B 90 -49.73 -26.62 22.67
N UNK B 91 -48.63 -27.18 23.16
CA UNK B 91 -47.31 -26.84 22.65
C UNK B 91 -47.20 -27.23 21.18
N UNK B 92 -47.74 -28.39 20.85
CA UNK B 92 -47.73 -28.88 19.47
C UNK B 92 -48.53 -27.94 18.58
N UNK B 93 -49.67 -27.47 19.10
CA UNK B 93 -50.51 -26.53 18.37
C UNK B 93 -49.75 -25.24 18.12
N UNK B 94 -49.02 -24.78 19.13
CA UNK B 94 -48.23 -23.56 19.01
C UNK B 94 -47.15 -23.74 17.95
N UNK B 95 -46.55 -24.92 17.92
CA UNK B 95 -45.52 -25.24 16.93
C UNK B 95 -46.12 -25.21 15.53
N UNK B 96 -47.33 -25.74 15.40
CA UNK B 96 -48.02 -25.79 14.11
C UNK B 96 -48.24 -24.38 13.55
N UNK B 97 -55.73 -12.89 14.15
CA UNK B 97 -56.33 -11.69 14.68
C UNK B 97 -56.55 -10.65 13.58
N UNK B 98 -56.49 -9.38 13.94
CA UNK B 98 -56.74 -8.29 13.01
C UNK B 98 -55.73 -8.24 11.85
N UNK B 99 -54.46 -8.49 12.17
CA UNK B 99 -53.39 -8.38 11.20
C UNK B 99 -52.48 -9.61 11.22
N UNK B 100 -51.77 -9.83 10.12
CA UNK B 100 -50.82 -10.94 9.99
C UNK B 100 -50.07 -11.17 11.30
N UNK B 101 -49.80 -12.44 11.61
CA UNK B 101 -49.28 -12.80 12.92
C UNK B 101 -48.26 -13.94 12.84
N UNK B 102 -47.31 -13.95 13.77
CA UNK B 102 -46.27 -14.97 13.82
C UNK B 102 -46.95 -16.21 14.35
N UNK B 103 -46.29 -17.36 14.33
CA UNK B 103 -46.90 -18.54 14.94
C UNK B 103 -47.08 -18.28 16.44
N UNK B 104 -46.04 -17.72 17.05
CA UNK B 104 -46.07 -17.35 18.47
C UNK B 104 -47.10 -16.26 18.72
N UNK B 105 -47.16 -15.31 17.79
CA UNK B 105 -48.11 -14.21 17.87
C UNK B 105 -49.53 -14.75 17.83
N UNK B 106 -49.74 -15.75 16.97
CA UNK B 106 -51.02 -16.42 16.81
C UNK B 106 -51.40 -17.17 18.08
N UNK B 107 -50.40 -17.77 18.72
CA UNK B 107 -50.62 -18.44 19.98
C UNK B 107 -51.07 -17.42 21.02
N UNK B 108 -50.46 -16.24 21.01
CA UNK B 108 -50.88 -15.18 21.92
C UNK B 108 -52.31 -14.74 21.59
N UNK B 109 -52.59 -14.62 20.29
CA UNK B 109 -53.91 -14.31 19.78
C UNK B 109 -54.85 -15.45 20.14
N UNK B 110 -54.35 -16.68 20.00
CA UNK B 110 -55.10 -17.81 20.54
C UNK B 110 -55.26 -17.63 22.05
N UNK B 111 -54.17 -17.20 22.67
CA UNK B 111 -54.11 -16.90 24.09
C UNK B 111 -55.04 -15.76 24.44
N UNK B 112 -55.07 -14.72 23.60
CA UNK B 112 -56.06 -13.68 23.85
C UNK B 112 -57.46 -14.24 23.67
N UNK B 113 -57.63 -15.09 22.66
CA UNK B 113 -58.89 -15.76 22.37
C UNK B 113 -59.26 -16.69 23.49
N UNK B 114 -58.24 -17.37 24.02
CA UNK B 114 -58.43 -18.28 25.12
C UNK B 114 -58.93 -17.45 26.29
N UNK B 115 -58.34 -16.27 26.46
CA UNK B 115 -58.73 -15.33 27.52
C UNK B 115 -60.16 -14.82 27.36
N UNK B 116 -60.57 -14.57 26.14
CA UNK B 116 -61.94 -14.17 25.83
C UNK B 116 -62.92 -15.29 26.18
N UNK B 117 -62.54 -16.52 25.85
CA UNK B 117 -63.36 -17.67 26.19
C UNK B 117 -63.41 -17.75 27.71
N UNK B 118 -62.27 -17.40 28.28
CA UNK B 118 -61.98 -17.54 29.69
C UNK B 118 -62.09 -18.99 30.08
N UNK B 119 -61.68 -19.93 29.22
CA UNK B 119 -61.98 -21.28 29.66
C UNK B 119 -60.70 -22.07 29.97
N UNK B 120 -60.67 -22.71 31.13
CA UNK B 120 -59.52 -23.50 31.53
C UNK B 120 -58.31 -22.64 31.85
N UNK B 121 -61.18 -30.68 22.83
CA UNK B 121 -62.13 -30.33 23.87
C UNK B 121 -62.16 -28.82 24.09
N UNK B 122 -61.03 -28.28 24.54
CA UNK B 122 -60.92 -26.85 24.79
C UNK B 122 -61.10 -26.09 23.48
N UNK B 123 -60.52 -26.61 22.41
CA UNK B 123 -60.65 -26.00 21.11
C UNK B 123 -62.12 -26.01 20.67
N UNK B 124 -62.80 -27.11 20.96
CA UNK B 124 -64.21 -27.22 20.62
C UNK B 124 -65.01 -26.18 21.37
N UNK B 125 -64.67 -25.98 22.64
CA UNK B 125 -65.33 -24.99 23.47
C UNK B 125 -65.10 -23.59 22.91
N UNK B 126 -63.88 -23.33 22.45
CA UNK B 126 -63.55 -22.05 21.86
C UNK B 126 -64.36 -21.81 20.60
N UNK B 127 -64.52 -22.87 19.81
CA UNK B 127 -65.30 -22.79 18.58
C UNK B 127 -66.75 -22.46 18.92
N UNK B 128 -67.25 -23.08 19.99
CA UNK B 128 -68.61 -22.84 20.44
C UNK B 128 -68.76 -21.38 20.86
N UNK B 129 -67.76 -20.86 21.55
CA UNK B 129 -67.79 -19.48 21.99
C UNK B 129 -67.82 -18.55 20.79
N UNK B 130 -67.05 -18.90 19.76
CA UNK B 130 -67.01 -18.14 18.52
C UNK B 130 -66.97 -16.64 18.78
N UNK B 131 -59.84 0.07 23.01
CA UNK B 131 -60.08 -0.82 21.87
C UNK B 131 -60.67 -2.18 22.25
N UNK B 132 -60.17 -2.73 23.36
CA UNK B 132 -60.54 -4.08 23.76
C UNK B 132 -62.02 -4.23 24.06
N UNK B 133 -62.60 -3.21 24.70
CA UNK B 133 -63.99 -3.27 25.13
C UNK B 133 -64.96 -3.41 23.96
N UNK B 134 -64.69 -2.69 22.88
CA UNK B 134 -65.58 -2.72 21.72
C UNK B 134 -65.63 -4.12 21.11
N UNK B 135 -64.49 -4.77 21.03
CA UNK B 135 -64.39 -6.09 20.42
C UNK B 135 -65.20 -7.16 21.13
N UNK B 136 -65.16 -7.14 22.46
CA UNK B 136 -65.83 -8.18 23.25
C UNK B 136 -67.34 -8.18 23.06
N UNK B 137 -67.93 -6.99 23.09
CA UNK B 137 -69.38 -6.80 22.94
C UNK B 137 -69.98 -7.17 21.58
N UNK B 138 -69.25 -6.88 20.51
CA UNK B 138 -69.85 -6.78 19.17
C UNK B 138 -70.51 -8.04 18.62
N UNK B 139 -69.88 -9.19 18.81
CA UNK B 139 -70.42 -10.46 18.33
C UNK B 139 -70.46 -10.50 16.81
N UNK B 140 -71.16 -9.56 16.21
CA UNK B 140 -71.28 -9.49 14.75
C UNK B 140 -69.91 -9.25 14.11
N UNK B 141 -69.12 -8.39 14.72
CA UNK B 141 -67.78 -8.10 14.21
C UNK B 141 -66.92 -9.36 14.28
N UNK B 142 -67.05 -10.11 15.37
CA UNK B 142 -66.32 -11.36 15.53
C UNK B 142 -66.73 -12.35 14.45
N UNK B 143 -68.01 -12.40 14.16
CA UNK B 143 -68.53 -13.30 13.13
C UNK B 143 -67.95 -12.91 11.77
N UNK B 144 -67.86 -11.60 11.52
CA UNK B 144 -67.29 -11.10 10.27
C UNK B 144 -65.83 -11.50 10.17
N UNK B 145 -65.12 -11.42 11.28
CA UNK B 145 -63.72 -11.81 11.33
C UNK B 145 -63.56 -13.29 11.03
N UNK B 146 -64.47 -14.09 11.57
CA UNK B 146 -64.45 -15.54 11.37
C UNK B 146 -64.19 -15.88 9.90
N UNK B 147 -59.59 -15.82 5.81
CA UNK B 147 -58.19 -15.84 5.38
C UNK B 147 -57.49 -14.49 5.21
N UNK B 148 -56.16 -14.51 5.31
CA UNK B 148 -55.33 -13.36 4.98
C UNK B 148 -54.39 -13.78 3.87
N UNK B 149 -54.39 -13.01 2.78
CA UNK B 149 -53.58 -13.36 1.61
C UNK B 149 -52.10 -13.09 1.86
N UNK B 150 -51.30 -14.13 1.47
CA UNK B 150 -49.85 -13.98 1.39
C UNK B 150 -49.29 -14.81 0.24
N UNK B 151 -48.10 -14.45 -0.24
CA UNK B 151 -47.48 -15.11 -1.38
C UNK B 151 -46.17 -15.82 -1.04
N UNK B 152 -45.97 -17.01 -1.59
CA UNK B 152 -44.73 -17.72 -1.37
C UNK B 152 -43.94 -17.77 -2.66
N UNK B 153 -42.69 -17.33 -2.65
CA UNK B 153 -41.96 -17.26 -3.91
C UNK B 153 -41.38 -18.63 -4.26
N UNK B 154 -42.02 -19.33 -5.17
CA UNK B 154 -41.78 -20.76 -5.31
C UNK B 154 -41.51 -21.13 -6.74
N UNK B 155 -40.97 -22.32 -6.96
CA UNK B 155 -40.73 -22.74 -8.33
C UNK B 155 -42.14 -23.00 -8.80
N UNK B 156 -42.58 -22.12 -9.70
CA UNK B 156 -43.94 -22.04 -10.16
C UNK B 156 -43.83 -21.35 -11.49
N UNK B 157 -44.86 -21.43 -12.31
CA UNK B 157 -44.71 -20.96 -13.68
C UNK B 157 -44.99 -19.46 -13.78
N UNK B 158 -44.48 -18.83 -14.83
CA UNK B 158 -44.65 -17.39 -15.00
C UNK B 158 -45.53 -17.04 -16.21
N UNK B 159 -46.50 -16.17 -15.97
CA UNK B 159 -46.68 -15.59 -14.64
C UNK B 159 -47.89 -16.22 -13.95
N UNK B 160 -47.66 -16.75 -12.75
CA UNK B 160 -48.72 -17.39 -11.99
C UNK B 160 -48.68 -16.98 -10.53
N UNK B 161 -49.84 -17.00 -9.87
CA UNK B 161 -49.97 -16.56 -8.48
C UNK B 161 -50.29 -17.68 -7.49
N UNK B 162 -49.59 -17.67 -6.34
CA UNK B 162 -49.77 -18.67 -5.29
C UNK B 162 -50.44 -18.06 -4.05
N UNK B 163 -51.43 -18.76 -3.51
CA UNK B 163 -52.30 -18.20 -2.47
C UNK B 163 -51.95 -18.68 -1.05
N UNK B 164 -52.18 -17.81 -0.06
CA UNK B 164 -51.88 -18.12 1.34
C UNK B 164 -52.98 -17.68 2.30
N UNK B 165 -53.11 -18.37 3.43
CA UNK B 165 -54.13 -18.06 4.48
C UNK B 165 -53.85 -18.66 5.90
N UNK B 166 -54.52 -18.13 6.95
CA UNK B 166 -54.38 -18.67 8.32
C UNK B 166 -55.56 -18.42 9.32
N UNK B 167 -55.70 -19.26 10.36
CA UNK B 167 -56.71 -19.12 11.42
C UNK B 167 -56.42 -19.89 12.72
N UNK B 168 -57.10 -19.61 13.84
CA UNK B 168 -56.91 -20.44 15.02
C UNK B 168 -57.63 -21.76 14.76
N UNK B 169 -58.65 -21.70 13.91
CA UNK B 169 -59.41 -22.85 13.49
C UNK B 169 -58.51 -23.84 12.75
N UNK B 170 -57.37 -23.35 12.26
CA UNK B 170 -56.46 -24.17 11.47
C UNK B 170 -55.91 -25.37 12.25
N UNK B 171 -55.64 -25.15 13.53
CA UNK B 171 -55.05 -26.19 14.38
C UNK B 171 -55.97 -27.41 14.50
N UNK B 172 -57.28 -27.16 14.59
CA UNK B 172 -58.25 -28.22 14.79
C UNK B 172 -58.28 -29.22 13.64
N UNK B 173 -58.17 -28.73 12.41
CA UNK B 173 -58.18 -29.61 11.25
C UNK B 173 -56.98 -30.55 11.27
N UNK B 174 -55.83 -30.00 11.67
CA UNK B 174 -54.62 -30.78 11.83
C UNK B 174 -54.76 -32.12 12.54
N UNK B 175 -55.50 -32.16 13.65
CA UNK B 175 -55.56 -33.40 14.41
C UNK B 175 -56.20 -34.53 13.63
N UNK B 176 -57.34 -34.24 13.01
CA UNK B 176 -58.03 -35.21 12.17
C UNK B 176 -57.24 -35.53 10.90
N UNK B 177 -56.68 -34.48 10.31
CA UNK B 177 -56.16 -34.53 8.95
C UNK B 177 -55.00 -35.51 8.76
N UNK B 178 -54.07 -35.53 9.70
CA UNK B 178 -52.83 -36.27 9.49
C UNK B 178 -53.01 -37.67 10.03
N UNK B 179 -53.72 -37.78 11.15
CA UNK B 179 -54.02 -39.07 11.72
C UNK B 179 -54.84 -39.82 10.68
N UNK B 180 -55.74 -39.09 10.02
CA UNK B 180 -56.45 -39.64 8.89
C UNK B 180 -55.44 -39.96 7.81
N UNK B 181 -54.46 -39.07 7.67
CA UNK B 181 -53.39 -39.23 6.68
C UNK B 181 -52.56 -40.48 6.92
N UNK B 182 -52.31 -40.78 8.20
CA UNK B 182 -51.54 -41.95 8.57
C UNK B 182 -52.13 -43.22 7.96
N UNK B 183 -53.43 -43.40 8.14
CA UNK B 183 -54.12 -44.58 7.61
C UNK B 183 -54.04 -44.61 6.09
N UNK B 184 -54.21 -43.44 5.47
CA UNK B 184 -54.12 -43.34 4.02
C UNK B 184 -52.73 -43.72 3.54
N UNK B 185 -51.71 -43.27 4.28
CA UNK B 185 -50.33 -43.58 3.96
C UNK B 185 -50.10 -45.09 4.06
N UNK B 186 -50.68 -45.70 5.08
CA UNK B 186 -50.57 -47.14 5.28
C UNK B 186 -51.22 -47.88 4.11
N UNK B 187 -52.36 -47.37 3.66
CA UNK B 187 -53.06 -47.95 2.52
C UNK B 187 -52.21 -47.85 1.26
N UNK B 188 -51.54 -46.72 1.09
CA UNK B 188 -50.70 -46.50 -0.07
C UNK B 188 -49.82 -47.71 -0.36
N UNK B 189 -36.73 -41.17 -1.21
CA UNK B 189 -37.73 -41.59 -2.17
C UNK B 189 -37.31 -42.87 -2.88
N UNK B 190 -36.18 -43.44 -2.42
CA UNK B 190 -35.65 -44.66 -3.03
C UNK B 190 -36.64 -45.80 -2.87
N UNK B 191 -37.30 -45.85 -1.78
CA UNK B 191 -38.30 -46.85 -1.46
C UNK B 191 -39.47 -46.72 -2.42
N UNK B 192 -39.86 -45.49 -2.71
CA UNK B 192 -40.95 -45.24 -3.64
C UNK B 192 -40.61 -45.77 -5.02
N UNK B 193 -39.38 -45.55 -5.45
CA UNK B 193 -38.92 -46.03 -6.75
C UNK B 193 -38.96 -47.55 -6.79
N UNK B 194 -38.55 -48.15 -5.68
CA UNK B 194 -38.56 -49.61 -5.58
C UNK B 194 -39.99 -50.12 -5.70
N UNK B 195 -40.92 -49.43 -5.06
CA UNK B 195 -42.31 -49.82 -5.11
C UNK B 195 -42.84 -49.72 -6.53
N UNK B 196 -42.45 -48.66 -7.23
CA UNK B 196 -42.88 -48.48 -8.60
C UNK B 196 -42.34 -49.62 -9.47
N UNK B 197 -41.09 -49.99 -9.23
CA UNK B 197 -40.46 -51.05 -9.97
C UNK B 197 -41.17 -52.38 -9.72
N UNK B 198 -41.56 -52.61 -8.47
CA UNK B 198 -42.26 -53.82 -8.11
C UNK B 198 -43.60 -53.87 -8.83
N UNK B 199 -44.26 -52.72 -8.89
CA UNK B 199 -45.55 -52.65 -9.57
C UNK B 199 -45.38 -52.95 -11.05
N UNK B 200 -44.33 -52.42 -11.64
CA UNK B 200 -44.05 -52.66 -13.05
C UNK B 200 -43.81 -54.14 -13.29
N UNK B 201 -43.07 -54.77 -12.38
CA UNK B 201 -42.76 -56.18 -12.46
C UNK B 201 -44.04 -57.01 -12.39
N UNK B 202 -44.94 -56.60 -11.50
CA UNK B 202 -46.22 -57.28 -11.33
C UNK B 202 -47.01 -57.17 -12.62
N UNK B 203 -46.97 -55.98 -13.23
CA UNK B 203 -47.67 -55.76 -14.49
C UNK B 203 -46.81 -56.50 -15.52
N UNK B 204 -49.06 -53.10 -21.34
CA UNK B 204 -49.68 -52.02 -20.58
C UNK B 204 -49.07 -50.68 -20.96
N UNK B 205 -49.89 -49.63 -20.90
CA UNK B 205 -49.43 -48.27 -21.19
C UNK B 205 -49.49 -47.43 -19.93
N UNK B 206 -48.38 -46.78 -19.60
CA UNK B 206 -48.30 -45.96 -18.40
C UNK B 206 -48.38 -44.48 -18.73
N UNK B 207 -49.47 -43.83 -18.33
CA UNK B 207 -49.59 -42.40 -18.51
C UNK B 207 -49.06 -41.64 -17.29
N UNK B 208 -48.14 -40.71 -17.54
CA UNK B 208 -47.69 -39.82 -16.49
C UNK B 208 -48.39 -38.50 -16.76
N UNK B 209 -49.22 -38.07 -15.81
CA UNK B 209 -50.03 -36.88 -16.01
C UNK B 209 -49.98 -35.97 -14.80
N UNK B 210 -50.06 -34.67 -15.06
CA UNK B 210 -50.11 -33.68 -14.00
C UNK B 210 -51.44 -32.96 -14.07
N UNK B 211 -52.11 -32.89 -12.94
CA UNK B 211 -53.47 -32.35 -12.93
C UNK B 211 -53.56 -30.99 -12.25
N UNK B 212 -53.92 -30.01 -13.05
CA UNK B 212 -54.36 -28.70 -12.59
C UNK B 212 -55.71 -28.81 -11.92
N UNK B 213 -56.56 -29.65 -12.52
CA UNK B 213 -57.98 -29.68 -12.21
C UNK B 213 -58.32 -30.06 -10.78
N UNK B 214 -57.64 -31.06 -10.23
CA UNK B 214 -57.95 -31.47 -8.87
C UNK B 214 -57.66 -30.33 -7.90
N UNK B 215 -56.52 -29.69 -8.08
CA UNK B 215 -56.12 -28.59 -7.22
C UNK B 215 -57.09 -27.44 -7.38
N UNK B 216 -57.50 -27.18 -8.61
CA UNK B 216 -58.40 -26.06 -8.92
C UNK B 216 -59.78 -26.19 -8.29
N UNK B 217 -60.36 -27.39 -8.34
CA UNK B 217 -61.73 -27.57 -7.85
C UNK B 217 -61.90 -28.64 -6.77
N UNK B 218 -62.52 -28.24 -5.67
CA UNK B 218 -62.93 -29.17 -4.61
C UNK B 218 -64.06 -28.51 -3.81
N UNK B 219 -64.84 -29.30 -3.08
CA UNK B 219 -65.83 -28.71 -2.21
C UNK B 219 -65.51 -29.12 -0.78
N UNK B 220 -65.41 -28.15 0.12
CA UNK B 220 -65.14 -28.49 1.50
C UNK B 220 -66.00 -29.71 1.80
N UNK B 221 -67.19 -29.72 1.21
CA UNK B 221 -68.13 -30.81 1.40
C UNK B 221 -67.60 -32.17 0.93
N UNK B 222 -66.93 -32.22 -0.22
CA UNK B 222 -66.39 -33.51 -0.66
C UNK B 222 -65.64 -34.19 0.47
N UNK B 223 -64.87 -33.41 1.21
CA UNK B 223 -64.10 -33.94 2.34
C UNK B 223 -65.02 -34.41 3.46
N UNK B 224 -66.06 -33.63 3.74
CA UNK B 224 -67.00 -33.97 4.78
C UNK B 224 -67.73 -35.28 4.47
N UNK B 225 -68.09 -35.44 3.20
CA UNK B 225 -68.76 -36.66 2.75
C UNK B 225 -67.84 -37.86 2.94
N UNK B 226 -66.56 -37.67 2.63
CA UNK B 226 -65.57 -38.73 2.79
C UNK B 226 -65.44 -39.11 4.26
N UNK B 227 -65.46 -38.09 5.12
CA UNK B 227 -65.38 -38.32 6.56
C UNK B 227 -66.58 -39.11 7.04
N UNK B 228 -67.75 -38.78 6.50
CA UNK B 228 -68.98 -39.48 6.85
C UNK B 228 -68.89 -40.94 6.41
N UNK B 229 -68.32 -41.17 5.23
CA UNK B 229 -68.14 -42.52 4.72
C UNK B 229 -67.20 -43.30 5.63
N UNK B 230 -66.16 -42.65 6.10
CA UNK B 230 -65.21 -43.26 7.01
C UNK B 230 -65.88 -43.64 8.32
N UNK B 231 -66.75 -42.76 8.80
CA UNK B 231 -67.47 -43.00 10.05
C UNK B 231 -68.64 -43.95 9.83
N UNK B 232 -67.74 -41.46 18.60
CA UNK B 232 -68.83 -40.74 17.96
C UNK B 232 -68.65 -39.24 18.08
N UNK B 233 -68.37 -38.78 19.30
CA UNK B 233 -68.18 -37.36 19.56
C UNK B 233 -66.98 -36.82 18.79
N UNK B 234 -65.90 -37.62 18.75
CA UNK B 234 -64.71 -37.23 18.02
C UNK B 234 -65.01 -37.10 16.54
N UNK B 235 -65.81 -38.03 16.02
CA UNK B 235 -66.22 -38.01 14.62
C UNK B 235 -67.05 -36.76 14.33
N UNK B 236 -67.92 -36.40 15.27
CA UNK B 236 -68.77 -35.23 15.10
C UNK B 236 -67.96 -33.94 15.08
N UNK B 237 -66.96 -33.85 15.94
CA UNK B 237 -66.12 -32.67 16.02
C UNK B 237 -65.34 -32.50 14.72
N UNK B 238 -64.85 -33.62 14.19
CA UNK B 238 -64.12 -33.60 12.92
C UNK B 238 -65.02 -33.11 11.80
N UNK B 239 -66.27 -33.57 11.81
CA UNK B 239 -67.25 -33.16 10.81
C UNK B 239 -67.50 -31.65 10.91
N UNK B 240 -67.58 -31.16 12.13
CA UNK B 240 -67.79 -29.74 12.37
C UNK B 240 -66.61 -28.94 11.83
N UNK B 241 -65.40 -29.47 12.04
CA UNK B 241 -64.19 -28.81 11.54
C UNK B 241 -64.22 -28.77 10.02
N UNK B 242 -64.67 -29.86 9.41
CA UNK B 242 -64.78 -29.92 7.95
C UNK B 242 -65.78 -28.90 7.44
N UNK B 243 -66.89 -28.74 8.16
CA UNK B 243 -67.90 -27.76 7.81
C UNK B 243 -67.32 -26.35 7.89
N UNK B 244 -66.52 -26.11 8.93
CA UNK B 244 -65.90 -24.81 9.13
C UNK B 244 -65.28 -24.28 7.83
N UNK B 245 -64.46 -25.13 7.22
CA UNK B 245 -63.85 -24.86 5.93
C UNK B 245 -64.93 -24.73 4.85
N UNK B 246 -65.96 -25.56 4.94
CA UNK B 246 -67.03 -25.54 3.96
C UNK B 246 -67.65 -24.17 3.96
N UNK B 247 -67.84 -23.60 5.15
CA UNK B 247 -68.22 -22.21 5.25
C UNK B 247 -67.04 -21.43 5.81
N UNK B 248 -66.49 -20.54 4.99
CA UNK B 248 -65.35 -19.73 5.39
C UNK B 248 -65.25 -18.47 4.56
N UNK B 249 -64.53 -17.47 5.08
CA UNK B 249 -64.27 -16.26 4.34
C UNK B 249 -62.76 -16.04 4.20
N UNK B 250 -62.31 -15.81 2.97
CA UNK B 250 -60.92 -15.46 2.74
C UNK B 250 -60.85 -13.99 2.33
N UNK B 251 -59.96 -13.22 2.99
CA UNK B 251 -59.85 -11.80 2.70
C UNK B 251 -58.53 -11.50 1.97
N UNK B 252 -58.64 -10.86 0.82
CA UNK B 252 -57.47 -10.54 0.00
C UNK B 252 -57.03 -9.09 0.22
N UNK B 253 -67.30 -1.41 -1.78
CA UNK B 253 -68.11 -0.20 -1.93
C UNK B 253 -67.33 0.91 -2.62
N UNK B 254 -66.59 1.69 -1.85
CA UNK B 254 -65.81 2.79 -2.41
C UNK B 254 -64.75 2.28 -3.37
N UNK B 255 -64.11 1.16 -3.00
CA UNK B 255 -63.10 0.55 -3.86
C UNK B 255 -63.72 0.09 -5.16
N UNK B 256 -64.92 -0.48 -5.07
CA UNK B 256 -65.62 -0.98 -6.25
C UNK B 256 -65.95 0.17 -7.21
N UNK B 257 -66.47 1.26 -6.67
CA UNK B 257 -66.82 2.42 -7.48
C UNK B 257 -65.58 3.02 -8.15
N UNK B 258 -64.49 3.07 -7.40
CA UNK B 258 -63.23 3.59 -7.93
C UNK B 258 -62.75 2.71 -9.07
N UNK B 259 -62.88 1.40 -8.90
CA UNK B 259 -62.49 0.45 -9.93
C UNK B 259 -63.32 0.65 -11.18
N UNK B 260 -64.62 0.90 -10.99
CA UNK B 260 -65.52 1.14 -12.10
C UNK B 260 -65.11 2.40 -12.84
N UNK B 261 -64.73 3.42 -12.08
CA UNK B 261 -64.27 4.68 -12.66
C UNK B 261 -63.01 4.47 -13.48
N UNK B 262 -62.11 3.64 -12.96
CA UNK B 262 -60.85 3.34 -13.65
C UNK B 262 -60.95 2.05 -14.44
N UNK B 263 -59.09 -6.34 -17.59
CA UNK B 263 -58.39 -7.22 -16.66
C UNK B 263 -58.98 -7.13 -15.26
N UNK B 264 -58.45 -6.22 -14.45
CA UNK B 264 -58.92 -6.02 -13.09
C UNK B 264 -60.38 -5.57 -13.09
N UNK B 265 -60.72 -4.68 -14.00
CA UNK B 265 -62.09 -4.19 -14.12
C UNK B 265 -63.03 -5.33 -14.48
N UNK B 266 -62.58 -6.20 -15.38
CA UNK B 266 -63.35 -7.37 -15.79
C UNK B 266 -63.57 -8.30 -14.61
N UNK B 267 -62.53 -8.47 -13.79
CA UNK B 267 -62.61 -9.35 -12.63
C UNK B 267 -63.36 -8.67 -11.48
N UNK B 268 -63.19 -7.36 -11.36
CA UNK B 268 -63.85 -6.60 -10.32
C UNK B 268 -65.36 -6.63 -10.51
N UNK B 269 -65.80 -6.53 -11.76
CA UNK B 269 -67.22 -6.53 -12.06
C UNK B 269 -67.84 -7.85 -11.62
N UNK B 270 -67.14 -8.94 -11.90
CA UNK B 270 -67.52 -10.24 -11.38
C UNK B 270 -67.41 -10.14 -9.86
N UNK B 271 -66.37 -9.51 -9.36
CA UNK B 271 -66.19 -9.42 -7.91
C UNK B 271 -67.26 -8.62 -7.14
N UNK B 272 -67.80 -7.58 -7.76
CA UNK B 272 -68.63 -6.67 -6.99
C UNK B 272 -69.78 -7.44 -6.32
N UNK B 273 -70.34 -8.41 -7.03
CA UNK B 273 -71.42 -9.23 -6.45
C UNK B 273 -71.05 -10.10 -5.24
N UNK B 274 -69.91 -10.77 -5.27
CA UNK B 274 -69.57 -11.74 -4.21
C UNK B 274 -68.62 -11.25 -3.11
N UNK B 275 -67.51 -10.64 -3.53
CA UNK B 275 -66.53 -10.06 -2.62
C UNK B 275 -66.94 -8.68 -2.08
N UNK B 276 -67.54 -7.87 -2.94
CA UNK B 276 -67.76 -6.46 -2.60
C UNK B 276 -68.65 -6.24 -1.37
N UNK B 277 -69.75 -6.95 -1.26
CA UNK B 277 -70.55 -6.86 -0.03
C UNK B 277 -69.73 -7.39 1.13
N UNK B 278 -69.09 -8.53 0.88
CA UNK B 278 -68.14 -9.13 1.81
C UNK B 278 -67.29 -10.12 1.03
N UNK B 279 -66.11 -10.47 1.55
CA UNK B 279 -65.34 -11.53 0.94
C UNK B 279 -66.01 -12.88 1.25
N UNK B 280 -66.11 -13.73 0.23
CA UNK B 280 -66.63 -15.08 0.46
C UNK B 280 -66.43 -15.98 -0.74
N UNK B 281 -66.40 -17.28 -0.50
CA UNK B 281 -66.24 -18.26 -1.57
C UNK B 281 -66.69 -19.60 -1.03
N UNK B 282 -67.06 -20.53 -1.90
CA UNK B 282 -67.45 -21.84 -1.40
C UNK B 282 -66.97 -22.95 -2.32
N UNK B 283 -66.64 -24.10 -1.75
CA UNK B 283 -66.24 -25.28 -2.53
C UNK B 283 -64.78 -25.14 -2.95
N UNK B 284 -58.87 -23.39 -1.57
CA UNK B 284 -57.41 -23.44 -1.35
C UNK B 284 -56.96 -23.85 0.06
N UNK B 285 -57.62 -24.86 0.61
CA UNK B 285 -57.32 -25.36 1.94
C UNK B 285 -56.00 -26.13 1.94
N UNK B 286 -55.16 -25.87 2.94
CA UNK B 286 -53.90 -26.59 3.06
C UNK B 286 -54.16 -28.07 3.30
N UNK B 287 -55.10 -28.34 4.20
CA UNK B 287 -55.59 -29.67 4.49
C UNK B 287 -56.29 -30.30 3.28
N UNK B 288 -57.02 -29.45 2.55
CA UNK B 288 -57.91 -29.91 1.50
C UNK B 288 -57.19 -30.66 0.38
N UNK B 289 -56.01 -30.18 0.01
CA UNK B 289 -55.23 -30.87 -1.03
C UNK B 289 -54.86 -32.27 -0.55
N UNK B 290 -54.48 -32.38 0.71
CA UNK B 290 -54.14 -33.67 1.31
C UNK B 290 -55.35 -34.59 1.31
N UNK B 291 -56.51 -34.02 1.62
CA UNK B 291 -57.75 -34.79 1.62
C UNK B 291 -58.05 -35.31 0.24
N UNK B 292 -57.82 -34.47 -0.77
CA UNK B 292 -58.03 -34.85 -2.16
C UNK B 292 -57.08 -35.99 -2.54
N UNK B 293 -55.85 -35.91 -2.06
CA UNK B 293 -54.88 -36.97 -2.32
C UNK B 293 -55.33 -38.27 -1.68
N UNK B 294 -55.89 -38.19 -0.47
CA UNK B 294 -56.40 -39.37 0.21
C UNK B 294 -57.57 -39.97 -0.58
N UNK B 295 -58.40 -39.09 -1.11
CA UNK B 295 -59.55 -39.50 -1.92
C UNK B 295 -59.09 -40.23 -3.18
N UNK B 296 -58.00 -39.74 -3.77
CA UNK B 296 -57.50 -40.30 -5.01
C UNK B 296 -57.10 -41.76 -4.85
N UNK B 297 -56.47 -42.08 -3.71
CA UNK B 297 -56.09 -43.45 -3.44
C UNK B 297 -57.34 -44.31 -3.39
N UNK B 298 -58.43 -43.77 -2.88
CA UNK B 298 -59.72 -44.45 -2.91
C UNK B 298 -60.22 -44.67 -4.34
N UNK B 299 -60.50 -43.58 -5.04
CA UNK B 299 -61.01 -43.64 -6.40
C UNK B 299 -59.98 -44.33 -7.28
N UNK B 300 -58.71 -44.00 -7.03
CA UNK B 300 -57.62 -44.59 -7.80
C UNK B 300 -57.54 -46.09 -7.59
N UNK B 301 -57.72 -46.52 -6.33
CA UNK B 301 -57.65 -47.93 -5.99
C UNK B 301 -58.76 -48.71 -6.70
N UNK B 302 -59.95 -48.11 -6.75
CA UNK B 302 -61.07 -48.75 -7.43
C UNK B 302 -60.77 -48.91 -8.91
N UNK B 303 -60.16 -47.89 -9.49
CA UNK B 303 -59.77 -47.92 -10.91
C UNK B 303 -58.76 -49.03 -11.14
N UNK B 304 -57.81 -49.17 -10.22
CA UNK B 304 -56.80 -50.22 -10.32
C UNK B 304 -57.46 -51.59 -10.25
N UNK B 305 -58.45 -51.72 -9.38
CA UNK B 305 -59.20 -52.97 -9.26
C UNK B 305 -59.94 -53.30 -10.55
N UNK B 306 -60.50 -52.27 -11.16
CA UNK B 306 -61.20 -52.43 -12.43
C UNK B 306 -60.24 -52.88 -13.52
N UNK B 307 -55.78 -56.51 -18.50
CA UNK B 307 -54.57 -56.24 -17.73
C UNK B 307 -54.36 -54.73 -17.56
N UNK B 308 -54.59 -54.23 -16.35
CA UNK B 308 -54.49 -52.80 -16.10
C UNK B 308 -53.53 -52.49 -14.95
N UNK B 309 -52.65 -51.52 -15.17
CA UNK B 309 -51.76 -51.04 -14.11
C UNK B 309 -52.08 -49.59 -13.81
N UNK B 310 -52.32 -49.28 -12.53
CA UNK B 310 -52.62 -47.91 -12.15
C UNK B 310 -51.52 -47.32 -11.28
N UNK B 311 -51.00 -46.18 -11.71
CA UNK B 311 -49.97 -45.48 -10.94
C UNK B 311 -50.42 -44.05 -10.61
N UNK B 312 -50.39 -43.69 -9.34
CA UNK B 312 -50.69 -42.32 -8.94
C UNK B 312 -49.51 -41.69 -8.21
N UNK B 313 -49.01 -40.59 -8.73
CA UNK B 313 -47.98 -39.80 -8.08
C UNK B 313 -48.59 -38.57 -7.43
N UNK B 314 -49.91 -38.48 -7.51
CA UNK B 314 -50.65 -37.28 -7.11
C UNK B 314 -50.40 -36.20 -8.14
N UNK B 315 -49.13 -35.86 -8.34
CA UNK B 315 -48.72 -34.97 -9.41
C UNK B 315 -49.01 -35.60 -10.77
N UNK B 316 -48.74 -36.90 -10.87
CA UNK B 316 -48.91 -37.65 -12.13
C UNK B 316 -49.76 -38.89 -11.82
N UNK B 317 -50.82 -39.16 -12.59
CA UNK B 317 -51.71 -40.32 -12.34
C UNK B 317 -51.58 -41.34 -13.50
N UNK B 318 -51.42 -42.63 -13.20
CA UNK B 318 -51.10 -43.61 -14.27
C UNK B 318 -51.98 -44.87 -14.32
N UNK B 319 -52.11 -45.42 -15.53
CA UNK B 319 -52.84 -46.65 -15.78
C UNK B 319 -52.28 -47.35 -17.02
N UNK B 320 -52.51 -48.66 -17.12
CA UNK B 320 -52.04 -49.42 -18.27
C UNK B 320 -53.15 -50.27 -18.89
N UNK B 321 -53.19 -50.34 -20.22
CA UNK B 321 -54.16 -51.18 -20.90
C UNK B 321 -53.44 -52.21 -21.75
N UNK B 322 -53.67 -53.48 -21.42
CA UNK B 322 -53.19 -54.60 -22.22
C UNK B 322 -54.39 -55.50 -22.44
N UNK B 323 -54.62 -55.94 -23.68
CA UNK B 323 -55.79 -56.75 -23.93
C UNK B 323 -55.43 -58.01 -24.72
N UNK B 324 -56.41 -52.93 -28.71
CA UNK B 324 -56.28 -51.48 -28.76
C UNK B 324 -57.61 -50.78 -28.47
N UNK B 325 -58.69 -51.34 -29.02
CA UNK B 325 -60.02 -50.79 -28.78
C UNK B 325 -60.36 -50.91 -27.30
N UNK B 326 -59.98 -52.04 -26.71
CA UNK B 326 -60.22 -52.27 -25.30
C UNK B 326 -59.45 -51.25 -24.47
N UNK B 327 -58.23 -50.95 -24.88
CA UNK B 327 -57.41 -49.96 -24.20
C UNK B 327 -58.06 -48.59 -24.29
N UNK B 328 -58.61 -48.27 -25.45
CA UNK B 328 -59.30 -47.00 -25.62
C UNK B 328 -60.51 -46.92 -24.69
N UNK B 329 -61.24 -48.02 -24.57
CA UNK B 329 -62.39 -48.07 -23.68
C UNK B 329 -61.98 -47.88 -22.23
N UNK B 330 -60.86 -48.49 -21.86
CA UNK B 330 -60.33 -48.37 -20.52
C UNK B 330 -59.97 -46.92 -20.25
N UNK B 331 -59.39 -46.28 -21.27
CA UNK B 331 -59.01 -44.88 -21.19
C UNK B 331 -60.24 -44.01 -20.98
N UNK B 332 -61.33 -44.34 -21.67
CA UNK B 332 -62.56 -43.58 -21.55
C UNK B 332 -63.10 -43.63 -20.12
N UNK B 333 -62.87 -44.74 -19.44
CA UNK B 333 -63.33 -44.90 -18.07
C UNK B 333 -62.66 -43.90 -17.14
N UNK B 334 -61.37 -43.68 -17.35
CA UNK B 334 -60.60 -42.75 -16.54
C UNK B 334 -61.14 -41.32 -16.67
N UNK B 335 -61.49 -40.95 -17.89
CA UNK B 335 -62.02 -39.62 -18.16
C UNK B 335 -63.34 -39.38 -17.42
N UNK B 336 -64.18 -40.40 -17.40
CA UNK B 336 -65.48 -40.32 -16.72
C UNK B 336 -65.29 -40.09 -15.22
N UNK B 337 -64.32 -40.78 -14.64
CA UNK B 337 -64.05 -40.66 -13.21
C UNK B 337 -63.64 -39.23 -12.86
N UNK B 338 -62.81 -38.63 -13.71
CA UNK B 338 -62.36 -37.26 -13.50
C UNK B 338 -63.55 -36.31 -13.54
N UNK B 339 -64.46 -36.55 -14.48
CA UNK B 339 -65.66 -35.73 -14.61
C UNK B 339 -66.52 -35.86 -13.35
N UNK B 340 -66.61 -37.09 -12.83
CA UNK B 340 -67.36 -37.33 -11.61
C UNK B 340 -66.74 -36.58 -10.43
N UNK B 341 -65.42 -36.56 -10.38
CA UNK B 341 -64.70 -35.89 -9.31
C UNK B 341 -65.20 -34.46 -9.10
N UNK B 342 -60.88 -34.54 -12.46
CA UNK B 342 -60.59 -34.29 -13.88
C UNK B 342 -59.10 -34.34 -14.21
N UNK B 343 -58.79 -34.20 -15.49
CA UNK B 343 -57.41 -34.20 -15.97
C UNK B 343 -57.26 -33.09 -16.99
N UNK B 344 -56.04 -32.57 -17.08
CA UNK B 344 -55.68 -31.52 -18.01
C UNK B 344 -55.08 -32.10 -19.28
N UNK B 345 -54.91 -31.25 -20.27
CA UNK B 345 -54.43 -31.64 -21.60
C UNK B 345 -53.00 -32.18 -21.59
N UNK B 346 -52.14 -31.57 -20.79
CA UNK B 346 -50.73 -31.94 -20.80
C UNK B 346 -50.42 -33.09 -19.86
N UNK B 347 -49.98 -34.19 -20.44
CA UNK B 347 -49.57 -35.38 -19.69
C UNK B 347 -48.59 -36.15 -20.57
N UNK B 348 -47.80 -37.03 -19.97
CA UNK B 348 -46.87 -37.83 -20.76
C UNK B 348 -47.34 -39.28 -20.85
N UNK B 349 -47.60 -39.73 -22.07
CA UNK B 349 -47.97 -41.12 -22.32
C UNK B 349 -47.04 -41.74 -23.35
N UNK B 350 -46.47 -42.89 -23.04
CA UNK B 350 -45.60 -43.59 -23.96
C UNK B 350 -45.83 -45.08 -23.96
N UNK B 351 -45.58 -45.72 -25.09
CA UNK B 351 -45.63 -47.18 -25.17
C UNK B 351 -44.34 -47.74 -25.77
N UNK B 352 -40.99 -45.94 -19.56
CA UNK B 352 -40.14 -44.99 -18.85
C UNK B 352 -40.91 -43.73 -18.45
N UNK B 353 -41.24 -43.62 -17.16
CA UNK B 353 -41.93 -42.45 -16.64
C UNK B 353 -41.02 -41.70 -15.67
N UNK B 354 -40.88 -40.39 -15.84
CA UNK B 354 -40.11 -39.64 -14.84
C UNK B 354 -41.01 -38.86 -13.89
N UNK B 355 -41.19 -39.38 -12.67
CA UNK B 355 -41.83 -38.65 -11.59
C UNK B 355 -41.06 -38.79 -10.28
N UNK B 356 -40.68 -37.66 -9.68
CA UNK B 356 -40.01 -37.69 -8.38
C UNK B 356 -38.64 -38.32 -8.58
N UNK B 357 -38.67 -39.57 -9.04
CA UNK B 357 -37.51 -40.28 -9.56
C UNK B 357 -37.96 -40.78 -10.94
N UNK B 358 -36.99 -41.12 -11.78
CA UNK B 358 -37.25 -41.41 -13.19
C UNK B 358 -37.40 -42.90 -13.46
N UNK B 359 -38.42 -43.24 -14.25
CA UNK B 359 -38.68 -44.63 -14.61
C UNK B 359 -38.32 -44.91 -16.07
N UNK B 360 -37.47 -45.91 -16.23
CA UNK B 360 -36.86 -46.28 -17.50
C UNK B 360 -36.65 -47.78 -17.49
N UNK B 361 -36.10 -48.32 -18.57
CA UNK B 361 -35.92 -49.76 -18.67
C UNK B 361 -35.04 -50.19 -17.50
N UNK B 362 -34.06 -49.36 -17.16
CA UNK B 362 -33.26 -49.59 -15.97
C UNK B 362 -33.66 -48.58 -14.90
N UNK B 363 -34.02 -49.09 -13.72
CA UNK B 363 -34.48 -48.24 -12.61
C UNK B 363 -33.38 -47.33 -12.10
N UNK B 364 -33.75 -46.12 -11.69
CA UNK B 364 -32.75 -45.16 -11.22
C UNK B 364 -33.45 -43.90 -10.71
N UNK B 365 -32.75 -43.05 -9.97
CA UNK B 365 -33.28 -41.74 -9.64
C UNK B 365 -32.26 -40.62 -9.90
N UNK B 366 -31.96 -40.40 -11.17
CA UNK B 366 -31.03 -39.35 -11.60
C UNK B 366 -31.48 -37.90 -11.36
N UNK B 367 -32.76 -37.64 -11.62
CA UNK B 367 -33.32 -36.28 -11.66
C UNK B 367 -33.56 -35.65 -10.26
N UNK B 368 -34.07 -36.48 -9.35
CA UNK B 368 -34.43 -36.03 -8.01
C UNK B 368 -33.22 -35.50 -7.26
N UNK B 369 -32.14 -36.28 -7.35
CA UNK B 369 -30.91 -36.11 -6.58
C UNK B 369 -30.19 -34.81 -6.87
N UNK B 370 -30.14 -34.42 -8.14
CA UNK B 370 -29.39 -33.23 -8.51
C UNK B 370 -29.98 -32.03 -7.80
N UNK B 371 -31.30 -31.94 -7.77
CA UNK B 371 -31.97 -30.81 -7.14
C UNK B 371 -31.66 -30.79 -5.64
N UNK B 372 -31.66 -31.96 -5.02
CA UNK B 372 -31.38 -32.07 -3.60
C UNK B 372 -29.95 -31.63 -3.29
N UNK B 373 -29.01 -32.03 -4.14
CA UNK B 373 -27.61 -31.65 -3.95
C UNK B 373 -27.50 -30.15 -4.09
N UNK B 374 -28.24 -29.61 -5.06
CA UNK B 374 -28.26 -28.20 -5.36
C UNK B 374 -28.80 -27.39 -4.19
N UNK B 375 -29.85 -27.89 -3.53
CA UNK B 375 -30.48 -27.06 -2.50
C UNK B 375 -29.91 -27.35 -1.11
N UNK B 376 -29.80 -28.64 -0.77
CA UNK B 376 -29.13 -29.10 0.43
C UNK B 376 -27.65 -28.75 0.35
N UNK B 377 -27.12 -28.89 -0.86
CA UNK B 377 -25.71 -28.67 -1.15
C UNK B 377 -25.30 -27.22 -0.88
N UNK B 378 -26.28 -26.33 -0.85
CA UNK B 378 -26.00 -24.91 -0.80
C UNK B 378 -25.13 -24.54 0.41
N UNK B 379 -24.18 -23.65 0.14
CA UNK B 379 -23.09 -23.29 1.04
C UNK B 379 -23.46 -22.04 1.81
N UNK B 380 -23.12 -22.02 3.10
CA UNK B 380 -23.44 -20.89 3.95
C UNK B 380 -22.48 -20.78 5.12
N UNK B 381 -22.44 -19.61 5.76
CA UNK B 381 -21.59 -19.41 6.92
C UNK B 381 -22.42 -19.34 8.20
N UNK B 382 -18.47 -20.08 15.65
CA UNK B 382 -17.26 -20.52 14.97
C UNK B 382 -17.25 -22.04 14.80
N UNK B 383 -16.79 -22.75 15.83
CA UNK B 383 -16.72 -24.20 15.79
C UNK B 383 -18.11 -24.80 15.64
N UNK B 384 -19.07 -24.23 16.37
CA UNK B 384 -20.46 -24.69 16.28
C UNK B 384 -21.02 -24.49 14.88
N UNK B 385 -20.70 -23.34 14.28
CA UNK B 385 -21.12 -23.05 12.92
C UNK B 385 -20.53 -24.05 11.95
N UNK B 386 -19.26 -24.39 12.17
CA UNK B 386 -18.58 -25.37 11.33
C UNK B 386 -19.27 -26.73 11.46
N UNK B 387 -19.65 -27.09 12.68
CA UNK B 387 -20.35 -28.34 12.92
C UNK B 387 -21.69 -28.36 12.19
N UNK B 388 -22.37 -27.22 12.22
CA UNK B 388 -23.65 -27.08 11.52
C UNK B 388 -23.47 -27.24 10.03
N UNK B 389 -22.38 -26.70 9.47
CA UNK B 389 -22.17 -26.81 8.05
C UNK B 389 -22.02 -28.27 7.63
N UNK B 390 -21.27 -29.03 8.43
CA UNK B 390 -21.12 -30.45 8.20
C UNK B 390 -22.44 -31.16 8.35
N UNK B 391 -23.21 -30.77 9.37
CA UNK B 391 -24.51 -31.35 9.62
C UNK B 391 -25.45 -31.06 8.45
N UNK B 392 -25.38 -29.83 7.95
CA UNK B 392 -26.20 -29.44 6.81
C UNK B 392 -25.84 -30.28 5.59
N UNK B 393 -24.55 -30.51 5.40
CA UNK B 393 -24.08 -31.33 4.29
C UNK B 393 -24.62 -32.74 4.41
N UNK B 394 -24.60 -33.27 5.64
CA UNK B 394 -25.11 -34.61 5.89
C UNK B 394 -26.60 -34.69 5.59
N UNK B 395 -27.32 -33.64 5.97
CA UNK B 395 -28.76 -33.57 5.71
C UNK B 395 -29.03 -33.57 4.21
N UNK B 396 -28.20 -32.83 3.47
CA UNK B 396 -28.31 -32.77 2.02
C UNK B 396 -28.06 -34.14 1.40
N UNK B 397 -27.07 -34.84 1.94
CA UNK B 397 -26.70 -36.17 1.44
C UNK B 397 -27.82 -37.19 1.61
N UNK B 398 -28.50 -37.15 2.75
CA UNK B 398 -29.51 -38.13 3.08
C UNK B 398 -30.65 -37.99 2.08
N UNK B 399 -30.85 -36.77 1.57
CA UNK B 399 -31.57 -36.58 0.31
C UNK B 399 -30.92 -37.14 -0.98
N UNK B 400 -22.32 -38.71 -4.82
CA UNK B 400 -21.30 -38.95 -3.81
C UNK B 400 -20.09 -38.06 -4.03
N UNK B 401 -19.52 -38.12 -5.23
CA UNK B 401 -18.35 -37.32 -5.56
C UNK B 401 -18.66 -35.83 -5.49
N UNK B 402 -19.84 -35.45 -5.96
CA UNK B 402 -20.27 -34.07 -5.92
C UNK B 402 -20.40 -33.61 -4.48
N UNK B 403 -20.94 -34.47 -3.62
CA UNK B 403 -21.09 -34.17 -2.21
C UNK B 403 -19.72 -33.97 -1.57
N UNK B 404 -18.78 -34.82 -1.96
CA UNK B 404 -17.41 -34.72 -1.45
C UNK B 404 -16.78 -33.40 -1.86
N UNK B 405 -17.03 -32.99 -3.10
CA UNK B 405 -16.50 -31.73 -3.62
C UNK B 405 -17.31 -30.54 -3.15
N UNK B 406 -18.58 -30.78 -2.84
CA UNK B 406 -19.48 -29.72 -2.38
C UNK B 406 -19.21 -29.42 -0.90
N UNK B 407 -18.99 -30.47 -0.13
CA UNK B 407 -18.68 -30.35 1.29
C UNK B 407 -17.38 -29.59 1.48
N UNK B 408 -16.41 -29.89 0.62
CA UNK B 408 -15.11 -29.22 0.69
C UNK B 408 -15.26 -27.72 0.46
N UNK B 409 -16.11 -27.34 -0.48
CA UNK B 409 -16.33 -25.94 -0.82
C UNK B 409 -17.12 -25.24 0.28
N UNK B 410 -18.11 -25.95 0.81
CA UNK B 410 -18.90 -25.36 1.88
C UNK B 410 -18.00 -25.07 3.09
N UNK B 411 -17.13 -26.03 3.41
CA UNK B 411 -16.22 -25.90 4.55
C UNK B 411 -15.27 -24.73 4.32
N UNK B 412 -14.85 -24.60 3.06
CA UNK B 412 -13.95 -23.56 2.63
C UNK B 412 -14.51 -22.16 2.82
N UNK B 413 -15.82 -21.96 2.59
CA UNK B 413 -16.35 -20.59 2.76
C UNK B 413 -16.17 -20.07 4.21
N UNK B 414 -16.45 -20.97 5.14
CA UNK B 414 -16.24 -20.88 6.59
C UNK B 414 -14.90 -20.24 6.89
N UNK B 415 -13.89 -20.60 6.10
CA UNK B 415 -12.55 -20.04 6.25
C UNK B 415 -12.58 -18.54 5.97
N UNK B 416 -13.33 -18.15 4.94
CA UNK B 416 -13.47 -16.73 4.62
C UNK B 416 -14.14 -16.00 5.77
N UNK B 417 -15.15 -16.63 6.36
CA UNK B 417 -15.83 -16.08 7.52
C UNK B 417 -14.86 -16.01 8.70
N UNK B 418 -14.05 -17.05 8.85
CA UNK B 418 -13.08 -17.12 9.93
C UNK B 418 -11.87 -16.23 9.71
N UNK B 419 -11.05 -16.10 10.75
CA UNK B 419 -9.73 -15.57 10.58
C UNK B 419 -9.11 -16.85 10.09
N UNK B 420 -9.56 -17.22 8.90
CA UNK B 420 -9.16 -18.44 8.18
C UNK B 420 -7.87 -18.28 7.38
N UNK B 421 -7.45 -19.37 6.74
CA UNK B 421 -6.22 -19.42 5.95
C UNK B 421 -5.02 -19.76 6.83
N UNK B 422 -5.30 -19.97 8.11
CA UNK B 422 -4.30 -20.46 9.05
C UNK B 422 -3.87 -21.88 8.65
N UNK B 423 -4.83 -22.67 8.19
CA UNK B 423 -4.58 -24.08 7.88
C UNK B 423 -4.49 -24.81 9.21
N UNK B 424 -13.29 -43.20 6.16
CA UNK B 424 -13.35 -42.13 5.17
C UNK B 424 -13.86 -40.83 5.78
N UNK B 425 -13.46 -39.70 5.21
CA UNK B 425 -13.88 -38.40 5.70
C UNK B 425 -15.40 -38.24 5.58
N UNK B 426 -15.95 -38.70 4.47
CA UNK B 426 -17.39 -38.63 4.25
C UNK B 426 -18.12 -39.48 5.29
N UNK B 427 -17.57 -40.64 5.60
CA UNK B 427 -18.13 -41.52 6.60
C UNK B 427 -18.11 -40.86 7.97
N UNK B 428 -17.02 -40.17 8.27
CA UNK B 428 -16.86 -39.48 9.54
C UNK B 428 -17.95 -38.42 9.73
N UNK B 429 -18.18 -37.64 8.69
CA UNK B 429 -19.19 -36.58 8.73
C UNK B 429 -20.57 -37.18 8.95
N UNK B 430 -20.83 -38.31 8.29
CA UNK B 430 -22.09 -39.01 8.43
C UNK B 430 -22.26 -39.51 9.87
N UNK B 431 -21.18 -40.01 10.44
CA UNK B 431 -21.20 -40.51 11.81
C UNK B 431 -21.22 -39.38 12.83
N UNK B 432 -18.54 -31.99 15.79
CA UNK B 432 -18.27 -32.43 17.15
C UNK B 432 -17.85 -33.88 17.09
N UNK B 433 -18.30 -34.57 16.04
CA UNK B 433 -17.65 -35.78 15.59
C UNK B 433 -16.28 -35.29 15.15
N UNK B 434 -16.26 -34.14 14.48
CA UNK B 434 -15.03 -33.48 14.06
C UNK B 434 -14.18 -33.02 15.23
N UNK B 435 -14.85 -32.50 16.26
CA UNK B 435 -14.17 -32.09 17.47
C UNK B 435 -13.56 -33.32 18.12
N UNK B 436 -14.29 -34.42 18.08
CA UNK B 436 -13.85 -35.69 18.63
C UNK B 436 -12.61 -36.16 17.90
N UNK B 437 -12.61 -35.98 16.57
CA UNK B 437 -11.47 -36.33 15.74
C UNK B 437 -10.26 -35.48 16.12
N UNK B 438 -10.51 -34.21 16.38
CA UNK B 438 -9.44 -33.30 16.82
C UNK B 438 -8.88 -33.78 18.15
N UNK B 439 -9.75 -34.23 19.04
CA UNK B 439 -9.35 -34.76 20.34
C UNK B 439 -8.49 -36.00 20.17
N UNK B 440 -8.88 -36.86 19.23
CA UNK B 440 -8.08 -38.04 18.94
C UNK B 440 -6.74 -37.56 18.42
N UNK C 1 -11.48 -11.55 18.78
CA UNK C 1 -11.30 -12.89 18.22
C UNK C 1 -9.83 -13.28 18.28
N UNK C 2 -8.99 -12.37 17.82
CA UNK C 2 -7.57 -12.61 17.80
C UNK C 2 -7.18 -12.84 19.25
N UNK C 3 -7.83 -12.10 20.14
CA UNK C 3 -7.60 -12.26 21.56
C UNK C 3 -7.97 -13.67 22.00
N UNK C 4 -9.05 -14.22 21.46
CA UNK C 4 -9.45 -15.57 21.83
C UNK C 4 -8.38 -16.56 21.41
N UNK C 5 -7.85 -16.38 20.21
CA UNK C 5 -6.81 -17.27 19.71
C UNK C 5 -5.60 -17.15 20.62
N UNK C 6 -5.29 -15.93 21.03
CA UNK C 6 -4.16 -15.66 21.89
C UNK C 6 -4.32 -16.35 23.23
N UNK C 7 -5.52 -16.33 23.77
CA UNK C 7 -5.81 -16.99 25.03
C UNK C 7 -5.59 -18.47 24.89
N UNK C 8 -6.04 -19.02 23.76
CA UNK C 8 -5.85 -20.44 23.54
C UNK C 8 -4.37 -20.76 23.49
N UNK C 9 -3.61 -19.90 22.82
CA UNK C 9 -2.17 -20.11 22.69
C UNK C 9 -1.50 -20.08 24.04
N UNK C 10 -1.92 -19.14 24.89
CA UNK C 10 -1.36 -19.00 26.23
C UNK C 10 -1.98 -20.00 27.19
N UNK C 11 -3.15 -20.53 26.83
CA UNK C 11 -3.84 -21.50 27.66
C UNK C 11 -3.02 -22.78 27.82
N UNK C 12 -2.40 -23.21 26.73
CA UNK C 12 -1.57 -24.42 26.74
C UNK C 12 -1.20 -24.84 25.32
N UNK C 13 4.60 -27.41 15.55
CA UNK C 13 3.21 -27.32 15.12
C UNK C 13 2.50 -26.18 15.87
N UNK C 14 2.70 -26.20 17.17
CA UNK C 14 2.12 -25.19 18.08
C UNK C 14 2.54 -23.78 17.65
N UNK C 15 3.83 -23.66 17.40
CA UNK C 15 4.45 -22.40 16.97
C UNK C 15 3.79 -21.89 15.70
N UNK C 16 3.64 -22.83 14.76
CA UNK C 16 3.02 -22.56 13.46
C UNK C 16 1.61 -22.02 13.64
N UNK C 17 0.88 -22.70 14.50
CA UNK C 17 -0.51 -22.36 14.84
C UNK C 17 -0.58 -20.93 15.37
N UNK C 18 0.34 -20.64 16.29
CA UNK C 18 0.45 -19.33 16.93
C UNK C 18 0.66 -18.25 15.87
N UNK C 19 1.58 -18.55 14.99
CA UNK C 19 1.95 -17.64 13.88
C UNK C 19 0.71 -17.33 13.03
N UNK C 20 0.00 -18.39 12.71
CA UNK C 20 -1.22 -18.32 11.90
C UNK C 20 -2.24 -17.39 12.57
N UNK C 21 -2.40 -17.60 13.86
CA UNK C 21 -3.33 -16.83 14.69
C UNK C 21 -2.97 -15.35 14.64
N UNK C 22 -1.68 -15.09 14.79
CA UNK C 22 -1.12 -13.74 14.76
C UNK C 22 -1.45 -13.06 13.43
N UNK C 23 -1.23 -13.82 12.37
CA UNK C 23 -1.49 -13.36 11.00
C UNK C 23 -2.95 -12.95 10.84
N UNK C 24 -3.80 -13.84 11.34
CA UNK C 24 -5.26 -13.64 11.29
C UNK C 24 -5.64 -12.33 12.00
N UNK C 25 -8.35 -25.47 32.13
CA UNK C 25 -8.61 -25.37 30.69
C UNK C 25 -10.06 -24.92 30.45
N UNK C 26 -10.95 -25.58 31.17
CA UNK C 26 -12.39 -25.31 31.10
C UNK C 26 -12.67 -23.84 31.44
N UNK C 27 -12.04 -23.42 32.52
CA UNK C 27 -12.17 -22.05 33.03
C UNK C 27 -11.74 -21.05 31.96
N UNK C 28 -10.60 -21.35 31.37
CA UNK C 28 -10.00 -20.54 30.31
C UNK C 28 -10.98 -20.39 29.14
N UNK C 29 -11.54 -21.52 28.76
CA UNK C 29 -12.51 -21.61 27.66
C UNK C 29 -13.71 -20.71 27.95
N UNK C 30 -14.19 -20.82 29.18
CA UNK C 30 -15.35 -20.05 29.66
C UNK C 30 -15.05 -18.55 29.53
N UNK C 31 -13.87 -18.19 29.98
CA UNK C 31 -13.39 -16.80 29.96
C UNK C 31 -13.40 -16.27 28.53
N UNK C 32 -12.86 -17.10 27.64
CA UNK C 32 -12.78 -16.79 26.21
C UNK C 32 -14.17 -16.51 25.65
N UNK C 33 -18.68 -8.83 30.88
CA UNK C 33 -18.02 -7.64 30.36
C UNK C 33 -16.91 -8.00 29.40
N UNK C 34 -16.03 -8.90 29.84
CA UNK C 34 -14.90 -9.34 29.02
C UNK C 34 -15.38 -9.82 27.64
N UNK C 35 -16.39 -10.69 27.65
CA UNK C 35 -16.93 -11.22 26.41
C UNK C 35 -17.40 -10.11 25.48
N UNK C 36 -18.13 -9.15 26.03
CA UNK C 36 -18.63 -8.02 25.26
C UNK C 36 -17.48 -7.25 24.59
N UNK C 37 -16.44 -6.99 25.35
CA UNK C 37 -15.28 -6.27 24.85
C UNK C 37 -14.65 -7.00 23.66
N UNK C 38 -14.48 -8.32 23.81
CA UNK C 38 -13.91 -9.13 22.75
C UNK C 38 -14.73 -9.04 21.47
N UNK C 39 -16.05 -9.12 21.61
CA UNK C 39 -16.95 -9.05 20.47
C UNK C 39 -16.81 -7.71 19.75
N UNK C 40 -16.75 -6.64 20.52
CA UNK C 40 -16.62 -5.30 19.96
C UNK C 40 -15.33 -5.17 19.14
N UNK C 41 -14.24 -5.69 19.68
CA UNK C 41 -12.95 -5.63 19.00
C UNK C 41 -13.01 -6.35 17.66
N UNK C 42 -13.69 -7.50 17.64
CA UNK C 42 -13.81 -8.29 16.43
C UNK C 42 -14.58 -7.53 15.35
N UNK C 43 -15.64 -6.85 15.77
CA UNK C 43 -16.47 -6.08 14.83
C UNK C 43 -15.64 -4.99 14.15
N UNK C 44 -14.85 -4.27 14.93
CA UNK C 44 -14.00 -3.20 14.40
C UNK C 44 -12.96 -3.74 13.42
N UNK C 45 -12.27 -37.81 31.09
CA UNK C 45 -11.52 -36.66 31.61
C UNK C 45 -10.99 -35.81 30.44
N UNK C 46 -10.41 -36.51 29.49
CA UNK C 46 -9.85 -35.90 28.28
C UNK C 46 -10.92 -35.10 27.54
N UNK C 47 -12.06 -35.74 27.39
CA UNK C 47 -13.23 -35.16 26.71
C UNK C 47 -13.64 -33.86 27.40
N UNK C 48 -13.73 -33.91 28.73
CA UNK C 48 -14.13 -32.75 29.52
C UNK C 48 -13.12 -31.61 29.39
N UNK C 49 -11.84 -31.95 29.40
CA UNK C 49 -10.81 -30.96 29.14
C UNK C 49 -11.04 -30.50 27.72
N UNK C 50 -11.37 -31.45 26.86
CA UNK C 50 -11.79 -31.18 25.48
C UNK C 50 -13.15 -30.47 25.48
N UNK C 51 -14.05 -31.02 26.27
CA UNK C 51 -15.41 -30.50 26.43
C UNK C 51 -15.37 -29.05 26.89
N UNK C 52 -14.54 -28.83 27.91
CA UNK C 52 -14.34 -27.51 28.51
C UNK C 52 -13.88 -26.51 27.45
N UNK C 53 -12.91 -26.96 26.68
CA UNK C 53 -12.31 -26.16 25.60
C UNK C 53 -13.40 -25.74 24.59
N UNK C 54 -14.19 -26.73 24.23
CA UNK C 54 -15.30 -26.56 23.28
C UNK C 54 -16.26 -25.48 23.80
N UNK C 55 -2.64 -6.00 17.73
CA UNK C 55 -2.96 -7.34 18.15
C UNK C 55 -2.42 -7.67 19.52
N UNK C 56 -1.13 -7.36 19.73
CA UNK C 56 -0.49 -7.63 21.00
C UNK C 56 -1.15 -6.83 22.13
N UNK C 57 -1.49 -5.58 21.84
CA UNK C 57 -2.16 -4.72 22.81
C UNK C 57 -3.52 -5.31 23.18
N UNK C 58 -4.22 -5.80 22.17
CA UNK C 58 -5.52 -6.42 22.39
C UNK C 58 -5.38 -7.66 23.26
N UNK C 59 -4.33 -8.43 23.02
CA UNK C 59 -4.06 -9.63 23.81
C UNK C 59 -3.79 -9.24 25.27
N UNK C 60 -3.05 -8.16 25.45
CA UNK C 60 -2.74 -7.66 26.78
C UNK C 60 -4.02 -7.23 27.50
N UNK C 61 -4.92 -6.59 26.76
CA UNK C 61 -6.18 -6.12 27.32
C UNK C 61 -7.07 -7.29 27.73
N UNK C 62 -7.34 -8.18 26.78
CA UNK C 62 -8.17 -9.34 27.04
C UNK C 62 -7.45 -10.15 28.10
N UNK C 63 -6.13 -10.18 27.99
CA UNK C 63 -5.27 -10.95 28.89
C UNK C 63 -5.44 -10.48 30.32
N UNK C 64 -5.57 -9.17 30.51
CA UNK C 64 -5.84 -8.64 31.84
C UNK C 64 -7.18 -9.23 32.28
N UNK C 65 -8.13 -9.28 31.35
CA UNK C 65 -9.39 -9.95 31.61
C UNK C 65 -9.11 -11.43 31.83
N UNK C 66 -8.21 -12.00 31.03
CA UNK C 66 -7.86 -13.41 31.16
C UNK C 66 -7.04 -13.68 32.42
N UNK D 1 44.36 68.70 -2.61
CA UNK D 1 44.84 68.43 -1.26
C UNK D 1 44.76 66.94 -0.95
N UNK D 2 43.64 66.53 -0.35
CA UNK D 2 43.39 65.13 -0.04
C UNK D 2 44.11 64.68 1.22
N UNK D 3 44.70 65.62 1.95
CA UNK D 3 45.41 65.29 3.18
C UNK D 3 44.75 65.90 4.39
N UNK D 4 44.49 65.09 5.41
CA UNK D 4 43.87 65.57 6.64
C UNK D 4 44.72 65.25 7.86
N UNK D 5 44.96 66.26 8.69
CA UNK D 5 45.71 66.08 9.93
C UNK D 5 44.86 66.45 11.13
N UNK D 6 44.82 65.58 12.13
CA UNK D 6 43.99 65.82 13.31
C UNK D 6 44.77 65.72 14.62
N UNK D 7 44.63 66.74 15.45
CA UNK D 7 45.29 66.73 16.76
C UNK D 7 44.82 65.55 17.58
N UNK D 8 43.52 65.25 17.56
CA UNK D 8 43.09 64.04 18.25
C UNK D 8 43.74 62.84 17.56
N UNK D 9 43.69 62.86 16.24
CA UNK D 9 44.36 61.84 15.43
C UNK D 9 45.87 61.91 15.61
N UNK D 10 46.39 63.13 15.64
CA UNK D 10 47.82 63.34 15.84
C UNK D 10 48.23 62.83 17.21
N UNK D 11 47.40 63.11 18.20
CA UNK D 11 47.66 62.66 19.56
C UNK D 11 47.70 61.14 19.60
N UNK D 12 46.76 60.52 18.90
CA UNK D 12 46.60 59.07 18.92
C UNK D 12 47.79 58.30 18.37
N UNK D 13 48.40 58.86 17.33
CA UNK D 13 49.57 58.25 16.72
C UNK D 13 50.83 58.44 17.56
N UNK D 14 51.40 57.34 18.03
CA UNK D 14 52.64 57.37 18.79
C UNK D 14 53.58 56.27 18.30
N UNK D 15 54.83 56.64 18.01
CA UNK D 15 55.81 55.69 17.50
C UNK D 15 56.99 55.52 18.44
N UNK D 16 57.33 54.28 18.76
CA UNK D 16 58.44 53.98 19.66
C UNK D 16 59.66 54.83 19.34
N UNK D 17 55.50 61.66 16.76
CA UNK D 17 54.60 62.48 15.96
C UNK D 17 54.88 62.33 14.47
N UNK D 18 54.15 63.06 13.65
CA UNK D 18 54.32 63.00 12.20
C UNK D 18 55.72 63.47 11.80
N UNK D 19 56.18 64.54 12.45
CA UNK D 19 57.51 65.07 12.19
C UNK D 19 58.57 64.04 12.55
N UNK D 20 58.37 63.35 13.67
CA UNK D 20 59.28 62.31 14.10
C UNK D 20 59.32 61.17 13.09
N UNK D 21 58.15 60.83 12.56
CA UNK D 21 58.05 59.78 11.55
C UNK D 21 58.81 60.19 10.30
N UNK D 22 58.68 61.47 9.92
CA UNK D 22 59.38 61.99 8.77
C UNK D 22 60.90 61.91 8.98
N UNK D 23 61.33 62.23 10.20
CA UNK D 23 62.74 62.17 10.54
C UNK D 23 63.24 60.73 10.43
N UNK D 24 62.42 59.78 10.89
CA UNK D 24 62.76 58.38 10.81
C UNK D 24 62.90 57.95 9.35
N UNK D 25 62.00 58.44 8.51
CA UNK D 25 62.04 58.13 7.08
C UNK D 25 63.33 58.68 6.47
N UNK D 26 63.71 59.89 6.88
CA UNK D 26 64.93 60.51 6.40
C UNK D 26 66.14 59.67 6.81
N UNK D 27 66.11 59.17 8.04
CA UNK D 27 67.19 58.33 8.54
C UNK D 27 67.28 57.04 7.72
N UNK D 28 66.13 56.48 7.38
CA UNK D 28 66.07 55.27 6.57
C UNK D 28 66.67 55.54 5.19
N UNK D 29 66.35 56.71 4.63
CA UNK D 29 66.88 57.11 3.34
C UNK D 29 68.39 57.24 3.40
N UNK D 30 68.89 57.88 4.46
CA UNK D 30 70.24 58.44 4.46
C UNK D 30 71.39 57.45 4.32
N UNK D 31 71.37 56.33 5.03
CA UNK D 31 72.43 55.34 4.88
C UNK D 31 72.05 53.93 5.31
N UNK D 32 72.70 52.94 4.70
CA UNK D 32 72.49 51.54 5.04
C UNK D 32 73.46 51.08 6.13
N UNK D 33 74.35 51.98 6.54
CA UNK D 33 75.37 51.67 7.52
C UNK D 33 74.82 51.27 8.88
N UNK D 34 73.76 51.94 9.31
CA UNK D 34 73.15 51.65 10.60
C UNK D 34 72.59 50.23 10.62
N UNK D 35 71.98 49.83 9.51
CA UNK D 35 71.43 48.49 9.38
C UNK D 35 72.50 47.42 9.48
N UNK D 36 73.66 47.68 8.87
CA UNK D 36 74.76 46.73 8.87
C UNK D 36 75.27 46.43 10.27
N UNK D 37 75.37 47.47 11.10
CA UNK D 37 75.82 47.31 12.46
C UNK D 37 74.94 46.37 13.26
N UNK D 38 73.64 46.49 13.06
CA UNK D 38 72.67 45.70 13.82
C UNK D 38 72.88 44.22 13.55
N UNK D 39 73.14 43.87 12.30
CA UNK D 39 73.33 42.47 11.95
C UNK D 39 74.52 41.90 12.70
N UNK D 40 75.60 42.68 12.77
CA UNK D 40 76.75 42.27 13.55
C UNK D 40 76.34 42.21 15.01
N UNK D 41 75.55 43.19 15.43
CA UNK D 41 75.06 43.27 16.78
C UNK D 41 74.16 42.07 17.08
N UNK D 42 73.36 41.70 16.09
CA UNK D 42 72.41 40.61 16.25
C UNK D 42 73.15 39.32 16.57
N UNK D 43 74.23 39.07 15.85
CA UNK D 43 74.96 37.81 16.02
C UNK D 43 75.55 37.71 17.42
N UNK D 44 76.10 38.80 17.93
CA UNK D 44 76.64 38.82 19.28
C UNK D 44 75.57 38.61 20.33
N UNK D 45 74.42 39.27 20.14
CA UNK D 45 73.33 39.20 21.09
C UNK D 45 72.74 37.79 21.21
N UNK D 46 72.55 37.12 20.07
CA UNK D 46 71.80 35.85 20.04
C UNK D 46 72.48 34.70 19.29
N UNK D 47 72.07 33.47 19.62
CA UNK D 47 72.65 32.26 19.04
C UNK D 47 71.63 31.21 18.55
N UNK D 48 72.06 30.37 17.62
CA UNK D 48 71.20 29.36 16.99
C UNK D 48 71.92 28.02 16.75
N UNK D 49 71.15 26.92 16.73
CA UNK D 49 71.70 25.59 16.48
C UNK D 49 70.78 24.70 15.63
N UNK D 50 71.37 23.77 14.88
CA UNK D 50 70.60 22.81 14.06
C UNK D 50 71.21 21.41 14.05
N UNK D 51 70.37 20.39 13.86
CA UNK D 51 70.84 19.01 13.97
C UNK D 51 70.82 18.22 12.67
N PRO D 52 71.91 17.51 12.38
CA PRO D 52 71.95 16.63 11.22
C PRO D 52 70.87 15.56 11.39
N PHE D 53 70.77 15.01 12.60
CA PHE D 53 69.72 14.02 12.89
C PHE D 53 69.76 12.88 11.88
N LEU D 54 70.96 12.44 11.52
CA LEU D 54 71.11 11.42 10.49
C LEU D 54 70.46 10.09 10.88
N LYS D 55 70.62 9.69 12.13
CA LYS D 55 70.04 8.44 12.62
C LYS D 55 68.52 8.53 12.70
N THR D 56 67.84 7.44 12.36
CA THR D 56 66.40 7.36 12.50
C THR D 56 66.06 7.41 13.99
N THR D 57 64.97 8.08 14.34
CA THR D 57 64.62 8.24 15.74
C THR D 57 63.22 7.73 15.98
N PRO D 58 63.08 6.85 16.97
CA PRO D 58 61.81 6.19 17.25
C PRO D 58 61.21 6.50 18.61
N ARG D 59 59.99 7.01 18.58
CA ARG D 59 59.21 7.27 19.77
C ARG D 59 57.88 6.54 19.61
N PRO D 60 57.54 5.73 20.59
CA PRO D 60 56.35 4.87 20.51
C PRO D 60 55.06 5.64 20.63
N LEU D 61 54.04 5.24 19.88
CA LEU D 61 52.71 5.78 20.09
C LEU D 61 52.32 5.34 21.49
N ARG D 62 51.74 6.27 22.25
CA ARG D 62 51.43 6.02 23.66
C ARG D 62 49.94 6.11 23.93
N LEU D 63 49.42 5.12 24.65
CA LEU D 63 48.02 5.08 25.01
C LEU D 63 47.84 5.18 26.52
N PRO D 64 46.90 6.13 26.95
CA PRO D 64 46.76 6.17 28.41
C PRO D 64 45.53 5.36 28.81
N ASP D 65 45.70 4.47 29.79
CA ASP D 65 44.64 3.52 30.10
C ASP D 65 43.37 4.22 30.55
N GLY D 66 42.25 3.76 30.00
CA GLY D 66 40.94 4.26 30.33
C GLY D 66 39.93 3.18 30.04
N PRO D 67 38.75 3.28 30.65
CA PRO D 67 37.71 2.27 30.40
C PRO D 67 37.63 2.00 28.90
N PRO D 68 37.25 0.79 28.50
CA PRO D 68 37.23 0.45 27.07
C PRO D 68 36.26 1.33 26.28
N CYS D 69 36.69 1.74 25.09
CA CYS D 69 35.92 2.64 24.22
C CYS D 69 34.64 2.02 23.67
N SER D 70 33.63 2.85 23.47
CA SER D 70 32.35 2.43 22.94
C SER D 70 32.04 3.22 21.67
N GLN D 71 31.41 2.58 20.70
CA GLN D 71 31.15 3.19 19.41
C GLN D 71 30.26 4.43 19.51
N ARG D 72 30.61 5.46 18.75
CA ARG D 72 29.88 6.72 18.75
C ARG D 72 28.92 6.84 17.56
N SER D 73 28.77 5.76 16.82
CA SER D 73 28.00 5.78 15.59
C SER D 73 26.53 6.13 15.82
N LYS D 74 25.98 6.93 14.92
CA LYS D 74 24.61 7.40 15.01
C LYS D 74 23.72 6.18 14.88
N PHE D 75 24.10 5.28 13.98
CA PHE D 75 23.44 3.99 13.87
C PHE D 75 24.45 2.87 14.05
N LEU D 76 23.95 1.64 14.18
CA LEU D 76 24.79 0.45 14.16
C LEU D 76 25.28 0.18 12.74
N LEU D 77 26.50 -0.31 12.61
CA LEU D 77 27.04 -0.63 11.29
C LEU D 77 27.17 -2.13 11.06
N MET D 78 28.22 -2.72 11.64
CA MET D 78 28.46 -4.15 11.51
C MET D 78 27.36 -4.97 12.17
N ASP D 79 26.90 -4.50 13.33
CA ASP D 79 25.94 -5.21 14.14
C ASP D 79 24.53 -4.94 13.64
N ALA D 80 24.43 -4.11 12.60
CA ALA D 80 23.11 -3.79 12.03
C ALA D 80 22.42 -5.02 11.47
N LEU D 81 21.10 -5.04 11.51
CA LEU D 81 20.35 -6.14 10.91
C LEU D 81 19.20 -5.57 10.11
N LYS D 82 19.11 -5.97 8.85
CA LYS D 82 18.05 -5.48 7.97
C LYS D 82 16.93 -6.50 7.84
N LEU D 83 15.69 -6.02 7.92
CA LEU D 83 14.54 -6.78 7.46
C LEU D 83 14.19 -6.21 6.09
N SER D 84 14.14 -7.04 5.05
CA SER D 84 13.96 -6.49 3.70
C SER D 84 12.85 -7.09 2.84
N ILE D 85 12.47 -6.33 1.82
CA ILE D 85 11.46 -6.72 0.86
C ILE D 85 11.87 -6.23 -0.54
N GLU D 86 11.00 -6.44 -1.53
CA GLU D 86 11.24 -5.91 -2.88
C GLU D 86 10.30 -4.75 -3.22
N ILE D 95 6.67 5.50 0.51
CA ILE D 95 6.07 5.69 1.84
C ILE D 95 6.71 4.78 2.87
N PRO D 96 7.72 5.32 3.58
CA PRO D 96 8.54 4.63 4.58
C PRO D 96 7.75 3.73 5.52
N LEU D 97 6.74 4.27 6.20
CA LEU D 97 5.97 3.46 7.14
C LEU D 97 5.30 2.26 6.50
N TYR D 98 4.80 2.45 5.29
CA TYR D 98 4.18 1.34 4.58
C TYR D 98 5.24 0.26 4.39
N ASP D 99 6.41 0.68 3.91
CA ASP D 99 7.50 -0.25 3.67
C ASP D 99 8.05 -0.83 4.98
N ALA D 100 8.02 -0.03 6.04
CA ALA D 100 8.48 -0.50 7.33
C ALA D 100 7.66 -1.71 7.76
N ILE D 101 6.35 -1.57 7.71
CA ILE D 101 5.46 -2.65 8.10
C ILE D 101 5.63 -3.87 7.19
N LYS D 102 5.72 -3.65 5.88
CA LYS D 102 5.93 -4.77 4.98
C LYS D 102 7.23 -5.50 5.29
N CYS D 103 8.24 -4.76 5.72
CA CYS D 103 9.52 -5.37 6.10
C CYS D 103 9.40 -6.16 7.38
N MET D 104 8.68 -5.60 8.35
CA MET D 104 8.55 -6.27 9.63
C MET D 104 7.74 -7.54 9.47
N LYS D 105 6.84 -7.53 8.50
CA LYS D 105 5.98 -8.68 8.25
C LYS D 105 6.79 -9.86 7.71
N THR D 106 7.98 -9.59 7.20
CA THR D 106 8.83 -10.67 6.73
C THR D 106 9.52 -11.37 7.91
N PHE D 107 9.19 -10.96 9.13
CA PHE D 107 9.77 -11.58 10.32
C PHE D 107 8.64 -12.16 11.14
N PHE D 108 8.85 -13.34 11.69
CA PHE D 108 7.76 -14.07 12.34
C PHE D 108 8.19 -14.58 13.72
N GLY D 109 9.14 -13.87 14.33
CA GLY D 109 9.63 -14.22 15.66
C GLY D 109 9.46 -13.13 16.72
N TRP D 110 8.68 -12.10 16.41
CA TRP D 110 8.38 -11.07 17.41
C TRP D 110 7.92 -11.71 18.71
N LYS D 111 8.51 -11.31 19.82
CA LYS D 111 8.04 -11.78 21.11
C LYS D 111 7.94 -10.64 22.13
N GLU D 112 7.47 -10.97 23.34
CA GLU D 112 7.42 -10.00 24.44
C GLU D 112 8.80 -9.46 24.75
N PRO D 113 8.99 -8.15 24.56
CA PRO D 113 10.30 -7.52 24.69
C PRO D 113 10.76 -7.57 26.13
N ASN D 114 12.06 -7.78 26.34
CA ASN D 114 12.63 -7.86 27.66
C ASN D 114 14.06 -7.28 27.68
N ILE D 115 14.40 -6.60 28.76
CA ILE D 115 15.73 -6.03 28.90
C ILE D 115 16.76 -7.10 29.23
N VAL D 116 17.87 -7.08 28.48
CA VAL D 116 18.97 -8.02 28.68
C VAL D 116 20.29 -7.30 29.03
N LYS D 117 20.40 -6.05 28.60
CA LYS D 117 21.59 -5.25 28.92
C LYS D 117 21.15 -3.83 29.21
N PRO D 118 21.04 -3.47 30.50
CA PRO D 118 20.45 -2.19 30.91
C PRO D 118 21.44 -1.04 30.73
N HIS D 119 20.90 0.15 30.55
CA HIS D 119 21.70 1.35 30.69
C HIS D 119 21.85 1.52 32.19
N GLU D 120 23.08 1.62 32.67
CA GLU D 120 23.27 1.81 34.10
C GLU D 120 22.74 3.16 34.58
N LYS D 121 23.09 4.22 33.85
CA LYS D 121 22.56 5.55 34.13
C LYS D 121 21.07 5.69 33.81
N GLY D 122 20.69 5.13 32.66
CA GLY D 122 19.34 5.25 32.14
C GLY D 122 18.29 4.40 32.81
N ILE D 123 17.06 4.92 32.88
CA ILE D 123 15.93 4.12 33.27
C ILE D 123 15.75 3.07 32.19
N ASN D 124 15.43 1.85 32.57
CA ASN D 124 15.35 0.75 31.61
C ASN D 124 13.94 0.34 31.17
N PRO D 125 13.00 0.20 32.12
CA PRO D 125 11.66 -0.21 31.70
C PRO D 125 11.14 0.74 30.65
N ASN D 126 11.64 1.97 30.66
CA ASN D 126 11.20 3.00 29.71
C ASN D 126 11.51 2.63 28.26
N TYR D 127 12.70 2.10 28.05
CA TYR D 127 13.14 1.66 26.73
C TYR D 127 12.25 0.53 26.24
N LEU D 128 11.91 -0.39 27.14
CA LEU D 128 10.93 -1.43 26.83
C LEU D 128 9.58 -0.79 26.60
N LEU D 129 9.24 0.18 27.46
CA LEU D 129 8.00 0.92 27.34
C LEU D 129 7.97 1.72 26.05
N ALA D 130 9.12 2.31 25.72
CA ALA D 130 9.26 3.08 24.49
C ALA D 130 9.04 2.17 23.29
N TRP D 131 9.59 0.95 23.37
CA TRP D 131 9.43 -0.03 22.31
C TRP D 131 7.97 -0.42 22.16
N LYS D 132 7.28 -0.56 23.28
CA LYS D 132 5.87 -0.87 23.27
C LYS D 132 5.07 0.24 22.60
N GLN D 133 5.43 1.48 22.90
CA GLN D 133 4.77 2.62 22.27
C GLN D 133 5.02 2.59 20.77
N VAL D 134 6.26 2.39 20.33
CA VAL D 134 6.44 2.45 18.88
C VAL D 134 5.66 1.32 18.19
N LEU D 135 5.85 0.11 18.69
CA LEU D 135 5.14 -1.04 18.13
C LEU D 135 3.65 -0.99 18.38
N ALA D 136 3.28 -0.65 19.61
CA ALA D 136 1.87 -0.61 19.97
C ALA D 136 1.16 0.45 19.17
N GLU D 137 1.80 1.61 19.07
CA GLU D 137 1.20 2.71 18.33
C GLU D 137 1.04 2.30 16.87
N LEU D 138 2.07 1.67 16.32
CA LEU D 138 1.98 1.31 14.91
C LEU D 138 0.82 0.35 14.70
N GLN D 139 0.70 -0.63 15.60
CA GLN D 139 -0.33 -1.63 15.46
C GLN D 139 -1.71 -1.00 15.56
N ASP D 140 -1.86 -0.08 16.50
CA ASP D 140 -3.16 0.54 16.71
C ASP D 140 -3.54 1.33 15.46
N ILE D 141 -2.57 2.05 14.91
CA ILE D 141 -2.86 2.87 13.75
C ILE D 141 -3.30 1.97 12.62
N GLU D 142 -2.56 0.87 12.44
CA GLU D 142 -2.85 -0.02 11.33
C GLU D 142 -4.25 -0.59 11.46
N ASN D 143 -4.61 -0.97 12.68
CA ASN D 143 -5.94 -1.51 12.92
C ASN D 143 -7.07 -0.51 12.70
N GLU D 144 -6.88 0.72 13.16
CA GLU D 144 -7.99 1.70 13.16
C GLU D 144 -7.82 2.91 12.25
N GLU D 145 -6.86 2.88 11.34
CA GLU D 145 -6.43 4.09 10.71
C GLU D 145 -5.70 3.79 9.43
N LYS D 146 -5.52 4.82 8.62
CA LYS D 146 -4.57 4.84 7.53
C LYS D 146 -3.77 6.12 7.73
N ILE D 147 -2.93 6.11 8.78
CA ILE D 147 -2.23 7.31 9.23
C ILE D 147 -1.15 7.80 8.27
N PRO D 148 -1.01 9.20 8.21
CA PRO D 148 0.08 9.63 7.33
C PRO D 148 1.27 10.19 8.13
N LYS D 149 2.46 9.66 7.86
CA LYS D 149 3.69 10.17 8.48
C LYS D 149 3.71 10.11 10.01
N THR D 150 4.12 11.21 10.64
CA THR D 150 4.34 11.27 12.09
C THR D 150 3.08 11.17 12.95
N LYS D 151 3.23 10.54 14.12
CA LYS D 151 2.17 10.47 15.11
C LYS D 151 2.73 10.86 16.48
N ASN D 152 1.91 11.50 17.30
CA ASN D 152 2.35 11.97 18.61
C ASN D 152 2.13 10.90 19.67
N MET D 153 3.20 10.53 20.35
CA MET D 153 3.15 9.53 21.41
C MET D 153 2.44 10.08 22.64
N ARG D 154 1.77 9.20 23.38
CA ARG D 154 1.16 9.59 24.64
C ARG D 154 2.30 9.97 25.57
N LYS D 155 2.09 10.97 26.42
CA LYS D 155 3.18 11.50 27.22
C LYS D 155 3.77 10.40 28.09
N THR D 156 5.09 10.34 28.12
CA THR D 156 5.79 9.31 28.87
C THR D 156 6.81 9.91 29.84
N SER D 157 6.81 9.41 31.06
CA SER D 157 7.77 9.86 32.06
C SER D 157 9.19 9.53 31.61
N GLN D 158 9.35 8.35 31.03
CA GLN D 158 10.67 7.89 30.61
C GLN D 158 11.12 8.55 29.31
N LEU D 159 10.20 8.68 28.36
CA LEU D 159 10.50 9.34 27.10
C LEU D 159 10.87 10.79 27.35
N LYS D 160 10.13 11.42 28.26
CA LYS D 160 10.36 12.80 28.64
C LYS D 160 11.74 12.99 29.26
N TRP D 161 12.16 12.01 30.05
CA TRP D 161 13.36 12.14 30.86
C TRP D 161 14.62 12.36 30.03
N ALA D 162 14.76 11.66 28.91
CA ALA D 162 15.95 11.85 28.10
C ALA D 162 15.87 13.13 27.27
N LEU D 163 14.70 13.37 26.70
CA LEU D 163 14.48 14.55 25.87
C LEU D 163 14.63 15.83 26.69
N GLY D 164 14.12 15.80 27.92
CA GLY D 164 14.19 16.95 28.79
C GLY D 164 14.61 16.58 30.20
N ASP D 187 34.99 22.81 26.08
CA ASP D 187 35.65 21.72 26.81
C ASP D 187 35.27 20.28 26.47
N SER D 188 33.98 19.98 26.35
CA SER D 188 33.54 18.68 25.86
C SER D 188 33.75 17.47 26.79
N ASP D 189 34.05 17.69 28.06
CA ASP D 189 34.15 16.60 29.04
C ASP D 189 35.10 15.46 28.62
N GLU D 190 36.30 15.82 28.16
CA GLU D 190 37.24 14.86 27.59
C GLU D 190 38.38 14.38 28.50
N PRO D 191 38.24 14.63 29.88
CA PRO D 191 39.49 14.37 30.65
C PRO D 191 40.04 12.93 30.65
N LYS D 192 39.20 11.90 30.79
CA LYS D 192 39.71 10.53 30.78
C LYS D 192 40.16 10.10 29.38
N PRO D 193 41.30 9.42 29.30
CA PRO D 193 41.72 8.85 28.03
C PRO D 193 41.25 7.40 27.95
N ARG D 194 40.33 7.13 27.04
CA ARG D 194 39.75 5.81 26.90
C ARG D 194 40.75 4.79 26.37
N SER D 195 40.67 3.55 26.86
CA SER D 195 41.49 2.48 26.32
C SER D 195 40.94 1.92 25.01
N LEU D 196 41.83 1.74 24.04
CA LEU D 196 41.44 1.14 22.77
C LEU D 196 40.86 -0.24 23.01
N ALA D 197 39.88 -0.62 22.20
CA ALA D 197 39.29 -1.95 22.24
C ALA D 197 39.31 -2.56 20.85
N SER D 198 39.37 -3.88 20.77
CA SER D 198 39.42 -4.59 19.49
C SER D 198 38.22 -4.29 18.58
N TRP D 199 37.09 -3.95 19.18
CA TRP D 199 35.87 -3.80 18.40
C TRP D 199 35.97 -2.79 17.26
N ILE D 200 36.55 -1.63 17.54
CA ILE D 200 36.73 -0.59 16.52
C ILE D 200 37.68 -1.02 15.41
N GLN D 201 38.76 -1.70 15.78
CA GLN D 201 39.78 -2.13 14.84
C GLN D 201 39.22 -3.12 13.80
N SER D 202 38.36 -4.01 14.28
CA SER D 202 37.76 -5.05 13.44
C SER D 202 36.90 -4.46 12.33
N GLU D 203 36.25 -3.35 12.62
CA GLU D 203 35.18 -2.81 11.78
C GLU D 203 35.68 -2.50 10.38
N PHE D 204 36.90 -1.99 10.30
CA PHE D 204 37.48 -1.67 9.01
C PHE D 204 37.62 -2.93 8.16
N ASN D 205 37.97 -4.05 8.79
CA ASN D 205 38.23 -5.28 8.05
C ASN D 205 36.95 -5.80 7.40
N LYS D 206 35.91 -5.99 8.20
CA LYS D 206 34.66 -6.53 7.71
C LYS D 206 34.04 -5.58 6.71
N ALA D 207 34.14 -4.30 7.06
CA ALA D 207 33.56 -3.15 6.36
C ALA D 207 34.19 -2.94 5.00
N CYS D 208 35.51 -3.14 4.97
CA CYS D 208 36.25 -3.13 3.73
C CYS D 208 35.64 -4.25 2.89
N GLU D 209 35.17 -5.30 3.56
CA GLU D 209 34.59 -6.42 2.89
C GLU D 209 33.38 -6.04 2.03
N LEU D 210 33.43 -6.59 0.84
CA LEU D 210 32.47 -6.58 -0.25
C LEU D 210 31.16 -7.20 0.21
N THR D 211 30.06 -6.66 -0.32
CA THR D 211 28.75 -7.23 -0.12
C THR D 211 28.38 -7.73 -1.49
N ASP D 212 27.89 -8.96 -1.57
CA ASP D 212 27.64 -9.53 -2.88
C ASP D 212 26.31 -8.96 -3.32
N SER D 213 26.33 -7.66 -3.58
CA SER D 213 25.12 -6.98 -4.02
C SER D 213 25.53 -5.70 -4.76
N SER D 214 24.60 -5.13 -5.52
CA SER D 214 24.85 -3.87 -6.18
C SER D 214 24.17 -2.77 -5.38
N TRP D 215 24.93 -1.77 -4.96
CA TRP D 215 24.40 -0.74 -4.08
C TRP D 215 23.66 0.35 -4.81
N ILE D 216 24.29 0.88 -5.85
CA ILE D 216 23.72 2.02 -6.56
C ILE D 216 23.74 1.81 -8.07
N GLU D 217 22.66 2.21 -8.72
CA GLU D 217 22.64 2.22 -10.17
C GLU D 217 22.61 3.66 -10.66
N LEU D 218 23.65 4.02 -11.41
CA LEU D 218 23.74 5.33 -12.03
C LEU D 218 23.96 5.12 -13.51
N ASP D 219 23.19 5.79 -14.35
CA ASP D 219 23.33 5.58 -15.78
C ASP D 219 22.88 6.78 -16.58
N GLU D 220 23.66 7.85 -16.51
CA GLU D 220 23.46 8.96 -17.42
C GLU D 220 24.62 8.91 -18.37
N ILE D 221 24.33 8.79 -19.66
CA ILE D 221 25.39 8.78 -20.63
C ILE D 221 25.41 10.14 -21.28
N ILE D 228 41.37 11.14 -24.38
CA ILE D 228 41.59 10.62 -23.05
C ILE D 228 40.28 10.50 -22.28
N GLU D 229 39.23 11.11 -22.83
CA GLU D 229 37.94 11.10 -22.16
C GLU D 229 37.44 9.68 -22.01
N HIS D 230 37.64 8.87 -23.04
CA HIS D 230 37.20 7.47 -23.01
C HIS D 230 37.94 6.73 -21.91
N ILE D 231 39.23 7.01 -21.77
CA ILE D 231 40.04 6.36 -20.76
C ILE D 231 39.53 6.73 -19.38
N ALA D 232 39.21 8.01 -19.21
CA ALA D 232 38.75 8.48 -17.92
C ALA D 232 37.46 7.75 -17.60
N SER D 233 36.61 7.62 -18.61
CA SER D 233 35.31 7.00 -18.43
C SER D 233 35.46 5.55 -18.02
N MET D 234 36.41 4.85 -18.64
CA MET D 234 36.66 3.46 -18.30
C MET D 234 37.16 3.30 -16.86
N ARG D 235 38.05 4.20 -16.46
CA ARG D 235 38.57 4.13 -15.10
C ARG D 235 37.41 4.36 -14.16
N ARG D 236 36.54 5.29 -14.54
CA ARG D 236 35.41 5.66 -13.71
C ARG D 236 34.49 4.46 -13.55
N ASN D 237 34.28 3.71 -14.63
CA ASN D 237 33.46 2.51 -14.57
C ASN D 237 34.04 1.43 -13.66
N TYR D 238 35.36 1.24 -13.73
CA TYR D 238 35.97 0.25 -12.85
C TYR D 238 35.72 0.69 -11.42
N PHE D 239 35.88 1.99 -11.20
CA PHE D 239 35.68 2.56 -9.88
C PHE D 239 34.25 2.43 -9.38
N THR D 240 33.30 2.57 -10.28
CA THR D 240 31.89 2.38 -9.98
C THR D 240 31.67 0.96 -9.53
N ALA D 241 32.30 0.00 -10.21
CA ALA D 241 32.17 -1.39 -9.78
C ALA D 241 32.73 -1.55 -8.36
N GLU D 242 33.86 -0.90 -8.13
CA GLU D 242 34.47 -0.97 -6.80
C GLU D 242 33.57 -0.38 -5.72
N VAL D 243 32.91 0.74 -6.04
CA VAL D 243 31.98 1.39 -5.13
C VAL D 243 30.79 0.49 -4.85
N SER D 244 30.35 -0.18 -5.89
CA SER D 244 29.21 -1.07 -5.82
C SER D 244 29.56 -2.12 -4.81
N HIS D 245 30.81 -2.56 -4.82
CA HIS D 245 31.23 -3.52 -3.80
C HIS D 245 31.90 -2.96 -2.53
N CYS D 246 31.10 -2.41 -1.61
CA CYS D 246 31.55 -2.16 -0.25
C CYS D 246 30.46 -1.92 0.81
N ARG D 247 30.69 -2.47 2.00
CA ARG D 247 29.90 -2.17 3.19
C ARG D 247 30.03 -0.69 3.59
N ALA D 248 31.21 -0.11 3.34
CA ALA D 248 31.38 1.31 3.57
C ALA D 248 30.34 2.08 2.77
N THR D 249 30.13 1.67 1.52
CA THR D 249 29.15 2.33 0.67
C THR D 249 27.73 2.21 1.21
N GLU D 250 27.38 1.04 1.74
CA GLU D 250 26.11 0.91 2.43
C GLU D 250 26.00 1.95 3.56
N TYR D 251 27.05 2.04 4.37
CA TYR D 251 27.08 3.01 5.45
C TYR D 251 26.79 4.42 4.94
N ILE D 252 27.38 4.77 3.80
CA ILE D 252 27.16 6.08 3.20
C ILE D 252 25.67 6.31 2.93
N MET D 253 25.06 5.37 2.23
CA MET D 253 23.67 5.48 1.82
C MET D 253 22.71 5.41 3.00
N LYS D 254 22.99 4.50 3.93
CA LYS D 254 22.23 4.42 5.18
C LYS D 254 22.18 5.79 5.85
N GLY D 255 23.33 6.46 5.89
CA GLY D 255 23.45 7.79 6.46
C GLY D 255 22.77 8.90 5.68
N VAL D 256 22.79 8.80 4.36
CA VAL D 256 22.17 9.83 3.54
C VAL D 256 20.67 9.91 3.81
N TYR D 257 20.03 8.74 3.92
CA TYR D 257 18.60 8.68 4.21
C TYR D 257 18.26 9.22 5.60
N ILE D 258 19.08 8.88 6.59
CA ILE D 258 18.83 9.28 7.98
C ILE D 258 18.88 10.79 8.17
N ASN D 259 19.87 11.43 7.54
CA ASN D 259 20.02 12.88 7.64
C ASN D 259 18.85 13.64 7.04
N THR D 260 18.35 13.14 5.92
CA THR D 260 17.31 13.81 5.17
C THR D 260 15.97 13.66 5.90
N ALA D 261 15.58 12.41 6.14
CA ALA D 261 14.34 12.12 6.84
C ALA D 261 14.20 12.92 8.14
N LEU D 262 15.24 12.87 8.96
CA LEU D 262 15.22 13.52 10.26
C LEU D 262 15.04 15.03 10.12
N LEU D 263 15.72 15.60 9.13
CA LEU D 263 15.65 17.05 8.90
C LEU D 263 14.24 17.47 8.52
N ASN D 264 13.62 16.70 7.62
CA ASN D 264 12.25 16.95 7.24
C ASN D 264 11.31 16.76 8.43
N ALA D 265 11.51 15.68 9.18
CA ALA D 265 10.66 15.47 10.32
C ALA D 265 10.86 16.58 11.35
N SER D 266 12.12 16.93 11.60
CA SER D 266 12.41 17.89 12.66
C SER D 266 11.90 19.31 12.43
N CYS D 267 12.10 19.83 11.23
CA CYS D 267 11.72 21.22 10.99
C CYS D 267 10.21 21.45 11.08
N ALA D 268 9.46 20.63 10.35
CA ALA D 268 8.02 20.81 10.24
C ALA D 268 7.31 20.65 11.58
N ALA D 269 7.73 19.66 12.35
CA ALA D 269 7.16 19.43 13.66
C ALA D 269 8.24 19.23 14.72
N MET D 270 8.96 20.29 15.04
CA MET D 270 9.93 20.24 16.11
C MET D 270 9.17 19.96 17.39
N ASP D 271 8.02 20.62 17.53
CA ASP D 271 7.12 20.38 18.64
C ASP D 271 6.56 18.96 18.60
N ASP D 272 6.23 18.48 17.39
CA ASP D 272 5.62 17.17 17.26
C ASP D 272 6.62 16.01 17.17
N PHE D 273 6.37 14.97 17.95
CA PHE D 273 7.17 13.75 17.90
C PHE D 273 6.86 12.96 16.64
N GLN D 274 7.87 12.31 16.08
CA GLN D 274 7.69 11.54 14.85
C GLN D 274 8.36 10.18 14.93
N LEU D 275 7.77 9.19 14.27
CA LEU D 275 8.37 7.86 14.14
C LEU D 275 8.99 7.71 12.75
N ILE D 276 10.32 7.64 12.70
CA ILE D 276 10.99 7.54 11.42
C ILE D 276 11.60 6.18 11.20
N PRO D 277 11.14 5.46 10.18
CA PRO D 277 11.79 4.21 9.82
C PRO D 277 13.20 4.50 9.34
N MET D 278 14.14 3.65 9.75
CA MET D 278 15.49 3.69 9.23
C MET D 278 15.57 2.80 8.00
N ILE D 279 15.73 3.29 6.86
CA ILE D 279 15.51 2.64 5.58
C ILE D 279 16.67 2.83 4.61
N SER D 280 16.89 1.82 3.76
CA SER D 280 17.80 1.94 2.63
C SER D 280 17.21 1.19 1.43
N LYS D 281 17.71 1.47 0.23
CA LYS D 281 17.23 0.84 -0.99
C LYS D 281 18.38 0.17 -1.71
N CYS D 282 18.10 -0.91 -2.42
CA CYS D 282 19.12 -1.50 -3.28
C CYS D 282 18.52 -2.25 -4.46
N ARG D 283 19.40 -2.68 -5.36
CA ARG D 283 19.04 -3.44 -6.55
C ARG D 283 19.71 -4.79 -6.40
N THR D 284 18.95 -5.86 -6.49
CA THR D 284 19.51 -7.20 -6.34
C THR D 284 20.37 -7.60 -7.55
N LYS D 285 20.92 -8.81 -7.51
CA LYS D 285 21.65 -9.33 -8.66
C LYS D 285 20.66 -9.48 -9.81
N GLU D 286 19.55 -10.16 -9.51
CA GLU D 286 18.51 -10.42 -10.50
C GLU D 286 17.81 -9.15 -10.96
N GLY D 287 18.17 -8.02 -10.35
CA GLY D 287 17.71 -6.72 -10.81
C GLY D 287 16.54 -6.09 -10.07
N ARG D 288 15.91 -6.86 -9.19
CA ARG D 288 14.75 -6.37 -8.44
C ARG D 288 15.13 -5.24 -7.49
N ARG D 289 14.32 -4.19 -7.47
CA ARG D 289 14.50 -3.12 -6.49
C ARG D 289 14.01 -3.53 -5.10
N LYS D 290 14.85 -3.33 -4.10
CA LYS D 290 14.56 -3.76 -2.74
C LYS D 290 14.56 -2.61 -1.75
N THR D 291 13.64 -2.67 -0.79
CA THR D 291 13.56 -1.69 0.27
C THR D 291 13.83 -2.34 1.62
N ASN D 292 14.88 -1.90 2.30
CA ASN D 292 15.31 -2.55 3.52
C ASN D 292 15.07 -1.70 4.77
N LEU D 293 14.45 -2.31 5.77
CA LEU D 293 14.20 -1.61 7.02
C LEU D 293 15.07 -2.20 8.12
N TYR D 294 15.82 -1.33 8.78
CA TYR D 294 16.70 -1.74 9.89
C TYR D 294 16.12 -1.61 11.31
N GLY D 295 15.51 -0.47 11.61
CA GLY D 295 14.92 -0.20 12.90
C GLY D 295 14.21 1.12 12.82
N PHE D 296 14.00 1.77 13.96
CA PHE D 296 13.27 3.03 14.01
C PHE D 296 14.01 4.13 14.75
N ILE D 297 13.70 5.36 14.36
CA ILE D 297 14.15 6.52 15.09
C ILE D 297 12.92 7.34 15.46
N ILE D 298 12.92 7.84 16.69
CA ILE D 298 11.92 8.77 17.18
C ILE D 298 12.62 10.08 17.56
N LYS D 299 12.05 11.21 17.14
CA LYS D 299 12.71 12.51 17.34
C LYS D 299 12.06 13.32 18.47
N GLY D 300 12.90 13.82 19.37
CA GLY D 300 12.44 14.56 20.52
C GLY D 300 12.11 15.98 20.12
N ARG D 301 11.75 16.82 21.08
CA ARG D 301 11.28 18.15 20.75
C ARG D 301 12.21 19.25 21.27
N SER D 302 12.68 20.07 20.34
CA SER D 302 13.48 21.24 20.68
C SER D 302 13.42 22.25 19.55
N HIS D 303 13.71 23.51 19.87
CA HIS D 303 13.89 24.53 18.86
C HIS D 303 15.35 24.95 18.97
N LEU D 304 16.09 24.91 17.87
CA LEU D 304 17.51 25.18 17.95
C LEU D 304 17.96 26.58 17.49
N ARG D 305 19.14 26.97 17.94
CA ARG D 305 19.89 28.04 17.31
C ARG D 305 20.95 27.34 16.48
N ASN D 306 20.89 27.54 15.16
CA ASN D 306 21.75 26.80 14.23
C ASN D 306 23.23 27.15 14.26
N ASP D 307 24.09 26.15 14.06
CA ASP D 307 23.70 24.73 14.07
C ASP D 307 23.96 24.15 15.44
N THR D 308 24.51 24.98 16.32
CA THR D 308 24.87 24.62 17.68
C THR D 308 23.83 23.74 18.38
N ASP D 309 22.56 24.04 18.15
CA ASP D 309 21.47 23.38 18.87
C ASP D 309 21.40 21.87 18.61
N VAL D 310 21.09 21.14 19.68
CA VAL D 310 20.94 19.69 19.62
C VAL D 310 19.52 19.18 19.85
N VAL D 311 19.11 18.23 19.03
CA VAL D 311 17.81 17.60 19.15
C VAL D 311 18.05 16.13 19.41
N ASN D 312 17.38 15.58 20.42
CA ASN D 312 17.61 14.20 20.78
C ASN D 312 16.50 13.29 20.25
N PHE D 313 16.90 12.35 19.41
CA PHE D 313 15.98 11.35 18.89
C PHE D 313 16.49 9.98 19.31
N VAL D 314 15.62 9.19 19.91
CA VAL D 314 16.01 7.87 20.38
C VAL D 314 16.03 6.91 19.20
N SER D 315 17.09 6.11 19.15
CA SER D 315 17.26 5.19 18.04
C SER D 315 16.87 3.80 18.52
N MET D 316 16.28 3.02 17.61
CA MET D 316 15.89 1.65 17.92
C MET D 316 16.29 0.72 16.78
N GLU D 317 17.37 -0.03 16.96
CA GLU D 317 17.94 -0.78 15.85
C GLU D 317 18.01 -2.30 16.06
N PHE D 318 17.62 -3.05 15.02
CA PHE D 318 17.62 -4.50 15.07
C PHE D 318 19.03 -5.01 15.02
N SER D 319 19.32 -6.05 15.79
CA SER D 319 20.62 -6.69 15.70
C SER D 319 20.54 -8.16 16.14
N LEU D 320 21.39 -8.98 15.56
CA LEU D 320 21.57 -10.36 16.01
C LEU D 320 22.69 -10.43 17.04
N THR D 321 23.32 -9.30 17.32
CA THR D 321 24.48 -9.27 18.21
C THR D 321 24.12 -9.26 19.69
N ASP D 322 24.58 -10.27 20.41
CA ASP D 322 24.42 -10.32 21.85
C ASP D 322 25.25 -9.21 22.52
N PRO D 323 24.58 -8.30 23.24
CA PRO D 323 25.25 -7.17 23.89
C PRO D 323 26.24 -7.62 24.95
N ARG D 324 26.09 -8.86 25.40
CA ARG D 324 26.85 -9.33 26.55
C ARG D 324 28.25 -9.85 26.21
N LEU D 325 28.55 -9.99 24.92
CA LEU D 325 29.89 -10.36 24.50
C LEU D 325 30.89 -9.21 24.70
N GLU D 326 30.43 -7.98 24.48
CA GLU D 326 31.27 -6.79 24.64
C GLU D 326 30.43 -5.68 25.24
N PRO D 327 30.02 -5.86 26.51
CA PRO D 327 29.13 -4.88 27.14
C PRO D 327 29.75 -3.50 27.07
N HIS D 328 31.07 -3.43 27.09
CA HIS D 328 31.77 -2.16 27.09
C HIS D 328 31.44 -1.31 25.87
N LYS D 329 31.35 -1.96 24.71
CA LYS D 329 30.97 -1.31 23.46
C LYS D 329 29.61 -0.63 23.57
N TRP D 330 28.74 -1.18 24.41
CA TRP D 330 27.34 -0.74 24.44
C TRP D 330 26.95 0.10 25.66
N GLU D 331 27.92 0.81 26.22
CA GLU D 331 27.70 1.58 27.45
C GLU D 331 26.55 2.58 27.32
N LYS D 332 26.38 3.17 26.14
CA LYS D 332 25.37 4.20 25.93
C LYS D 332 24.00 3.61 25.61
N TYR D 333 23.90 2.29 25.67
CA TYR D 333 22.73 1.59 25.15
C TYR D 333 21.93 0.83 26.20
N CYS D 334 20.61 0.87 26.08
CA CYS D 334 19.77 -0.18 26.65
C CYS D 334 19.48 -1.19 25.56
N VAL D 335 19.74 -2.46 25.83
CA VAL D 335 19.47 -3.47 24.80
C VAL D 335 18.36 -4.44 25.22
N LEU D 336 17.29 -4.44 24.44
CA LEU D 336 16.18 -5.37 24.62
C LEU D 336 16.34 -6.64 23.79
N GLU D 337 15.71 -7.72 24.25
CA GLU D 337 15.49 -8.86 23.38
C GLU D 337 14.06 -8.76 22.89
N ILE D 338 13.89 -8.68 21.57
CA ILE D 338 12.59 -8.36 21.00
C ILE D 338 12.00 -9.47 20.15
N GLY D 339 12.70 -10.58 20.05
CA GLY D 339 12.21 -11.69 19.25
C GLY D 339 13.21 -12.79 19.10
N ASP D 340 12.82 -13.83 18.36
CA ASP D 340 13.73 -14.92 18.04
C ASP D 340 13.65 -15.24 16.56
N MET D 341 14.81 -15.48 15.95
CA MET D 341 14.90 -15.68 14.50
C MET D 341 15.39 -17.09 14.10
N LEU D 342 14.75 -17.66 13.09
CA LEU D 342 15.06 -18.99 12.59
C LEU D 342 15.86 -18.88 11.28
N LEU D 343 17.13 -19.29 11.33
CA LEU D 343 18.02 -19.12 10.19
C LEU D 343 18.44 -20.42 9.54
N ARG D 344 18.54 -20.40 8.22
CA ARG D 344 19.12 -21.50 7.45
C ARG D 344 20.63 -21.52 7.63
N THR D 345 21.19 -22.72 7.75
CA THR D 345 22.56 -22.85 8.22
C THR D 345 23.24 -24.09 7.67
N GLU D 346 24.57 -24.03 7.60
CA GLU D 346 25.36 -25.17 7.15
C GLU D 346 24.89 -26.46 7.82
N ILE D 347 24.36 -26.34 9.04
CA ILE D 347 23.88 -27.51 9.76
C ILE D 347 22.36 -27.57 9.96
N GLY D 348 21.63 -26.66 9.33
CA GLY D 348 20.17 -26.67 9.41
C GLY D 348 19.59 -25.41 10.03
N GLN D 349 18.37 -25.52 10.56
CA GLN D 349 17.71 -24.37 11.19
C GLN D 349 18.26 -24.15 12.59
N VAL D 350 18.67 -22.91 12.86
CA VAL D 350 19.17 -22.55 14.19
C VAL D 350 18.40 -21.32 14.70
N SER D 351 18.08 -21.31 15.99
CA SER D 351 17.32 -20.20 16.58
C SER D 351 18.27 -19.18 17.21
N ARG D 352 18.17 -17.92 16.81
CA ARG D 352 19.02 -16.85 17.37
C ARG D 352 18.18 -15.71 17.86
N PRO D 353 18.49 -15.19 19.06
CA PRO D 353 17.77 -14.06 19.60
C PRO D 353 17.93 -12.86 18.70
N MET D 354 16.87 -12.07 18.60
CA MET D 354 16.96 -10.80 17.92
C MET D 354 16.87 -9.68 18.97
N PHE D 355 17.87 -8.80 18.93
CA PHE D 355 17.94 -7.72 19.91
C PHE D 355 17.55 -6.39 19.30
N LEU D 356 17.07 -5.50 20.16
CA LEU D 356 16.85 -4.11 19.81
C LEU D 356 17.86 -3.28 20.59
N TYR D 357 18.75 -2.59 19.88
CA TYR D 357 19.67 -1.66 20.51
C TYR D 357 19.04 -0.28 20.64
N VAL D 358 18.92 0.21 21.87
CA VAL D 358 18.25 1.47 22.12
C VAL D 358 19.18 2.49 22.78
N ARG D 359 19.05 3.75 22.38
CA ARG D 359 19.83 4.80 23.03
C ARG D 359 19.27 6.15 22.66
N THR D 360 19.68 7.21 23.36
CA THR D 360 19.29 8.58 22.95
C THR D 360 20.42 9.43 22.30
N ASN D 361 20.13 10.05 21.15
CA ASN D 361 21.12 10.85 20.39
C ASN D 361 20.60 12.13 19.67
N GLY D 362 21.50 13.07 19.37
CA GLY D 362 21.15 14.34 18.72
C GLY D 362 22.10 14.91 17.66
N THR D 363 21.58 15.77 16.77
CA THR D 363 22.38 16.40 15.68
C THR D 363 21.97 17.86 15.35
N SER D 364 22.85 18.63 14.68
CA SER D 364 22.58 20.01 14.36
C SER D 364 22.47 20.11 12.85
N LYS D 365 21.81 21.15 12.38
CA LYS D 365 21.71 21.41 10.94
C LYS D 365 23.06 21.19 10.28
N ILE D 366 24.13 21.63 10.96
CA ILE D 366 25.48 21.54 10.41
C ILE D 366 25.98 20.10 10.30
N LYS D 367 25.78 19.32 11.36
CA LYS D 367 26.21 17.93 11.37
C LYS D 367 25.39 17.10 10.39
N MET D 368 24.11 17.40 10.30
CA MET D 368 23.24 16.76 9.32
C MET D 368 23.68 17.10 7.90
N LYS D 369 24.07 18.36 7.71
CA LYS D 369 24.57 18.82 6.42
C LYS D 369 25.86 18.11 6.01
N TRP D 370 26.76 17.93 6.96
CA TRP D 370 28.00 17.21 6.73
C TRP D 370 27.72 15.74 6.42
N GLY D 371 26.75 15.17 7.13
CA GLY D 371 26.36 13.79 6.95
C GLY D 371 25.70 13.55 5.61
N MET D 372 24.90 14.52 5.19
CA MET D 372 24.16 14.47 3.93
C MET D 372 25.09 14.41 2.73
N GLU D 373 26.22 15.09 2.87
CA GLU D 373 27.19 15.26 1.79
C GLU D 373 28.18 14.10 1.81
N MET D 374 27.78 13.02 2.47
CA MET D 374 28.60 11.81 2.55
C MET D 374 28.82 11.21 1.16
N ARG D 375 27.93 11.53 0.23
CA ARG D 375 28.19 11.18 -1.14
C ARG D 375 29.51 11.86 -1.53
N ARG D 376 29.73 13.06 -1.01
CA ARG D 376 30.93 13.85 -1.33
C ARG D 376 32.29 13.22 -0.95
N CYS D 377 32.40 12.63 0.25
CA CYS D 377 33.63 11.92 0.60
C CYS D 377 33.98 10.82 -0.40
N LEU D 378 32.96 10.15 -0.93
CA LEU D 378 33.15 9.12 -1.95
C LEU D 378 33.72 9.74 -3.22
N LEU D 379 33.24 10.93 -3.57
CA LEU D 379 33.71 11.63 -4.76
C LEU D 379 35.20 11.93 -4.65
N GLN D 380 35.61 12.36 -3.46
CA GLN D 380 37.02 12.58 -3.18
C GLN D 380 37.74 11.24 -3.29
N SER D 381 37.09 10.20 -2.79
CA SER D 381 37.61 8.84 -2.88
C SER D 381 38.19 8.60 -4.27
N LEU D 382 37.40 8.89 -5.29
CA LEU D 382 37.80 8.71 -6.68
C LEU D 382 39.05 9.50 -7.05
N GLN D 383 39.08 10.80 -6.78
CA GLN D 383 40.18 11.62 -7.29
C GLN D 383 41.58 11.19 -6.80
N GLN D 384 41.70 10.80 -5.54
CA GLN D 384 43.00 10.41 -4.97
C GLN D 384 43.61 9.18 -5.64
N ILE D 385 42.78 8.19 -5.94
CA ILE D 385 43.26 6.97 -6.61
C ILE D 385 43.78 7.31 -8.00
N GLU D 386 43.06 8.19 -8.70
CA GLU D 386 43.47 8.62 -10.03
C GLU D 386 44.81 9.34 -9.92
N SER D 387 44.94 10.12 -8.85
CA SER D 387 46.17 10.83 -8.57
C SER D 387 47.38 9.91 -8.35
N MET D 388 47.16 8.80 -7.65
CA MET D 388 48.21 7.81 -7.44
C MET D 388 48.65 7.22 -8.78
N ILE D 389 47.53 7.03 -9.63
CA ILE D 389 47.71 6.55 -10.99
C ILE D 389 48.43 7.58 -11.86
N GLU D 390 48.10 8.84 -11.66
CA GLU D 390 48.68 9.93 -12.44
C GLU D 390 50.19 10.02 -12.22
N ALA D 391 50.61 9.82 -10.97
CA ALA D 391 52.02 9.89 -10.62
C ALA D 391 52.82 8.81 -11.35
N GLU D 392 52.23 7.61 -11.46
CA GLU D 392 52.89 6.51 -12.15
C GLU D 392 53.12 6.83 -13.62
N SER D 393 52.13 7.46 -14.25
CA SER D 393 52.24 7.84 -15.65
C SER D 393 53.47 8.71 -15.91
N SER D 394 53.79 9.59 -14.99
CA SER D 394 54.90 10.52 -15.18
C SER D 394 56.27 9.86 -15.35
N VAL D 395 56.56 8.83 -14.56
CA VAL D 395 57.89 8.22 -14.58
C VAL D 395 58.27 7.64 -15.94
N LYS D 396 57.34 6.91 -16.54
CA LYS D 396 57.43 6.52 -17.94
C LYS D 396 56.10 6.94 -18.55
N GLU D 397 56.14 7.77 -19.59
CA GLU D 397 54.92 8.47 -19.98
C GLU D 397 53.98 7.54 -20.73
N LYS D 398 53.48 6.55 -20.00
CA LYS D 398 52.39 5.69 -20.41
C LYS D 398 51.51 5.44 -19.18
N ASP D 399 50.21 5.26 -19.39
CA ASP D 399 49.29 5.05 -18.28
C ASP D 399 49.54 3.71 -17.58
N MET D 400 49.39 3.70 -16.26
CA MET D 400 49.52 2.47 -15.49
C MET D 400 48.22 2.03 -14.83
N THR D 401 47.18 2.83 -14.96
CA THR D 401 45.92 2.55 -14.29
C THR D 401 45.31 1.25 -14.78
N LYS D 402 45.34 1.04 -16.09
CA LYS D 402 44.79 -0.18 -16.67
C LYS D 402 45.55 -1.39 -16.16
N GLU D 403 46.87 -1.26 -16.09
CA GLU D 403 47.72 -2.35 -15.63
C GLU D 403 47.39 -2.68 -14.17
N PHE D 404 47.18 -1.65 -13.36
CA PHE D 404 46.83 -1.87 -11.96
C PHE D 404 45.49 -2.58 -11.85
N PHE D 405 44.54 -2.15 -12.68
CA PHE D 405 43.21 -2.75 -12.70
C PHE D 405 43.22 -4.20 -13.16
N GLU D 406 44.04 -4.49 -14.16
CA GLU D 406 44.01 -5.78 -14.85
C GLU D 406 44.63 -6.99 -14.13
N ASN D 407 45.90 -6.87 -13.73
CA ASN D 407 46.61 -8.07 -13.28
C ASN D 407 47.58 -8.00 -12.11
N LYS D 408 48.71 -7.34 -12.39
CA LYS D 408 49.88 -7.24 -11.53
C LYS D 408 49.89 -5.99 -10.66
N SER D 409 51.07 -5.61 -10.17
CA SER D 409 51.16 -4.64 -9.09
C SER D 409 50.86 -5.35 -7.76
N GLU D 410 50.89 -6.68 -7.81
CA GLU D 410 50.59 -7.57 -6.69
C GLU D 410 51.55 -7.44 -5.50
N THR D 411 52.82 -7.19 -5.81
CA THR D 411 53.90 -7.35 -4.84
C THR D 411 53.76 -6.49 -3.58
N TRP D 412 53.26 -5.27 -3.71
CA TRP D 412 53.14 -4.40 -2.55
C TRP D 412 52.24 -5.05 -1.51
N PRO D 413 52.66 -4.92 -0.17
CA PRO D 413 51.87 -5.71 0.77
C PRO D 413 50.96 -4.86 1.67
N ILE D 414 49.71 -5.27 1.77
CA ILE D 414 48.72 -4.60 2.64
C ILE D 414 48.29 -5.33 3.93
N GLY D 415 48.89 -6.46 4.26
CA GLY D 415 48.48 -7.21 5.43
C GLY D 415 49.53 -8.03 6.13
N GLU D 416 49.16 -8.52 7.31
CA GLU D 416 50.00 -9.39 8.09
C GLU D 416 49.24 -10.69 8.26
N SER D 417 49.97 -11.79 8.44
CA SER D 417 49.35 -13.08 8.76
C SER D 417 50.28 -13.84 9.69
N PRO D 418 49.87 -15.04 10.11
CA PRO D 418 50.81 -15.84 10.92
C PRO D 418 52.14 -16.04 10.19
N LYS D 419 52.06 -16.17 8.86
CA LYS D 419 53.24 -16.31 8.02
C LYS D 419 54.01 -14.99 7.89
N GLY D 420 53.35 -13.88 8.25
CA GLY D 420 53.98 -12.58 8.23
C GLY D 420 53.51 -11.69 7.10
N MET D 421 54.48 -10.78 6.65
CA MET D 421 54.14 -9.91 5.53
C MET D 421 53.29 -10.62 4.49
N GLU D 422 52.34 -9.89 3.92
CA GLU D 422 51.34 -10.47 3.02
C GLU D 422 50.90 -9.46 1.96
N GLU D 423 50.68 -9.94 0.75
CA GLU D 423 50.36 -9.04 -0.37
C GLU D 423 49.04 -9.38 -1.07
N GLY D 424 48.57 -8.45 -1.89
CA GLY D 424 47.27 -8.60 -2.53
C GLY D 424 47.12 -7.71 -3.74
N SER D 425 46.07 -7.92 -4.53
CA SER D 425 45.59 -6.90 -5.50
C SER D 425 44.96 -5.63 -4.86
N ILE D 426 45.22 -4.50 -5.52
CA ILE D 426 44.89 -3.14 -5.11
C ILE D 426 43.40 -2.87 -5.21
N GLY D 427 42.69 -3.78 -5.85
CA GLY D 427 41.24 -3.70 -5.92
C GLY D 427 40.78 -3.70 -4.47
N LYS D 428 41.49 -4.45 -3.65
CA LYS D 428 41.36 -4.34 -2.21
C LYS D 428 41.74 -2.93 -1.78
N VAL D 429 42.78 -2.35 -2.38
CA VAL D 429 43.12 -0.97 -2.08
C VAL D 429 41.93 -0.02 -2.25
N CYS D 430 41.27 -0.10 -3.41
CA CYS D 430 40.08 0.71 -3.63
C CYS D 430 39.12 0.61 -2.46
N ARG D 431 38.85 -0.62 -2.02
CA ARG D 431 38.00 -0.83 -0.86
C ARG D 431 38.65 -0.26 0.41
N THR D 432 39.95 -0.48 0.55
CA THR D 432 40.68 0.04 1.70
C THR D 432 40.70 1.56 1.68
N LEU D 433 40.93 2.12 0.49
CA LEU D 433 40.87 3.56 0.32
C LEU D 433 39.44 4.04 0.55
N LEU D 434 38.49 3.25 0.05
CA LEU D 434 37.07 3.56 0.18
C LEU D 434 36.62 3.57 1.63
N ALA D 435 37.05 2.55 2.36
CA ALA D 435 36.66 2.36 3.75
C ALA D 435 37.15 3.46 4.67
N LYS D 436 38.39 3.91 4.45
CA LYS D 436 39.00 4.89 5.32
C LYS D 436 38.21 6.19 5.29
N SER D 437 37.79 6.61 4.11
CA SER D 437 36.95 7.80 3.99
C SER D 437 35.62 7.57 4.70
N VAL D 438 35.08 6.38 4.57
CA VAL D 438 33.80 6.08 5.18
C VAL D 438 33.90 6.25 6.69
N PHE D 439 35.04 5.88 7.27
CA PHE D 439 35.16 5.78 8.71
C PHE D 439 35.21 7.12 9.43
N ASN D 440 35.94 8.08 8.87
CA ASN D 440 36.03 9.40 9.48
C ASN D 440 34.69 10.11 9.57
N SER D 441 33.85 9.96 8.54
CA SER D 441 32.60 10.68 8.52
C SER D 441 31.85 10.27 9.78
N LEU D 442 31.96 9.00 10.14
CA LEU D 442 31.33 8.49 11.35
C LEU D 442 31.83 9.09 12.67
N TYR D 443 33.14 9.20 12.77
CA TYR D 443 33.81 9.82 13.89
C TYR D 443 34.93 10.67 13.36
N ALA D 444 34.58 11.72 12.61
CA ALA D 444 35.57 12.69 12.22
C ALA D 444 35.61 13.59 13.42
N SER D 445 36.03 13.02 14.54
CA SER D 445 35.90 13.72 15.80
C SER D 445 36.73 14.99 15.73
N PRO D 446 36.16 16.08 16.21
CA PRO D 446 36.91 17.34 16.15
C PRO D 446 38.40 17.15 16.40
N GLN D 447 38.71 16.31 17.38
CA GLN D 447 40.06 16.11 17.89
C GLN D 447 41.02 15.54 16.86
N LEU D 448 40.52 14.62 16.05
CA LEU D 448 41.35 13.87 15.12
C LEU D 448 42.03 14.76 14.09
N GLU D 449 41.33 15.78 13.58
CA GLU D 449 41.87 16.54 12.48
C GLU D 449 43.21 17.12 12.87
N GLY D 450 43.41 17.27 14.18
CA GLY D 450 44.67 17.76 14.69
C GLY D 450 45.77 16.76 14.43
N PHE D 451 45.45 15.49 14.59
CA PHE D 451 46.44 14.44 14.41
C PHE D 451 46.97 14.38 12.98
N SER D 452 46.10 14.57 12.01
CA SER D 452 46.51 14.36 10.64
C SER D 452 47.63 15.31 10.26
N ALA D 453 47.49 16.57 10.65
CA ALA D 453 48.54 17.54 10.37
C ALA D 453 49.84 17.19 11.08
N GLU D 454 49.74 16.91 12.38
CA GLU D 454 50.90 16.50 13.16
C GLU D 454 51.41 15.17 12.62
N SER D 455 50.46 14.31 12.29
CA SER D 455 50.76 12.99 11.74
C SER D 455 51.45 13.10 10.39
N ARG D 456 50.99 14.06 9.59
CA ARG D 456 51.37 14.14 8.19
C ARG D 456 52.87 14.34 7.97
N LYS D 457 53.49 15.19 8.78
CA LYS D 457 54.89 15.53 8.56
C LYS D 457 55.79 14.31 8.70
N LEU D 458 55.52 13.47 9.69
CA LEU D 458 56.38 12.33 9.95
C LEU D 458 56.39 11.39 8.77
N LEU D 459 55.22 11.18 8.18
CA LEU D 459 55.11 10.31 7.03
C LEU D 459 55.91 10.90 5.89
N LEU D 460 55.84 12.22 5.73
CA LEU D 460 56.60 12.88 4.69
C LEU D 460 58.10 12.72 4.90
N ILE D 461 58.55 12.88 6.13
CA ILE D 461 59.95 12.68 6.46
C ILE D 461 60.33 11.22 6.25
N VAL D 462 59.44 10.32 6.66
CA VAL D 462 59.71 8.90 6.54
C VAL D 462 60.17 8.57 5.12
N GLN D 463 59.60 9.28 4.14
CA GLN D 463 60.02 9.16 2.76
C GLN D 463 61.49 9.59 2.67
N ALA D 464 61.83 10.60 3.46
CA ALA D 464 63.17 11.16 3.45
C ALA D 464 64.19 10.12 3.86
N LEU D 465 63.87 9.27 4.84
CA LEU D 465 64.81 8.23 5.22
C LEU D 465 65.02 7.36 3.99
N ARG D 466 63.92 7.05 3.31
CA ARG D 466 63.94 6.12 2.19
C ARG D 466 64.86 6.65 1.11
N ASP D 467 64.80 7.96 0.87
CA ASP D 467 65.77 8.59 0.00
C ASP D 467 66.44 9.60 0.89
N ASN D 468 67.50 9.19 1.58
CA ASN D 468 67.89 9.76 2.86
C ASN D 468 68.13 11.27 2.87
N LEU D 469 67.59 11.91 3.90
CA LEU D 469 67.66 13.36 4.09
C LEU D 469 67.48 13.68 5.57
N GLU D 470 67.83 14.90 5.98
CA GLU D 470 67.71 15.30 7.38
C GLU D 470 66.48 16.18 7.60
N PRO D 471 65.68 15.82 8.60
CA PRO D 471 64.40 16.52 8.88
C PRO D 471 64.46 18.02 9.21
N GLY D 472 65.37 18.46 10.07
CA GLY D 472 65.60 19.88 10.28
C GLY D 472 65.35 20.05 11.75
N THR D 473 65.84 21.13 12.34
CA THR D 473 65.60 21.32 13.77
C THR D 473 64.10 21.43 13.91
N PHE D 474 63.53 20.70 14.86
CA PHE D 474 62.09 20.74 15.03
C PHE D 474 61.78 20.19 16.42
N ASP D 475 60.95 20.90 17.16
CA ASP D 475 60.56 20.42 18.48
C ASP D 475 59.65 19.20 18.39
N LEU D 476 60.29 18.05 18.22
CA LEU D 476 59.63 16.76 18.09
C LEU D 476 58.87 16.40 19.37
N GLY D 477 59.44 16.72 20.51
CA GLY D 477 58.79 16.45 21.78
C GLY D 477 57.49 17.24 21.89
N GLY D 478 57.53 18.49 21.44
CA GLY D 478 56.36 19.34 21.41
C GLY D 478 55.30 18.77 20.49
N LEU D 479 55.75 18.24 19.36
CA LEU D 479 54.85 17.60 18.41
C LEU D 479 54.18 16.38 19.03
N TYR D 480 54.95 15.62 19.79
CA TYR D 480 54.45 14.45 20.51
C TYR D 480 53.41 14.86 21.53
N GLU D 481 53.67 15.98 22.21
CA GLU D 481 52.72 16.52 23.18
C GLU D 481 51.42 16.90 22.48
N ALA D 482 51.53 17.49 21.29
CA ALA D 482 50.37 17.85 20.49
C ALA D 482 49.60 16.60 20.10
N ILE D 483 50.34 15.56 19.74
CA ILE D 483 49.75 14.26 19.40
C ILE D 483 49.03 13.70 20.60
N GLU D 484 49.64 13.84 21.78
CA GLU D 484 48.96 13.44 23.00
C GLU D 484 47.64 14.19 23.16
N GLU D 485 47.65 15.48 22.82
CA GLU D 485 46.41 16.27 22.86
C GLU D 485 45.41 15.70 21.85
N CYS D 486 45.93 15.30 20.69
CA CYS D 486 45.11 14.70 19.64
C CYS D 486 44.50 13.39 20.11
N LEU D 487 45.26 12.63 20.88
CA LEU D 487 44.84 11.32 21.36
C LEU D 487 43.59 11.51 22.19
N ILE D 488 42.66 10.59 22.02
CA ILE D 488 41.31 10.75 22.55
C ILE D 488 40.71 9.49 23.14
N ASN D 489 39.71 9.69 23.98
CA ASN D 489 38.90 8.61 24.52
C ASN D 489 38.19 7.92 23.36
N ASP D 490 37.91 8.70 22.33
CA ASP D 490 37.17 8.21 21.17
C ASP D 490 37.89 7.05 20.50
N PRO D 491 37.09 6.08 20.07
CA PRO D 491 37.54 4.76 19.62
C PRO D 491 38.21 4.84 18.28
N TRP D 492 37.66 5.64 17.37
CA TRP D 492 38.24 5.80 16.05
C TRP D 492 39.62 6.44 16.10
N VAL D 493 39.76 7.47 16.93
CA VAL D 493 41.03 8.17 17.08
C VAL D 493 42.09 7.24 17.67
N LEU D 494 41.70 6.46 18.66
CA LEU D 494 42.60 5.51 19.31
C LEU D 494 43.06 4.44 18.33
N LEU D 495 42.15 3.97 17.49
CA LEU D 495 42.45 2.87 16.57
C LEU D 495 43.51 3.21 15.54
N ASN D 496 43.45 4.43 14.99
CA ASN D 496 44.35 4.85 13.93
C ASN D 496 45.82 4.88 14.35
N ALA D 497 46.07 5.32 15.58
CA ALA D 497 47.44 5.45 16.09
C ALA D 497 48.18 4.12 16.17
N SER D 498 47.47 3.07 16.56
CA SER D 498 48.09 1.77 16.82
C SER D 498 48.74 1.15 15.58
N TRP D 499 48.09 1.26 14.43
CA TRP D 499 48.61 0.65 13.21
C TRP D 499 49.80 1.44 12.67
N PHE D 500 50.09 2.57 13.29
CA PHE D 500 51.11 3.47 12.79
C PHE D 500 52.44 2.72 12.74
N ASN D 501 52.62 1.80 13.68
CA ASN D 501 53.86 1.06 13.80
C ASN D 501 54.26 0.21 12.59
N SER D 502 53.31 -0.46 11.94
CA SER D 502 53.72 -1.33 10.84
C SER D 502 54.58 -0.56 9.85
N PHE D 503 54.16 0.70 9.45
CA PHE D 503 55.00 1.51 8.57
C PHE D 503 56.33 1.81 9.25
N LEU D 504 56.28 2.11 10.55
CA LEU D 504 57.48 2.39 11.32
C LEU D 504 58.37 1.16 11.35
N THR D 505 57.76 -0.01 11.52
CA THR D 505 58.49 -1.27 11.54
C THR D 505 59.18 -1.49 10.19
N HIS D 506 58.47 -1.18 9.12
CA HIS D 506 59.02 -1.32 7.77
C HIS D 506 60.21 -0.39 7.59
N ALA D 507 60.09 0.82 8.13
CA ALA D 507 61.18 1.79 8.07
C ALA D 507 62.39 1.29 8.82
N MET E 1 42.66 -10.63 7.51
CA MET E 1 43.82 -9.78 7.28
C MET E 1 43.50 -8.31 7.54
N ASP E 2 44.14 -7.73 8.55
CA ASP E 2 43.92 -6.33 8.88
C ASP E 2 44.92 -5.43 8.18
N VAL E 3 44.47 -4.80 7.09
CA VAL E 3 45.32 -3.91 6.32
C VAL E 3 45.58 -2.64 7.09
N ASN E 4 46.77 -2.08 6.87
CA ASN E 4 47.15 -0.78 7.39
C ASN E 4 47.24 0.23 6.22
N PRO E 5 46.60 1.46 6.45
CA PRO E 5 46.60 2.33 5.26
C PRO E 5 47.99 2.75 4.78
N THR E 6 48.96 2.87 5.67
CA THR E 6 50.27 3.48 5.33
C THR E 6 51.12 2.82 4.22
N LEU E 7 51.10 1.49 4.16
CA LEU E 7 52.10 0.74 3.39
C LEU E 7 52.17 1.00 1.88
N LEU E 8 51.05 1.14 1.20
CA LEU E 8 51.07 1.40 -0.25
C LEU E 8 51.72 2.76 -0.57
N PHE E 9 51.51 3.73 0.32
CA PHE E 9 52.22 4.97 0.20
C PHE E 9 53.69 4.58 0.28
N LEU E 10 54.00 3.72 1.25
CA LEU E 10 55.37 3.30 1.47
C LEU E 10 55.96 2.53 0.28
N LYS E 11 55.17 1.63 -0.30
CA LYS E 11 55.63 0.82 -1.41
C LYS E 11 55.99 1.65 -2.63
N VAL E 12 55.15 2.63 -2.95
CA VAL E 12 55.38 3.50 -4.09
C VAL E 12 54.86 4.91 -3.84
N PRO E 13 55.51 5.95 -4.54
CA PRO E 13 54.93 7.27 -4.31
C PRO E 13 54.39 7.73 -2.95
N ALA E 14 55.22 7.68 -1.91
CA ALA E 14 54.79 8.09 -0.59
C ALA E 14 54.40 9.57 -0.59
N GLN E 15 55.19 10.38 -1.28
CA GLN E 15 54.89 11.80 -1.43
C GLN E 15 53.58 12.00 -2.18
N ASN E 16 53.38 11.19 -3.21
CA ASN E 16 52.18 11.28 -4.04
C ASN E 16 50.92 10.76 -3.33
N ALA E 17 51.09 9.66 -2.61
CA ALA E 17 49.97 9.03 -1.91
C ALA E 17 49.40 9.94 -0.83
N ILE E 18 50.28 10.63 -0.11
CA ILE E 18 49.88 11.51 0.97
C ILE E 18 48.69 12.42 0.67
N SER E 19 48.37 12.58 -0.61
CA SER E 19 47.25 13.41 -1.01
C SER E 19 45.98 12.85 -0.37
N THR E 20 45.93 11.52 -0.31
CA THR E 20 44.81 10.80 0.29
C THR E 20 44.66 11.11 1.78
N THR E 21 45.74 11.55 2.40
CA THR E 21 45.82 11.61 3.86
C THR E 21 44.79 12.48 4.57
N PHE E 22 44.50 13.66 4.03
CA PHE E 22 43.59 14.57 4.72
C PHE E 22 42.17 14.44 4.24
N PRO E 23 41.21 14.37 5.16
CA PRO E 23 39.82 14.17 4.77
C PRO E 23 39.02 15.47 4.89
N TYR E 24 38.38 15.87 3.79
CA TYR E 24 37.56 17.07 3.80
C TYR E 24 37.24 17.52 2.38
N UNK E 25 34.88 33.80 24.09
CA UNK E 25 35.36 35.09 24.58
C UNK E 25 36.49 34.92 25.59
N UNK E 26 36.31 33.97 26.50
CA UNK E 26 37.32 33.70 27.52
C UNK E 26 38.63 33.23 26.89
N UNK E 27 38.52 32.38 25.87
CA UNK E 27 39.69 31.85 25.18
C UNK E 27 40.43 32.95 24.43
N UNK E 28 39.67 33.85 23.80
CA UNK E 28 40.25 34.95 23.05
C UNK E 28 41.03 35.88 23.98
N UNK E 29 40.47 36.12 25.16
CA UNK E 29 41.12 36.96 26.15
C UNK E 29 42.44 36.32 26.59
N UNK E 30 42.41 35.00 26.77
CA UNK E 30 43.60 34.27 27.16
C UNK E 30 44.67 34.38 26.07
N UNK E 31 44.24 34.29 24.82
CA UNK E 31 45.15 34.42 23.70
C UNK E 31 45.78 35.81 23.68
N UNK E 32 44.97 36.82 23.97
CA UNK E 32 45.45 38.20 24.03
C UNK E 32 46.49 38.34 25.13
N UNK E 33 46.23 37.71 26.26
CA UNK E 33 47.16 37.73 27.38
C UNK E 33 48.48 37.07 27.00
N UNK E 34 48.39 35.97 26.27
CA UNK E 34 49.58 35.27 25.80
C UNK E 34 50.38 36.16 24.86
N UNK E 35 49.67 36.88 24.00
CA UNK E 35 50.31 37.81 23.08
C UNK E 35 51.03 38.91 23.85
N UNK E 36 50.40 39.40 24.90
CA UNK E 36 50.98 40.43 25.74
C UNK E 36 52.25 39.91 26.39
N UNK E 37 52.20 38.66 26.85
CA UNK E 37 53.36 38.03 27.47
C UNK E 37 54.50 37.93 26.47
N UNK E 38 54.16 37.57 25.23
CA UNK E 38 55.15 37.47 24.16
C UNK E 38 55.79 38.83 23.89
N UNK E 39 54.97 39.88 23.91
CA UNK E 39 55.45 41.23 23.67
C UNK E 39 56.59 41.59 24.60
N UNK E 40 59.01 43.30 27.01
CA UNK E 40 58.53 44.19 28.05
C UNK E 40 58.79 45.67 27.72
N UNK E 41 57.74 46.47 27.88
CA UNK E 41 57.84 47.93 27.79
C UNK E 41 56.67 48.50 28.59
N UNK E 42 56.80 49.73 29.05
CA UNK E 42 55.69 50.35 29.77
C UNK E 42 55.28 51.69 29.19
N UNK E 43 54.04 51.83 28.75
CA UNK E 43 53.61 53.12 28.21
C UNK E 43 52.11 53.35 28.19
N UNK E 44 51.70 54.61 28.22
CA UNK E 44 50.32 54.99 27.95
C UNK E 44 50.28 56.09 26.90
N UNK E 45 49.33 55.97 25.97
CA UNK E 45 48.82 57.09 25.16
C UNK E 45 47.78 57.99 25.91
N UNK E 46 47.57 59.19 25.40
CA UNK E 46 46.68 60.13 26.06
C UNK E 46 45.21 59.71 26.05
N UNK E 47 44.55 59.90 27.19
CA UNK E 47 43.10 59.82 27.28
C UNK E 47 42.41 58.53 26.79
N UNK E 48 42.91 57.36 27.16
CA UNK E 48 44.20 57.14 27.82
C UNK E 48 44.48 55.64 27.65
N UNK E 49 45.72 55.20 27.84
CA UNK E 49 45.97 53.77 27.80
C UNK E 49 47.39 53.43 28.22
N UNK E 50 47.52 52.51 29.19
CA UNK E 50 48.82 51.99 29.56
C UNK E 50 48.97 50.64 28.87
N UNK E 51 49.96 50.55 28.00
CA UNK E 51 50.17 49.37 27.19
C UNK E 51 51.62 49.27 26.75
N UNK E 52 52.02 48.09 26.29
CA UNK E 52 53.40 47.90 25.84
C UNK E 52 53.50 47.95 24.32
N UNK E 53 54.34 48.86 23.82
CA UNK E 53 54.61 49.00 22.41
C UNK E 53 56.04 48.55 22.46
N UNK E 54 56.33 47.46 21.77
CA UNK E 54 57.64 46.82 21.86
C UNK E 54 58.71 47.48 21.01
N UNK E 55 59.77 47.94 21.68
CA UNK E 55 60.97 48.42 21.01
C UNK E 55 61.94 47.27 20.79
N UNK E 56 61.58 46.11 21.30
CA UNK E 56 62.40 44.90 21.19
C UNK E 56 63.78 45.09 21.81
N UNK E 57 64.84 44.72 21.10
CA UNK E 57 66.20 44.82 21.61
C UNK E 57 66.49 43.71 22.61
N UNK E 58 63.65 45.88 15.22
CA UNK E 58 64.03 47.22 15.66
C UNK E 58 63.97 48.22 14.52
N UNK E 59 64.15 49.49 14.84
CA UNK E 59 64.17 50.55 13.84
C UNK E 59 65.32 50.33 12.87
N UNK E 60 66.45 49.88 13.41
CA UNK E 60 67.60 49.55 12.60
C UNK E 60 67.25 48.40 11.67
N UNK E 61 66.47 47.45 12.19
CA UNK E 61 66.02 46.32 11.38
C UNK E 61 65.12 46.78 10.23
N UNK E 62 64.26 47.75 10.51
CA UNK E 62 63.40 48.34 9.50
C UNK E 62 64.25 49.04 8.44
N UNK E 63 65.31 49.70 8.89
CA UNK E 63 66.23 50.37 7.99
C UNK E 63 66.90 49.35 7.09
N UNK E 64 67.23 48.20 7.66
CA UNK E 64 67.82 47.08 6.93
C UNK E 64 66.85 46.55 5.87
N UNK E 65 65.57 46.47 6.23
CA UNK E 65 64.55 46.05 5.29
C UNK E 65 64.48 47.05 4.14
N UNK E 66 64.60 48.32 4.48
CA UNK E 66 64.60 49.39 3.49
C UNK E 66 65.79 49.24 2.56
N UNK E 67 66.93 48.85 3.13
CA UNK E 67 68.14 48.60 2.37
C UNK E 67 67.97 47.42 1.42
N UNK E 68 67.27 46.38 1.87
CA UNK E 68 66.95 45.24 1.02
C UNK E 68 66.07 45.68 -0.14
N UNK E 69 65.14 46.57 0.17
CA UNK E 69 64.25 47.11 -0.84
C UNK E 69 65.07 47.88 -1.86
N UNK E 70 66.06 48.62 -1.38
CA UNK E 70 66.96 49.39 -2.22
C UNK E 70 67.78 48.48 -3.14
N UNK E 71 68.19 47.34 -2.59
CA UNK E 71 68.90 46.33 -3.37
C UNK E 71 68.01 45.79 -4.47
N UNK E 72 66.74 45.63 -4.15
CA UNK E 72 65.76 45.18 -5.12
C UNK E 72 65.69 46.20 -6.24
N UNK E 73 59.95 49.98 -6.04
CA UNK E 73 58.71 49.32 -6.43
C UNK E 73 57.50 50.18 -6.08
N UNK E 74 57.54 50.82 -4.92
CA UNK E 74 56.44 51.66 -4.46
C UNK E 74 56.25 52.85 -5.40
N UNK E 75 57.37 53.43 -5.85
CA UNK E 75 57.32 54.57 -6.75
C UNK E 75 56.30 54.36 -7.87
N UNK E 76 56.21 53.12 -8.35
CA UNK E 76 55.29 52.78 -9.42
C UNK E 76 53.92 52.44 -8.83
N UNK E 77 53.92 51.71 -7.72
CA UNK E 77 52.68 51.35 -7.06
C UNK E 77 51.95 52.60 -6.60
N UNK E 78 52.70 53.53 -6.01
CA UNK E 78 52.13 54.76 -5.49
C UNK E 78 51.53 55.58 -6.62
N UNK E 79 52.23 55.63 -7.75
CA UNK E 79 51.72 56.33 -8.92
C UNK E 79 50.44 55.66 -9.38
N UNK E 80 50.43 54.33 -9.36
CA UNK E 80 49.18 53.59 -9.50
C UNK E 80 48.28 53.87 -8.29
N UNK E 81 48.92 53.93 -7.12
CA UNK E 81 48.23 54.09 -5.86
C UNK E 81 47.46 55.40 -5.74
N UNK E 82 48.03 56.50 -6.24
CA UNK E 82 47.35 57.78 -6.20
C UNK E 82 46.08 57.73 -7.04
N UNK E 83 46.17 57.09 -8.20
CA UNK E 83 45.02 56.93 -9.07
C UNK E 83 43.95 56.09 -8.38
N UNK E 84 44.39 55.05 -7.68
CA UNK E 84 43.46 54.19 -6.95
C UNK E 84 42.75 54.99 -5.87
N UNK E 85 43.50 55.87 -5.21
CA UNK E 85 42.96 56.74 -4.17
C UNK E 85 41.93 57.72 -4.71
N UNK E 86 42.19 58.25 -5.90
CA UNK E 86 41.25 59.21 -6.50
C UNK E 86 39.91 58.54 -6.75
N UNK E 87 39.98 57.29 -7.21
CA UNK E 87 38.80 56.46 -7.48
C UNK E 87 38.23 55.91 -6.18
N UNK E 88 39.11 55.51 -5.28
CA UNK E 88 38.71 55.02 -3.96
C UNK E 88 37.99 56.16 -3.26
N UNK E 89 33.26 55.06 -5.38
CA UNK E 89 33.80 53.88 -4.72
C UNK E 89 32.98 53.51 -3.49
N UNK E 90 31.90 54.25 -3.26
CA UNK E 90 31.03 54.00 -2.12
C UNK E 90 30.38 52.63 -2.23
N UNK E 91 29.96 52.27 -3.44
CA UNK E 91 29.36 50.97 -3.68
C UNK E 91 30.36 49.86 -3.40
N UNK E 92 31.60 50.07 -3.81
CA UNK E 92 32.67 49.11 -3.57
C UNK E 92 32.90 48.95 -2.08
N UNK E 93 32.86 50.06 -1.36
CA UNK E 93 33.04 50.04 0.10
C UNK E 93 31.91 49.24 0.74
N UNK E 94 30.69 49.43 0.23
CA UNK E 94 29.53 48.70 0.75
C UNK E 94 29.70 47.21 0.50
N UNK E 95 30.22 46.87 -0.67
CA UNK E 95 30.47 45.48 -1.01
C UNK E 95 31.50 44.87 -0.07
N UNK E 96 32.53 45.65 0.25
CA UNK E 96 33.59 45.19 1.14
C UNK E 96 33.04 44.83 2.51
N UNK E 97 28.57 49.50 14.61
CA UNK E 97 27.75 50.20 15.59
C UNK E 97 27.74 49.48 16.93
N UNK E 98 26.65 49.60 17.67
CA UNK E 98 26.53 49.01 19.00
C UNK E 98 26.62 47.48 18.98
N UNK E 99 26.00 46.86 17.98
CA UNK E 99 25.92 45.41 17.91
C UNK E 99 26.30 44.90 16.52
N UNK E 100 26.69 43.63 16.45
CA UNK E 100 27.05 42.97 15.19
C UNK E 100 26.13 43.42 14.05
N UNK E 101 26.70 43.56 12.86
CA UNK E 101 25.99 44.18 11.75
C UNK E 101 26.30 43.51 10.42
N UNK E 102 25.35 43.54 9.50
CA UNK E 102 25.49 42.95 8.18
C UNK E 102 26.39 43.89 7.41
N UNK E 103 26.87 43.51 6.23
CA UNK E 103 27.64 44.45 5.43
C UNK E 103 26.74 45.65 5.08
N UNK E 104 25.52 45.33 4.67
CA UNK E 104 24.52 46.36 4.35
C UNK E 104 24.14 47.16 5.58
N UNK E 105 24.02 46.46 6.70
CA UNK E 105 23.70 47.08 7.97
C UNK E 105 24.79 48.06 8.36
N UNK E 106 26.04 47.66 8.12
CA UNK E 106 27.22 48.47 8.38
C UNK E 106 27.23 49.71 7.50
N UNK E 107 26.80 49.54 6.25
CA UNK E 107 26.68 50.65 5.33
C UNK E 107 25.65 51.64 5.88
N UNK E 108 24.55 51.11 6.40
CA UNK E 108 23.55 51.98 7.02
C UNK E 108 24.13 52.69 8.24
N UNK E 109 24.88 51.93 9.04
CA UNK E 109 25.59 52.45 10.19
C UNK E 109 26.64 53.44 9.71
N UNK E 110 27.31 53.09 8.61
CA UNK E 110 28.16 54.08 7.97
C UNK E 110 27.31 55.26 7.53
N UNK E 111 26.14 54.93 6.98
CA UNK E 111 25.14 55.90 6.57
C UNK E 111 24.62 56.70 7.75
N UNK E 112 24.39 56.03 8.87
CA UNK E 112 24.03 56.81 10.05
C UNK E 112 25.20 57.69 10.48
N UNK E 113 26.40 57.14 10.39
CA UNK E 113 27.65 57.84 10.70
C UNK E 113 27.86 58.97 9.73
N UNK E 114 27.54 58.71 8.47
CA UNK E 114 27.65 59.72 7.44
C UNK E 114 26.70 60.83 7.81
N UNK E 115 25.51 60.47 8.28
CA UNK E 115 24.49 61.43 8.71
C UNK E 115 24.93 62.26 9.92
N UNK E 116 25.63 61.63 10.85
CA UNK E 116 26.19 62.31 12.00
C UNK E 116 27.25 63.32 11.57
N UNK E 117 28.09 62.93 10.61
CA UNK E 117 29.10 63.82 10.06
C UNK E 117 28.35 64.96 9.38
N UNK E 118 27.24 64.57 8.78
CA UNK E 118 26.43 65.39 7.92
C UNK E 118 27.27 65.88 6.76
N UNK E 119 28.17 65.04 6.22
CA UNK E 119 29.00 65.67 5.21
C UNK E 119 28.75 65.08 3.82
N UNK E 120 28.54 65.95 2.84
CA UNK E 120 28.31 65.50 1.48
C UNK E 120 26.93 64.85 1.32
N UNK E 121 38.71 60.89 0.89
CA UNK E 121 38.37 62.28 1.20
C UNK E 121 37.25 62.34 2.23
N UNK E 122 36.08 61.85 1.82
CA UNK E 122 34.91 61.84 2.70
C UNK E 122 35.18 60.96 3.91
N UNK E 123 35.84 59.83 3.67
CA UNK E 123 36.19 58.92 4.74
C UNK E 123 37.14 59.62 5.71
N UNK E 124 38.08 60.38 5.15
CA UNK E 124 39.03 61.11 5.97
C UNK E 124 38.31 62.12 6.85
N UNK E 125 37.32 62.79 6.26
CA UNK E 125 36.53 63.77 6.98
C UNK E 125 35.76 63.10 8.11
N UNK E 126 35.23 61.92 7.84
CA UNK E 126 34.50 61.15 8.85
C UNK E 126 35.43 60.77 10.00
N UNK E 127 36.65 60.39 9.65
CA UNK E 127 37.64 60.04 10.66
C UNK E 127 37.95 61.25 11.52
N UNK E 128 38.04 62.41 10.88
CA UNK E 128 38.30 63.65 11.59
C UNK E 128 37.16 63.96 12.56
N UNK E 129 35.94 63.72 12.10
CA UNK E 129 34.76 63.95 12.93
C UNK E 129 34.81 63.03 14.14
N UNK E 130 35.21 61.79 13.91
CA UNK E 130 35.34 60.80 14.97
C UNK E 130 34.16 60.84 15.94
N UNK E 131 16.97 57.73 22.43
CA UNK E 131 18.30 57.14 22.40
C UNK E 131 19.30 57.92 21.57
N UNK E 132 18.85 58.42 20.43
CA UNK E 132 19.73 59.07 19.46
C UNK E 132 20.40 60.32 20.03
N UNK E 133 19.64 61.10 20.79
CA UNK E 133 20.13 62.37 21.33
C UNK E 133 21.34 62.20 22.24
N UNK E 134 21.30 61.17 23.09
CA UNK E 134 22.38 60.94 24.04
C UNK E 134 23.70 60.64 23.31
N UNK E 135 23.61 59.86 22.25
CA UNK E 135 24.80 59.44 21.52
C UNK E 135 25.55 60.60 20.87
N UNK E 136 24.80 61.53 20.28
CA UNK E 136 25.41 62.65 19.55
C UNK E 136 26.26 63.55 20.44
N UNK E 137 25.72 63.88 21.61
CA UNK E 137 26.38 64.74 22.59
C UNK E 137 27.67 64.20 23.22
N UNK E 138 27.69 62.91 23.51
CA UNK E 138 28.64 62.34 24.47
C UNK E 138 30.12 62.49 24.15
N UNK E 139 30.49 62.28 22.90
CA UNK E 139 31.88 62.40 22.48
C UNK E 139 32.75 61.33 23.12
N UNK E 140 32.77 61.31 24.44
CA UNK E 140 33.58 60.32 25.17
C UNK E 140 33.09 58.91 24.89
N UNK E 141 31.78 58.74 24.83
CA UNK E 141 31.19 57.44 24.53
C UNK E 141 31.59 56.99 23.13
N UNK E 142 31.59 57.93 22.20
CA UNK E 142 31.98 57.64 20.82
C UNK E 142 33.45 57.21 20.77
N UNK E 143 34.28 57.90 21.56
CA UNK E 143 35.69 57.56 21.63
C UNK E 143 35.88 56.15 22.19
N UNK E 144 35.07 55.81 23.20
CA UNK E 144 35.13 54.48 23.78
C UNK E 144 34.74 53.43 22.75
N UNK E 145 33.73 53.74 21.96
CA UNK E 145 33.27 52.85 20.90
C UNK E 145 34.38 52.64 19.87
N UNK E 146 35.09 53.72 19.54
CA UNK E 146 36.16 53.66 18.56
C UNK E 146 37.06 52.45 18.82
N UNK E 147 36.96 46.33 18.14
CA UNK E 147 36.51 45.06 17.56
C UNK E 147 35.34 44.35 18.24
N UNK E 148 34.64 43.52 17.47
CA UNK E 148 33.63 42.62 18.00
C UNK E 148 34.05 41.21 17.67
N UNK E 149 34.13 40.36 18.70
CA UNK E 149 34.58 38.99 18.52
C UNK E 149 33.54 38.13 17.82
N UNK E 150 34.06 37.38 16.78
CA UNK E 150 33.29 36.31 16.15
C UNK E 150 34.20 35.16 15.75
N UNK E 151 33.62 33.97 15.57
CA UNK E 151 34.39 32.77 15.26
C UNK E 151 34.05 32.17 13.89
N UNK E 152 35.06 31.74 13.15
CA UNK E 152 34.80 31.10 11.87
C UNK E 152 35.15 29.63 11.98
N UNK E 153 34.23 28.74 11.62
CA UNK E 153 34.50 27.32 11.82
C UNK E 153 35.33 26.78 10.66
N UNK E 154 36.62 26.62 10.89
CA UNK E 154 37.55 26.46 9.78
C UNK E 154 38.45 25.27 9.98
N UNK E 155 39.11 24.83 8.92
CA UNK E 155 40.01 23.72 9.08
C UNK E 155 41.15 24.35 9.85
N UNK E 156 41.25 23.93 11.10
CA UNK E 156 42.11 24.53 12.10
C UNK E 156 42.31 23.43 13.10
N UNK E 157 43.31 23.55 13.95
CA UNK E 157 43.65 22.42 14.81
C UNK E 157 42.82 22.43 16.09
N UNK E 158 42.71 21.27 16.72
CA UNK E 158 41.89 21.14 17.94
C UNK E 158 42.74 20.84 19.17
N UNK E 159 42.49 21.62 20.23
CA UNK E 159 41.48 22.66 20.18
C UNK E 159 42.13 24.04 20.07
N UNK E 160 41.73 24.78 19.05
CA UNK E 160 42.28 26.11 18.82
C UNK E 160 41.19 27.12 18.47
N UNK E 161 41.42 28.39 18.79
CA UNK E 161 40.43 29.45 18.59
C UNK E 161 40.81 30.47 17.52
N UNK E 162 39.85 30.82 16.66
CA UNK E 162 40.05 31.79 15.57
C UNK E 162 39.30 33.09 15.84
N UNK E 163 39.97 34.22 15.63
CA UNK E 163 39.46 35.52 16.06
C UNK E 163 38.85 36.35 14.92
N UNK E 164 37.84 37.15 15.25
CA UNK E 164 37.15 37.98 14.26
C UNK E 164 36.87 39.41 14.77
N UNK E 165 36.80 40.38 13.84
CA UNK E 165 36.52 41.80 14.16
C UNK E 165 36.03 42.69 12.97
N UNK E 166 35.43 43.86 13.26
CA UNK E 166 34.98 44.81 12.20
C UNK E 166 34.86 46.32 12.59
N UNK E 167 34.94 47.23 11.61
CA UNK E 167 34.77 48.67 11.79
C UNK E 167 34.46 49.47 10.52
N UNK E 168 34.00 50.74 10.60
CA UNK E 168 33.82 51.52 9.39
C UNK E 168 35.22 51.93 8.94
N UNK E 169 36.14 52.01 9.89
CA UNK E 169 37.54 52.31 9.64
C UNK E 169 38.16 51.25 8.76
N UNK E 170 37.53 50.07 8.71
CA UNK E 170 38.05 48.93 7.97
C UNK E 170 38.19 49.22 6.48
N UNK E 171 37.22 49.94 5.92
CA UNK E 171 37.19 50.23 4.49
C UNK E 171 38.41 51.05 4.06
N UNK E 172 38.82 51.99 4.90
CA UNK E 172 39.92 52.88 4.56
C UNK E 172 41.24 52.14 4.34
N UNK E 173 41.52 51.14 5.17
CA UNK E 173 42.74 50.37 5.04
C UNK E 173 42.78 49.64 3.70
N UNK E 174 41.63 49.10 3.30
CA UNK E 174 41.48 48.44 2.01
C UNK E 174 42.09 49.17 0.82
N UNK E 175 41.87 50.47 0.72
CA UNK E 175 42.34 51.16 -0.48
C UNK E 175 43.85 51.13 -0.62
N UNK E 176 44.54 51.43 0.47
CA UNK E 176 46.00 51.37 0.49
C UNK E 176 46.51 49.94 0.38
N UNK E 177 45.84 49.05 1.10
CA UNK E 177 46.35 47.71 1.36
C UNK E 177 46.55 46.85 0.12
N UNK E 178 45.59 46.90 -0.80
CA UNK E 178 45.60 45.95 -1.91
C UNK E 178 46.37 46.58 -3.07
N UNK E 179 46.18 47.88 -3.25
CA UNK E 179 46.91 48.61 -4.28
C UNK E 179 48.38 48.47 -3.93
N UNK E 180 48.68 48.56 -2.64
CA UNK E 180 50.02 48.27 -2.15
C UNK E 180 50.32 46.81 -2.48
N UNK E 181 49.30 45.97 -2.30
CA UNK E 181 49.42 44.53 -2.55
C UNK E 181 49.75 44.24 -4.02
N UNK E 182 49.13 45.02 -4.92
CA UNK E 182 49.35 44.84 -6.35
C UNK E 182 50.83 44.91 -6.69
N UNK E 183 51.51 45.95 -6.19
CA UNK E 183 52.93 46.13 -6.45
C UNK E 183 53.74 44.97 -5.86
N UNK E 184 53.36 44.54 -4.66
CA UNK E 184 54.03 43.42 -4.00
C UNK E 184 53.85 42.16 -4.82
N UNK E 185 52.65 41.96 -5.35
CA UNK E 185 52.36 40.81 -6.19
C UNK E 185 53.22 40.84 -7.45
N UNK E 186 53.36 42.02 -8.02
CA UNK E 186 54.20 42.19 -9.22
C UNK E 186 55.65 41.85 -8.91
N UNK E 187 56.11 42.27 -7.73
CA UNK E 187 57.46 41.98 -7.29
C UNK E 187 57.65 40.47 -7.13
N UNK E 188 56.64 39.80 -6.59
CA UNK E 188 56.70 38.35 -6.38
C UNK E 188 57.25 37.64 -7.61
N UNK E 189 46.78 27.55 -9.51
CA UNK E 189 48.10 27.58 -8.87
C UNK E 189 49.14 26.87 -9.73
N UNK E 190 48.74 26.48 -10.93
CA UNK E 190 49.62 25.76 -11.85
C UNK E 190 50.80 26.65 -12.21
N UNK E 191 50.57 27.90 -12.37
CA UNK E 191 51.58 28.89 -12.70
C UNK E 191 52.59 28.99 -11.56
N UNK E 192 52.09 28.94 -10.33
CA UNK E 192 52.96 29.01 -9.17
C UNK E 192 53.91 27.81 -9.13
N UNK E 193 53.37 26.63 -9.46
CA UNK E 193 54.17 25.42 -9.49
C UNK E 193 55.25 25.55 -10.56
N UNK E 194 54.88 26.11 -11.69
CA UNK E 194 55.82 26.29 -12.78
C UNK E 194 56.94 27.23 -12.34
N UNK E 195 56.57 28.28 -11.62
CA UNK E 195 57.56 29.23 -11.12
C UNK E 195 58.52 28.54 -10.16
N UNK E 196 57.98 27.70 -9.29
CA UNK E 196 58.81 26.98 -8.34
C UNK E 196 59.78 26.08 -9.09
N UNK E 197 59.28 25.43 -10.13
CA UNK E 197 60.10 24.53 -10.93
C UNK E 197 61.23 25.31 -11.61
N UNK E 198 60.91 26.49 -12.12
CA UNK E 198 61.88 27.33 -12.78
C UNK E 198 62.96 27.73 -11.79
N UNK E 199 62.54 28.06 -10.57
CA UNK E 199 63.48 28.44 -9.53
C UNK E 199 64.41 27.27 -9.21
N UNK E 200 63.85 26.08 -9.13
CA UNK E 200 64.64 24.89 -8.84
C UNK E 200 65.65 24.66 -9.96
N UNK E 201 65.23 24.87 -11.19
CA UNK E 201 66.09 24.70 -12.35
C UNK E 201 67.24 25.69 -12.29
N UNK E 202 66.92 26.93 -11.90
CA UNK E 202 67.93 27.97 -11.78
C UNK E 202 68.94 27.58 -10.72
N UNK E 203 68.45 27.02 -9.62
CA UNK E 203 69.30 26.56 -8.55
C UNK E 203 69.95 25.29 -9.09
N UNK E 204 71.88 22.35 -2.93
CA UNK E 204 71.03 23.23 -2.13
C UNK E 204 70.02 22.44 -1.31
N UNK E 205 69.68 22.97 -0.14
CA UNK E 205 68.68 22.33 0.72
C UNK E 205 67.45 23.22 0.83
N UNK E 206 66.28 22.66 0.56
CA UNK E 206 65.04 23.41 0.60
C UNK E 206 64.25 23.11 1.85
N UNK E 207 64.13 24.09 2.74
CA UNK E 207 63.29 23.92 3.93
C UNK E 207 61.86 24.39 3.67
N UNK E 208 60.91 23.51 3.95
CA UNK E 208 59.51 23.89 3.91
C UNK E 208 59.11 24.07 5.36
N UNK E 209 58.71 25.29 5.71
CA UNK E 209 58.40 25.61 7.09
C UNK E 209 57.10 26.39 7.21
N UNK E 210 56.39 26.15 8.31
CA UNK E 210 55.18 26.88 8.60
C UNK E 210 55.37 27.67 9.87
N UNK E 211 55.05 28.96 9.80
CA UNK E 211 55.34 29.85 10.90
C UNK E 211 54.10 30.31 11.64
N UNK E 212 54.03 29.89 12.90
CA UNK E 212 53.11 30.43 13.88
C UNK E 212 53.49 31.85 14.25
N UNK E 213 54.80 32.06 14.35
CA UNK E 213 55.35 33.25 14.96
C UNK E 213 55.00 34.55 14.24
N UNK E 214 55.06 34.56 12.92
CA UNK E 214 54.76 35.80 12.20
C UNK E 214 53.32 36.21 12.47
N UNK E 215 52.41 35.24 12.38
CA UNK E 215 51.00 35.51 12.61
C UNK E 215 50.77 35.97 14.03
N UNK E 216 51.46 35.33 14.97
CA UNK E 216 51.31 35.64 16.39
C UNK E 216 51.75 37.06 16.78
N UNK E 217 52.87 37.52 16.23
CA UNK E 217 53.41 38.82 16.63
C UNK E 217 53.64 39.80 15.47
N UNK E 218 53.08 41.00 15.62
CA UNK E 218 53.34 42.11 14.72
C UNK E 218 53.02 43.41 15.45
N UNK E 219 53.55 44.53 14.99
CA UNK E 219 53.16 45.80 15.58
C UNK E 219 52.52 46.66 14.49
N UNK E 220 51.32 47.16 14.76
CA UNK E 220 50.66 48.00 13.78
C UNK E 220 51.76 48.89 13.22
N UNK E 221 52.68 49.29 14.10
CA UNK E 221 53.79 50.15 13.73
C UNK E 221 54.71 49.56 12.66
N UNK E 222 55.03 48.26 12.76
CA UNK E 222 55.89 47.69 11.73
C UNK E 222 55.37 48.04 10.34
N UNK E 223 54.05 47.99 10.17
CA UNK E 223 53.43 48.31 8.90
C UNK E 223 53.60 49.79 8.56
N UNK E 224 53.42 50.65 9.56
CA UNK E 224 53.55 52.09 9.37
C UNK E 224 54.98 52.44 8.95
N UNK E 225 55.96 51.79 9.57
CA UNK E 225 57.36 52.02 9.24
C UNK E 225 57.63 51.62 7.79
N UNK E 226 57.04 50.50 7.39
CA UNK E 226 57.19 50.02 6.01
C UNK E 226 56.58 51.03 5.04
N UNK E 227 55.43 51.58 5.41
CA UNK E 227 54.78 52.59 4.59
C UNK E 227 55.65 53.82 4.44
N UNK E 228 56.29 54.21 5.54
CA UNK E 228 57.19 55.35 5.55
C UNK E 228 58.38 55.09 4.62
N UNK E 229 58.89 53.86 4.66
CA UNK E 229 59.99 53.47 3.80
C UNK E 229 59.59 53.55 2.34
N UNK E 230 58.36 53.12 2.06
CA UNK E 230 57.82 53.17 0.71
C UNK E 230 57.70 54.62 0.23
N UNK E 231 57.27 55.49 1.13
CA UNK E 231 57.12 56.91 0.81
C UNK E 231 58.46 57.63 0.83
N UNK E 232 51.59 63.16 -1.60
CA UNK E 232 51.99 63.40 -0.22
C UNK E 232 50.79 63.25 0.72
N UNK E 233 49.69 63.90 0.38
CA UNK E 233 48.48 63.85 1.20
C UNK E 233 47.94 62.43 1.27
N UNK E 234 47.98 61.72 0.15
CA UNK E 234 47.52 60.34 0.09
C UNK E 234 48.38 59.47 0.99
N UNK E 235 49.68 59.71 0.96
CA UNK E 235 50.63 58.98 1.80
C UNK E 235 50.34 59.23 3.27
N UNK E 236 50.02 60.49 3.60
CA UNK E 236 49.73 60.86 4.98
C UNK E 236 48.46 60.18 5.50
N UNK E 237 47.44 60.12 4.64
CA UNK E 237 46.17 59.50 5.02
C UNK E 237 46.38 58.02 5.28
N UNK E 238 47.19 57.38 4.45
CA UNK E 238 47.49 55.97 4.60
C UNK E 238 48.22 55.73 5.93
N UNK E 239 49.14 56.64 6.26
CA UNK E 239 49.87 56.55 7.51
C UNK E 239 48.92 56.67 8.69
N UNK E 240 47.96 57.58 8.58
CA UNK E 240 46.96 57.78 9.61
C UNK E 240 46.13 56.51 9.79
N UNK E 241 45.78 55.88 8.68
CA UNK E 241 45.02 54.65 8.71
C UNK E 241 45.81 53.55 9.41
N UNK E 242 47.11 53.51 9.13
CA UNK E 242 47.99 52.53 9.77
C UNK E 242 48.05 52.77 11.26
N UNK E 243 48.11 54.04 11.66
CA UNK E 243 48.14 54.40 13.08
C UNK E 243 46.84 53.95 13.74
N UNK E 244 45.72 54.14 13.04
CA UNK E 244 44.42 53.76 13.58
C UNK E 244 44.46 52.35 14.19
N UNK E 245 44.96 51.42 13.39
CA UNK E 245 45.18 50.04 13.81
C UNK E 245 46.20 49.99 14.95
N UNK E 246 47.22 50.83 14.85
CA UNK E 246 48.27 50.84 15.86
C UNK E 246 47.62 51.16 17.20
N UNK E 247 46.70 52.11 17.21
CA UNK E 247 45.88 52.34 18.38
C UNK E 247 44.47 51.87 18.07
N UNK E 248 44.03 50.84 18.77
CA UNK E 248 42.70 50.28 18.57
C UNK E 248 42.22 49.52 19.79
N UNK E 249 40.92 49.32 19.90
CA UNK E 249 40.36 48.50 20.97
C UNK E 249 39.54 47.36 20.39
N UNK E 250 39.82 46.14 20.83
CA UNK E 250 39.02 44.99 20.44
C UNK E 250 38.20 44.54 21.65
N UNK E 251 36.90 44.34 21.45
CA UNK E 251 36.02 43.94 22.54
C UNK E 251 35.56 42.49 22.36
N UNK E 252 35.79 41.68 23.39
CA UNK E 252 35.44 40.27 23.34
C UNK E 252 34.12 40.00 24.05
N UNK E 253 35.01 45.01 36.00
CA UNK E 253 34.67 45.36 37.39
C UNK E 253 33.90 44.23 38.09
N UNK E 254 32.58 44.22 37.92
CA UNK E 254 31.75 43.20 38.53
C UNK E 254 32.10 41.81 38.00
N UNK E 255 32.34 41.73 36.69
CA UNK E 255 32.72 40.47 36.08
C UNK E 255 34.05 39.99 36.64
N UNK E 256 34.99 40.90 36.82
CA UNK E 256 36.31 40.58 37.35
C UNK E 256 36.20 40.01 38.76
N UNK E 257 35.42 40.68 39.61
CA UNK E 257 35.24 40.25 40.99
C UNK E 257 34.58 38.87 41.04
N UNK E 258 33.59 38.66 40.18
CA UNK E 258 32.91 37.37 40.10
C UNK E 258 33.89 36.28 39.69
N UNK E 259 34.75 36.60 38.74
CA UNK E 259 35.77 35.66 38.29
C UNK E 259 36.71 35.31 39.42
N UNK E 260 37.08 36.32 40.21
CA UNK E 260 37.96 36.11 41.34
C UNK E 260 37.29 35.20 42.36
N UNK E 261 36.00 35.40 42.57
CA UNK E 261 35.23 34.57 43.48
C UNK E 261 35.20 33.13 43.00
N UNK E 262 35.04 32.95 41.70
CA UNK E 262 34.99 31.62 41.10
C UNK E 262 36.36 31.21 40.55
N UNK E 263 42.85 28.30 34.81
CA UNK E 263 42.62 28.57 33.40
C UNK E 263 42.09 29.98 33.19
N UNK E 264 40.77 30.13 33.21
CA UNK E 264 40.14 31.43 33.03
C UNK E 264 40.54 32.40 34.13
N UNK E 265 40.60 31.90 35.36
CA UNK E 265 41.00 32.71 36.50
C UNK E 265 42.44 33.18 36.33
N UNK E 266 43.29 32.29 35.84
CA UNK E 266 44.69 32.61 35.59
C UNK E 266 44.80 33.69 34.51
N UNK E 267 43.97 33.59 33.48
CA UNK E 267 43.97 34.55 32.39
C UNK E 267 43.27 35.84 32.80
N UNK E 268 42.22 35.70 33.60
CA UNK E 268 41.46 36.86 34.06
C UNK E 268 42.33 37.75 34.93
N UNK E 269 43.15 37.14 35.78
CA UNK E 269 44.01 37.90 36.67
C UNK E 269 44.98 38.74 35.85
N UNK E 270 45.53 38.15 34.80
CA UNK E 270 46.33 38.89 33.84
C UNK E 270 45.40 39.90 33.20
N UNK E 271 44.17 39.50 32.88
CA UNK E 271 43.24 40.42 32.23
C UNK E 271 42.79 41.65 33.05
N UNK E 272 42.70 41.50 34.36
CA UNK E 272 42.07 42.55 35.14
C UNK E 272 42.79 43.87 34.90
N UNK E 273 44.12 43.83 34.81
CA UNK E 273 44.91 45.04 34.55
C UNK E 273 44.67 45.74 33.20
N UNK E 274 44.58 44.99 32.10
CA UNK E 274 44.50 45.60 30.77
C UNK E 274 43.10 45.70 30.14
N UNK E 275 42.37 44.59 30.17
CA UNK E 275 40.99 44.53 29.68
C UNK E 275 39.96 45.09 30.66
N UNK E 276 40.17 44.83 31.95
CA UNK E 276 39.13 45.11 32.94
C UNK E 276 38.75 46.59 33.05
N UNK E 277 39.73 47.50 33.07
CA UNK E 277 39.39 48.91 33.05
C UNK E 277 38.73 49.23 31.71
N UNK E 278 39.32 48.71 30.65
CA UNK E 278 38.76 48.77 29.31
C UNK E 278 39.44 47.70 28.47
N UNK E 279 38.83 47.31 27.36
CA UNK E 279 39.50 46.41 26.43
C UNK E 279 40.58 47.19 25.69
N UNK E 280 41.76 46.61 25.55
CA UNK E 280 42.80 47.23 24.75
C UNK E 280 43.97 46.29 24.52
N UNK E 281 44.72 46.55 23.45
CA UNK E 281 45.88 45.73 23.11
C UNK E 281 46.73 46.54 22.15
N UNK E 282 48.01 46.23 22.05
CA UNK E 282 48.83 46.96 21.09
C UNK E 282 49.85 46.04 20.41
N UNK E 283 50.17 46.34 19.16
CA UNK E 283 51.18 45.58 18.43
C UNK E 283 50.61 44.27 17.92
N UNK E 284 45.75 41.08 15.43
CA UNK E 284 44.96 40.24 14.52
C UNK E 284 44.26 40.99 13.38
N UNK E 285 44.96 41.92 12.76
CA UNK E 285 44.44 42.72 11.65
C UNK E 285 44.32 41.87 10.39
N UNK E 286 43.19 41.99 9.71
CA UNK E 286 43.00 41.27 8.46
C UNK E 286 44.00 41.73 7.41
N UNK E 287 44.17 43.06 7.34
CA UNK E 287 45.17 43.71 6.50
C UNK E 287 46.59 43.36 6.94
N UNK E 288 46.76 43.27 8.26
CA UNK E 288 48.09 43.16 8.86
C UNK E 288 48.84 41.91 8.41
N UNK E 289 48.14 40.79 8.28
CA UNK E 289 48.77 39.57 7.81
C UNK E 289 49.30 39.76 6.40
N UNK E 290 48.51 40.42 5.57
CA UNK E 290 48.89 40.72 4.19
C UNK E 290 50.12 41.63 4.17
N UNK E 291 50.14 42.60 5.07
CA UNK E 291 51.26 43.51 5.18
C UNK E 291 52.52 42.76 5.56
N UNK E 292 52.37 41.80 6.47
CA UNK E 292 53.49 40.97 6.91
C UNK E 292 54.01 40.14 5.73
N UNK E 293 53.09 39.63 4.93
CA UNK E 293 53.45 38.86 3.75
C UNK E 293 54.24 39.73 2.77
N UNK E 294 53.80 40.97 2.61
CA UNK E 294 54.49 41.92 1.73
C UNK E 294 55.90 42.20 2.26
N UNK E 295 56.01 42.32 3.58
CA UNK E 295 57.28 42.55 4.24
C UNK E 295 58.23 41.37 4.01
N UNK E 296 57.68 40.17 4.04
CA UNK E 296 58.48 38.96 3.90
C UNK E 296 59.20 38.92 2.55
N UNK E 297 58.49 39.34 1.49
CA UNK E 297 59.10 39.37 0.17
C UNK E 297 60.27 40.33 0.19
N UNK E 298 60.15 41.41 0.96
CA UNK E 298 61.27 42.32 1.16
C UNK E 298 62.45 41.65 1.89
N UNK E 299 62.21 41.26 3.13
CA UNK E 299 63.25 40.63 3.95
C UNK E 299 63.68 39.34 3.27
N UNK E 300 62.70 38.62 2.73
CA UNK E 300 62.98 37.36 2.04
C UNK E 300 63.84 37.58 0.81
N UNK E 301 63.55 38.64 0.06
CA UNK E 301 64.29 38.96 -1.15
C UNK E 301 65.75 39.26 -0.81
N UNK E 302 65.97 39.99 0.27
CA UNK E 302 67.32 40.32 0.71
C UNK E 302 68.08 39.05 1.07
N UNK E 303 67.39 38.12 1.74
CA UNK E 303 67.99 36.85 2.11
C UNK E 303 68.38 36.06 0.86
N UNK E 304 67.51 36.10 -0.14
CA UNK E 304 67.77 35.41 -1.41
C UNK E 304 69.01 36.02 -2.07
N UNK E 305 69.11 37.34 -2.02
CA UNK E 305 70.27 38.03 -2.57
C UNK E 305 71.55 37.63 -1.86
N UNK E 306 71.45 37.50 -0.55
CA UNK E 306 72.60 37.07 0.26
C UNK E 306 73.01 35.65 -0.13
N UNK E 307 75.98 29.28 -3.02
CA UNK E 307 74.78 28.98 -3.79
C UNK E 307 73.56 28.84 -2.88
N UNK E 308 72.69 29.84 -2.91
CA UNK E 308 71.52 29.85 -2.04
C UNK E 308 70.21 29.99 -2.82
N UNK E 309 69.23 29.16 -2.49
CA UNK E 309 67.90 29.27 -3.08
C UNK E 309 66.90 29.60 -1.99
N UNK E 310 66.12 30.66 -2.18
CA UNK E 310 65.13 31.04 -1.19
C UNK E 310 63.71 30.87 -1.72
N UNK E 311 62.90 30.11 -0.99
CA UNK E 311 61.51 29.91 -1.36
C UNK E 311 60.59 30.36 -0.22
N UNK E 312 59.64 31.22 -0.54
CA UNK E 312 58.63 31.60 0.45
C UNK E 312 57.23 31.29 -0.04
N UNK E 313 56.51 30.47 0.73
CA UNK E 313 55.10 30.18 0.46
C UNK E 313 54.22 30.97 1.41
N UNK E 314 54.86 31.82 2.22
CA UNK E 314 54.17 32.51 3.30
C UNK E 314 53.88 31.51 4.40
N UNK E 315 53.13 30.48 4.05
CA UNK E 315 52.89 29.34 4.95
C UNK E 315 54.20 28.61 5.22
N UNK E 316 55.01 28.46 4.19
CA UNK E 316 56.29 27.72 4.27
C UNK E 316 57.38 28.63 3.68
N UNK E 317 58.51 28.81 4.39
CA UNK E 317 59.59 29.69 3.92
C UNK E 317 60.85 28.84 3.60
N UNK E 318 61.49 29.04 2.44
CA UNK E 318 62.58 28.14 2.03
C UNK E 318 63.91 28.79 1.61
N UNK E 319 64.99 28.05 1.80
CA UNK E 319 66.34 28.48 1.41
C UNK E 319 67.20 27.25 1.14
N UNK E 320 68.26 27.42 0.35
CA UNK E 320 69.17 26.33 0.03
C UNK E 320 70.63 26.70 0.28
N UNK E 321 71.41 25.77 0.82
CA UNK E 321 72.83 26.01 1.02
C UNK E 321 73.65 24.98 0.25
N UNK E 322 74.45 25.48 -0.69
CA UNK E 322 75.40 24.66 -1.41
C UNK E 322 76.74 25.39 -1.33
N UNK E 323 77.81 24.68 -0.99
CA UNK E 323 79.08 25.37 -0.86
C UNK E 323 80.19 24.65 -1.62
N UNK E 324 79.36 22.03 4.31
CA UNK E 324 78.33 21.80 5.32
C UNK E 324 78.36 22.86 6.41
N UNK E 325 79.56 23.25 6.83
CA UNK E 325 79.72 24.29 7.84
C UNK E 325 79.17 25.60 7.30
N UNK E 326 79.43 25.86 6.02
CA UNK E 326 78.94 27.06 5.37
C UNK E 326 77.41 27.07 5.35
N UNK E 327 76.84 25.90 5.08
CA UNK E 327 75.39 25.75 5.07
C UNK E 327 74.83 26.04 6.45
N UNK E 328 75.51 25.54 7.49
CA UNK E 328 75.06 25.79 8.85
C UNK E 328 75.10 27.29 9.15
N UNK E 329 76.14 27.95 8.68
CA UNK E 329 76.27 29.40 8.89
C UNK E 329 75.15 30.15 8.19
N UNK E 330 74.82 29.70 6.99
CA UNK E 330 73.76 30.30 6.21
C UNK E 330 72.44 30.13 6.96
N UNK E 331 72.27 28.95 7.55
CA UNK E 331 71.08 28.64 8.33
C UNK E 331 70.98 29.56 9.53
N UNK E 332 72.11 29.84 10.17
CA UNK E 332 72.14 30.71 11.33
C UNK E 332 71.66 32.12 10.97
N UNK E 333 71.95 32.55 9.75
CA UNK E 333 71.54 33.87 9.28
C UNK E 333 70.03 34.00 9.25
N UNK E 334 69.35 32.95 8.81
CA UNK E 334 67.90 32.94 8.73
C UNK E 334 67.27 33.10 10.11
N UNK E 335 67.84 32.42 11.10
CA UNK E 335 67.33 32.49 12.47
C UNK E 335 67.43 33.91 13.02
N UNK E 336 68.53 34.59 12.72
CA UNK E 336 68.74 35.95 13.19
C UNK E 336 67.69 36.90 12.61
N UNK E 337 67.37 36.70 11.34
CA UNK E 337 66.38 37.54 10.67
C UNK E 337 65.01 37.41 11.33
N UNK E 338 64.65 36.17 11.68
CA UNK E 338 63.38 35.91 12.35
C UNK E 338 63.34 36.62 13.70
N UNK E 339 64.46 36.58 14.42
CA UNK E 339 64.56 37.25 15.70
C UNK E 339 64.40 38.76 15.54
N UNK E 340 64.99 39.29 14.48
CA UNK E 340 64.87 40.71 14.17
C UNK E 340 63.42 41.09 13.88
N UNK E 341 62.74 40.21 13.16
CA UNK E 341 61.34 40.45 12.80
C UNK E 341 60.50 40.83 14.02
N UNK E 342 60.23 35.44 13.09
CA UNK E 342 60.69 34.19 13.73
C UNK E 342 60.16 32.94 13.03
N UNK E 343 60.61 31.78 13.52
CA UNK E 343 60.19 30.49 12.99
C UNK E 343 59.91 29.56 14.15
N UNK E 344 59.00 28.63 13.91
CA UNK E 344 58.61 27.62 14.88
C UNK E 344 59.39 26.34 14.68
N UNK E 345 59.26 25.43 15.63
CA UNK E 345 60.00 24.18 15.66
C UNK E 345 59.66 23.25 14.50
N UNK E 346 58.39 23.19 14.13
CA UNK E 346 57.96 22.24 13.12
C UNK E 346 58.08 22.81 11.71
N UNK E 347 58.92 22.16 10.91
CA UNK E 347 59.13 22.51 9.52
C UNK E 347 59.66 21.28 8.82
N UNK E 348 59.54 21.23 7.49
CA UNK E 348 60.06 20.08 6.76
C UNK E 348 61.32 20.45 6.00
N UNK E 349 62.42 19.78 6.32
CA UNK E 349 63.68 19.97 5.62
C UNK E 349 64.21 18.62 5.12
N UNK E 350 64.54 18.56 3.83
CA UNK E 350 65.08 17.33 3.27
C UNK E 350 66.21 17.62 2.29
N UNK E 351 67.14 16.68 2.18
CA UNK E 351 68.21 16.77 1.19
C UNK E 351 68.27 15.49 0.35
N UNK E 352 62.04 17.55 -2.81
CA UNK E 352 60.60 17.42 -2.88
C UNK E 352 59.89 18.14 -1.72
N UNK E 353 59.29 19.28 -2.03
CA UNK E 353 58.56 20.04 -1.03
C UNK E 353 57.07 20.06 -1.38
N UNK E 354 56.20 19.74 -0.43
CA UNK E 354 54.77 19.87 -0.73
C UNK E 354 54.16 21.12 -0.10
N UNK E 355 53.95 22.16 -0.91
CA UNK E 355 53.19 23.33 -0.48
C UNK E 355 52.19 23.77 -1.56
N UNK E 356 50.91 23.85 -1.22
CA UNK E 356 49.90 24.33 -2.16
C UNK E 356 49.76 23.30 -3.26
N UNK E 357 50.88 23.09 -3.94
CA UNK E 357 51.08 21.97 -4.86
C UNK E 357 52.38 21.32 -4.40
N UNK E 358 52.60 20.08 -4.80
CA UNK E 358 53.67 19.26 -4.26
C UNK E 358 54.92 19.28 -5.15
N UNK E 359 56.07 19.43 -4.51
CA UNK E 359 57.34 19.45 -5.23
C UNK E 359 58.15 18.18 -5.00
N UNK E 360 58.50 17.55 -6.11
CA UNK E 360 59.13 16.24 -6.16
C UNK E 360 60.04 16.22 -7.36
N UNK E 361 60.73 15.10 -7.59
CA UNK E 361 61.68 15.02 -8.69
C UNK E 361 60.91 15.29 -9.97
N UNK E 362 59.68 14.80 -10.05
CA UNK E 362 58.79 15.14 -11.15
C UNK E 362 57.72 16.11 -10.66
N UNK E 363 57.61 17.25 -11.34
CA UNK E 363 56.68 18.30 -10.96
C UNK E 363 55.23 17.85 -11.11
N UNK E 364 54.36 18.31 -10.20
CA UNK E 364 52.96 17.90 -10.25
C UNK E 364 52.17 18.65 -9.18
N UNK E 365 50.84 18.62 -9.25
CA UNK E 365 50.02 19.13 -8.17
C UNK E 365 48.90 18.16 -7.78
N UNK E 366 49.29 17.01 -7.23
CA UNK E 366 48.34 15.98 -6.79
C UNK E 366 47.45 16.35 -5.59
N UNK E 367 48.04 17.02 -4.61
CA UNK E 367 47.41 17.26 -3.30
C UNK E 367 46.35 18.40 -3.31
N UNK E 368 46.67 19.47 -4.04
CA UNK E 368 45.83 20.65 -4.09
C UNK E 368 44.46 20.32 -4.68
N UNK E 369 44.51 19.57 -5.78
CA UNK E 369 43.37 19.29 -6.65
C UNK E 369 42.28 18.47 -5.97
N UNK E 370 42.67 17.50 -5.16
CA UNK E 370 41.69 16.62 -4.55
C UNK E 370 40.77 17.45 -3.66
N UNK E 371 41.36 18.36 -2.90
CA UNK E 371 40.58 19.20 -2.00
C UNK E 371 39.60 20.07 -2.78
N UNK E 372 40.07 20.61 -3.90
CA UNK E 372 39.24 21.45 -4.75
C UNK E 372 38.06 20.66 -5.32
N UNK E 373 38.33 19.43 -5.76
CA UNK E 373 37.29 18.58 -6.32
C UNK E 373 36.27 18.28 -5.22
N UNK E 374 36.80 18.06 -4.03
CA UNK E 374 35.99 17.74 -2.86
C UNK E 374 35.09 18.90 -2.48
N UNK E 375 35.59 20.13 -2.56
CA UNK E 375 34.78 21.25 -2.07
C UNK E 375 33.95 21.88 -3.19
N UNK E 376 34.59 22.15 -4.32
CA UNK E 376 33.93 22.60 -5.53
C UNK E 376 33.00 21.49 -6.05
N UNK E 377 33.48 20.27 -5.90
CA UNK E 377 32.80 19.07 -6.37
C UNK E 377 31.47 18.87 -5.67
N UNK E 378 31.32 19.49 -4.50
CA UNK E 378 30.18 19.23 -3.64
C UNK E 378 28.85 19.48 -4.35
N UNK E 379 27.92 18.57 -4.10
CA UNK E 379 26.66 18.44 -4.81
C UNK E 379 25.56 19.16 -4.04
N UNK E 380 24.69 19.85 -4.76
CA UNK E 380 23.61 20.60 -4.12
C UNK E 380 22.43 20.79 -5.08
N UNK E 381 21.28 21.14 -4.52
CA UNK E 381 20.09 21.38 -5.32
C UNK E 381 19.77 22.87 -5.37
N UNK E 382 14.31 25.61 -11.23
CA UNK E 382 14.37 24.33 -11.92
C UNK E 382 15.49 24.32 -12.95
N UNK E 383 15.20 24.79 -14.15
CA UNK E 383 16.19 24.83 -15.22
C UNK E 383 17.35 25.73 -14.85
N UNK E 384 17.05 26.88 -14.24
CA UNK E 384 18.10 27.80 -13.79
C UNK E 384 18.99 27.15 -12.74
N UNK E 385 18.37 26.40 -11.83
CA UNK E 385 19.11 25.69 -10.79
C UNK E 385 20.03 24.66 -11.43
N UNK E 386 19.51 23.96 -12.45
CA UNK E 386 20.30 22.97 -13.16
C UNK E 386 21.50 23.63 -13.83
N UNK E 387 21.28 24.81 -14.41
CA UNK E 387 22.35 25.56 -15.05
C UNK E 387 23.40 25.95 -14.03
N UNK E 388 22.95 26.35 -12.85
CA UNK E 388 23.86 26.72 -11.76
C UNK E 388 24.69 25.52 -11.34
N UNK E 389 24.08 24.34 -11.29
CA UNK E 389 24.82 23.16 -10.86
C UNK E 389 25.97 22.87 -11.83
N UNK E 390 25.68 22.99 -13.12
CA UNK E 390 26.71 22.84 -14.14
C UNK E 390 27.77 23.91 -14.02
N UNK E 391 27.32 25.14 -13.76
CA UNK E 391 28.23 26.26 -13.59
C UNK E 391 29.12 26.04 -12.38
N UNK E 392 28.52 25.53 -11.30
CA UNK E 392 29.27 25.23 -10.09
C UNK E 392 30.32 24.17 -10.37
N UNK E 393 29.95 23.16 -11.15
CA UNK E 393 30.88 22.10 -11.51
C UNK E 393 32.04 22.67 -12.31
N UNK E 394 31.73 23.59 -13.22
CA UNK E 394 32.75 24.23 -14.04
C UNK E 394 33.70 25.03 -13.16
N UNK E 395 33.15 25.72 -12.17
CA UNK E 395 33.95 26.51 -11.24
C UNK E 395 34.89 25.60 -10.46
N UNK E 396 34.37 24.45 -10.04
CA UNK E 396 35.17 23.48 -9.32
C UNK E 396 36.31 22.96 -10.19
N UNK E 397 36.01 22.72 -11.46
CA UNK E 397 37.01 22.21 -12.40
C UNK E 397 38.17 23.18 -12.61
N UNK E 398 37.86 24.46 -12.71
CA UNK E 398 38.85 25.48 -13.01
C UNK E 398 39.86 25.52 -11.87
N UNK E 399 39.39 25.20 -10.66
CA UNK E 399 40.30 24.76 -9.61
C UNK E 399 41.06 23.42 -9.81
N UNK E 400 39.96 14.86 -13.90
CA UNK E 400 39.08 14.92 -15.06
C UNK E 400 37.99 13.86 -14.98
N UNK E 401 38.40 12.61 -14.80
CA UNK E 401 37.46 11.50 -14.71
C UNK E 401 36.56 11.66 -13.49
N UNK E 402 37.14 12.10 -12.38
CA UNK E 402 36.38 12.32 -11.16
C UNK E 402 35.34 13.42 -11.37
N UNK E 403 35.74 14.46 -12.08
CA UNK E 403 34.85 15.57 -12.38
C UNK E 403 33.69 15.08 -13.25
N UNK E 404 34.01 14.22 -14.21
CA UNK E 404 33.00 13.63 -15.09
C UNK E 404 32.01 12.80 -14.29
N UNK E 405 32.52 12.06 -13.32
CA UNK E 405 31.69 11.20 -12.48
C UNK E 405 31.02 12.02 -11.38
N UNK E 406 31.64 13.12 -11.00
CA UNK E 406 31.10 13.99 -9.95
C UNK E 406 29.98 14.86 -10.50
N UNK E 407 30.16 15.35 -11.72
CA UNK E 407 29.16 16.16 -12.41
C UNK E 407 27.91 15.34 -12.65
N UNK E 408 28.09 14.08 -13.00
CA UNK E 408 26.96 13.19 -13.25
C UNK E 408 26.13 13.00 -11.98
N UNK E 409 26.80 12.88 -10.84
CA UNK E 409 26.13 12.67 -9.57
C UNK E 409 25.45 13.96 -9.11
N UNK E 410 26.14 15.07 -9.31
CA UNK E 410 25.54 16.34 -8.92
C UNK E 410 24.26 16.58 -9.72
N UNK E 411 24.31 16.29 -11.02
CA UNK E 411 23.16 16.49 -11.90
C UNK E 411 22.03 15.58 -11.45
N UNK E 412 22.40 14.38 -11.05
CA UNK E 412 21.48 13.35 -10.59
C UNK E 412 20.69 13.77 -9.36
N UNK E 413 21.32 14.48 -8.41
CA UNK E 413 20.55 14.87 -7.21
C UNK E 413 19.34 15.75 -7.55
N UNK E 414 19.57 16.69 -8.45
CA UNK E 414 18.65 17.58 -9.11
C UNK E 414 17.37 16.82 -9.50
N UNK E 415 17.56 15.59 -9.97
CA UNK E 415 16.43 14.75 -10.34
C UNK E 415 15.57 14.45 -9.12
N UNK E 416 16.23 14.19 -7.99
CA UNK E 416 15.51 13.94 -6.75
C UNK E 416 14.70 15.17 -6.35
N UNK E 417 15.32 16.34 -6.51
CA UNK E 417 14.64 17.60 -6.25
C UNK E 417 13.49 17.80 -7.23
N UNK E 418 13.72 17.42 -8.48
CA UNK E 418 12.71 17.54 -9.52
C UNK E 418 11.62 16.50 -9.42
N UNK E 419 10.58 16.68 -10.22
CA UNK E 419 9.65 15.60 -10.47
C UNK E 419 10.48 14.92 -11.52
N UNK E 420 11.61 14.40 -11.05
CA UNK E 420 12.63 13.70 -11.82
C UNK E 420 12.31 12.22 -12.05
N UNK E 421 13.19 11.56 -12.79
CA UNK E 421 13.04 10.15 -13.16
C UNK E 421 12.21 9.99 -14.42
N UNK E 422 11.80 11.13 -14.98
CA UNK E 422 11.14 11.16 -16.28
C UNK E 422 12.11 10.68 -17.36
N UNK E 423 13.38 11.07 -17.23
CA UNK E 423 14.38 10.79 -18.25
C UNK E 423 14.12 11.73 -19.41
N UNK E 424 32.65 16.98 -26.72
CA UNK E 424 32.48 16.22 -25.49
C UNK E 424 31.52 16.92 -24.54
N UNK E 425 30.87 16.14 -23.69
CA UNK E 425 29.91 16.69 -22.73
C UNK E 425 30.62 17.63 -21.75
N UNK E 426 31.81 17.23 -21.31
CA UNK E 426 32.59 18.05 -20.40
C UNK E 426 32.96 19.37 -21.06
N UNK E 427 33.33 19.30 -22.33
CA UNK E 427 33.66 20.50 -23.11
C UNK E 427 32.45 21.42 -23.23
N UNK E 428 31.28 20.83 -23.44
CA UNK E 428 30.05 21.59 -23.57
C UNK E 428 29.76 22.38 -22.29
N UNK E 429 29.90 21.73 -21.15
CA UNK E 429 29.66 22.37 -19.86
C UNK E 429 30.62 23.53 -19.66
N UNK E 430 31.88 23.31 -20.05
CA UNK E 430 32.90 24.35 -19.95
C UNK E 430 32.56 25.53 -20.83
N UNK E 431 32.05 25.25 -22.02
CA UNK E 431 31.68 26.29 -22.96
C UNK E 431 30.36 26.95 -22.56
N UNK E 432 22.39 26.68 -19.91
CA UNK E 432 21.83 27.52 -20.95
C UNK E 432 22.66 27.30 -22.20
N UNK E 433 23.91 26.90 -22.01
CA UNK E 433 24.65 26.23 -23.05
C UNK E 433 23.88 24.93 -23.24
N UNK E 434 23.45 24.35 -22.12
CA UNK E 434 22.62 23.14 -22.12
C UNK E 434 21.26 23.39 -22.76
N UNK E 435 20.68 24.54 -22.46
CA UNK E 435 19.41 24.92 -23.05
C UNK E 435 19.59 25.06 -24.54
N UNK E 436 20.73 25.62 -24.93
CA UNK E 436 21.07 25.81 -26.33
C UNK E 436 21.19 24.47 -27.02
N UNK E 437 21.78 23.50 -26.32
CA UNK E 437 21.90 22.14 -26.83
C UNK E 437 20.52 21.52 -27.02
N UNK E 438 19.62 21.78 -26.08
CA UNK E 438 18.26 21.31 -26.18
C UNK E 438 17.58 21.91 -27.41
N UNK E 439 17.85 23.19 -27.65
CA UNK E 439 17.30 23.90 -28.80
C UNK E 439 17.82 23.28 -30.09
N UNK E 440 19.10 22.93 -30.11
CA UNK E 440 19.67 22.26 -31.27
C UNK E 440 18.96 20.93 -31.42
N UNK F 1 3.34 22.43 -10.12
CA UNK F 1 4.47 22.01 -10.95
C UNK F 1 3.98 21.08 -12.05
N UNK F 2 3.19 20.10 -11.64
CA UNK F 2 2.66 19.12 -12.56
C UNK F 2 1.85 19.93 -13.56
N UNK F 3 1.19 20.95 -13.06
CA UNK F 3 0.42 21.85 -13.91
C UNK F 3 1.33 22.52 -14.93
N UNK F 4 2.52 22.92 -14.52
CA UNK F 4 3.44 23.57 -15.44
C UNK F 4 3.82 22.61 -16.56
N UNK F 5 4.08 21.36 -16.18
CA UNK F 5 4.45 20.36 -17.18
C UNK F 5 3.28 20.17 -18.13
N UNK F 6 2.07 20.17 -17.59
CA UNK F 6 0.86 19.99 -18.38
C UNK F 6 0.70 21.12 -19.37
N UNK F 7 0.99 22.33 -18.93
CA UNK F 7 0.90 23.50 -19.80
C UNK F 7 1.88 23.35 -20.94
N UNK F 8 3.08 22.90 -20.61
CA UNK F 8 4.08 22.71 -21.65
C UNK F 8 3.59 21.68 -22.65
N UNK F 9 2.99 20.61 -22.15
CA UNK F 9 2.50 19.55 -23.01
C UNK F 9 1.41 20.07 -23.93
N UNK F 10 0.52 20.89 -23.39
CA UNK F 10 -0.56 21.47 -24.16
C UNK F 10 -0.10 22.67 -24.98
N UNK F 11 1.03 23.25 -24.57
CA UNK F 11 1.59 24.41 -25.26
C UNK F 11 1.97 24.05 -26.70
N UNK F 12 2.54 22.87 -26.88
CA UNK F 12 2.96 22.41 -28.20
C UNK F 12 3.83 21.16 -28.10
N UNK F 13 7.99 10.30 -28.89
CA UNK F 13 8.85 10.94 -27.87
C UNK F 13 8.03 11.88 -27.00
N UNK F 14 7.22 12.68 -27.67
CA UNK F 14 6.34 13.67 -27.03
C UNK F 14 5.40 12.96 -26.05
N UNK F 15 4.81 11.88 -26.54
CA UNK F 15 3.88 11.05 -25.78
C UNK F 15 4.56 10.54 -24.50
N UNK F 16 5.76 10.04 -24.69
CA UNK F 16 6.59 9.49 -23.61
C UNK F 16 6.81 10.56 -22.53
N UNK F 17 7.18 11.74 -23.02
CA UNK F 17 7.45 12.90 -22.16
C UNK F 17 6.22 13.22 -21.32
N UNK F 18 5.08 13.24 -22.00
CA UNK F 18 3.78 13.53 -21.38
C UNK F 18 3.51 12.54 -20.26
N UNK F 19 3.73 11.28 -20.57
CA UNK F 19 3.54 10.15 -19.64
C UNK F 19 4.38 10.36 -18.40
N UNK F 20 5.64 10.70 -18.64
CA UNK F 20 6.62 10.95 -17.58
C UNK F 20 6.13 12.06 -16.65
N UNK F 21 5.66 13.12 -17.28
CA UNK F 21 5.14 14.30 -16.57
C UNK F 21 3.98 13.89 -15.66
N UNK F 22 3.09 13.11 -16.23
CA UNK F 22 1.91 12.60 -15.54
C UNK F 22 2.32 11.80 -14.30
N UNK F 23 3.30 10.94 -14.51
CA UNK F 23 3.86 10.09 -13.46
C UNK F 23 4.39 10.95 -12.31
N UNK F 24 5.13 11.96 -12.69
CA UNK F 24 5.74 12.92 -11.76
C UNK F 24 4.66 13.59 -10.91
N UNK F 25 4.10 31.04 -27.65
CA UNK F 25 4.94 30.16 -26.81
C UNK F 25 5.48 30.95 -25.61
N UNK F 26 5.98 32.13 -25.92
CA UNK F 26 6.54 33.04 -24.92
C UNK F 26 5.50 33.37 -23.86
N UNK F 27 4.32 33.70 -24.35
CA UNK F 27 3.17 34.04 -23.51
C UNK F 27 2.85 32.89 -22.55
N UNK F 28 2.82 31.71 -23.12
CA UNK F 28 2.54 30.47 -22.39
C UNK F 28 3.55 30.29 -21.26
N UNK F 29 4.80 30.48 -21.62
CA UNK F 29 5.93 30.36 -20.69
C UNK F 29 5.75 31.31 -19.52
N UNK F 30 5.40 32.54 -19.87
CA UNK F 30 5.19 33.62 -18.90
C UNK F 30 4.08 33.21 -17.90
N UNK F 31 3.02 32.70 -18.48
CA UNK F 31 1.84 32.25 -17.71
C UNK F 31 2.26 31.17 -16.72
N UNK F 32 3.04 30.23 -17.22
CA UNK F 32 3.55 29.10 -16.42
C UNK F 32 4.35 29.63 -15.23
N UNK F 33 -1.50 35.92 -9.48
CA UNK F 33 -2.35 35.00 -8.74
C UNK F 33 -2.13 33.56 -9.20
N UNK F 34 -2.19 33.34 -10.51
CA UNK F 34 -2.00 32.02 -11.08
C UNK F 34 -0.69 31.39 -10.58
N UNK F 35 0.39 32.15 -10.68
CA UNK F 35 1.69 31.67 -10.23
C UNK F 35 1.65 31.23 -8.78
N UNK F 36 1.06 32.05 -7.93
CA UNK F 36 0.97 31.74 -6.50
C UNK F 36 0.23 30.43 -6.28
N UNK F 37 -0.88 30.24 -6.98
CA UNK F 37 -1.67 29.02 -6.85
C UNK F 37 -0.83 27.79 -7.22
N UNK F 38 -0.10 27.88 -8.32
CA UNK F 38 0.74 26.78 -8.76
C UNK F 38 1.78 26.41 -7.71
N UNK F 39 2.41 27.42 -7.13
CA UNK F 39 3.43 27.21 -6.10
C UNK F 39 2.83 26.49 -4.90
N UNK F 40 1.64 26.92 -4.47
CA UNK F 40 0.97 26.32 -3.33
C UNK F 40 0.69 24.84 -3.58
N UNK F 41 0.21 24.52 -4.77
CA UNK F 41 -0.09 23.15 -5.13
C UNK F 41 1.15 22.27 -5.05
N UNK F 42 2.28 22.80 -5.51
CA UNK F 42 3.54 22.07 -5.49
C UNK F 42 3.97 21.76 -4.07
N UNK F 43 3.81 22.73 -3.17
CA UNK F 43 4.19 22.57 -1.78
C UNK F 43 3.42 21.42 -1.14
N UNK F 44 2.10 21.39 -1.37
CA UNK F 44 1.24 20.34 -0.82
C UNK F 44 1.63 18.96 -1.35
N UNK F 45 15.02 33.93 -34.06
CA UNK F 45 13.59 33.70 -33.84
C UNK F 45 13.38 32.43 -33.02
N UNK F 46 14.09 31.40 -33.42
CA UNK F 46 14.04 30.08 -32.77
C UNK F 46 14.43 30.22 -31.30
N UNK F 47 15.52 30.94 -31.08
CA UNK F 47 16.05 31.21 -29.75
C UNK F 47 15.00 31.89 -28.87
N UNK F 48 14.36 32.91 -29.43
CA UNK F 48 13.33 33.67 -28.73
C UNK F 48 12.13 32.81 -28.37
N UNK F 49 11.72 31.96 -29.31
CA UNK F 49 10.68 30.98 -29.03
C UNK F 49 11.24 30.07 -27.96
N UNK F 50 12.53 29.76 -28.10
CA UNK F 50 13.29 29.03 -27.09
C UNK F 50 13.48 29.90 -25.85
N UNK F 51 13.86 31.14 -26.11
CA UNK F 51 14.10 32.13 -25.06
C UNK F 51 12.83 32.34 -24.23
N UNK F 52 11.73 32.48 -24.95
CA UNK F 52 10.40 32.69 -24.36
C UNK F 52 10.06 31.52 -23.42
N UNK F 53 10.30 30.33 -23.94
CA UNK F 53 10.06 29.07 -23.22
C UNK F 53 10.85 29.06 -21.91
N UNK F 54 12.11 29.42 -22.04
CA UNK F 54 13.05 29.48 -20.91
C UNK F 54 12.51 30.42 -19.83
N UNK F 55 -4.24 15.18 -10.37
CA UNK F 55 -3.38 15.81 -11.36
C UNK F 55 -4.17 16.46 -12.49
N UNK F 56 -5.13 15.71 -13.04
CA UNK F 56 -5.95 16.21 -14.12
C UNK F 56 -6.77 17.41 -13.68
N UNK F 57 -7.31 17.34 -12.46
CA UNK F 57 -8.08 18.43 -11.91
C UNK F 57 -7.22 19.67 -11.76
N UNK F 58 -5.99 19.47 -11.30
CA UNK F 58 -5.04 20.56 -11.15
C UNK F 58 -4.74 21.21 -12.50
N UNK F 59 -4.59 20.36 -13.52
CA UNK F 59 -4.34 20.85 -14.87
C UNK F 59 -5.52 21.68 -15.36
N UNK F 60 -6.73 21.22 -15.05
CA UNK F 60 -7.94 21.94 -15.42
C UNK F 60 -7.99 23.30 -14.73
N UNK F 61 -7.58 23.33 -13.46
CA UNK F 61 -7.58 24.56 -12.69
C UNK F 61 -6.57 25.56 -13.24
N UNK F 62 -5.31 25.13 -13.33
CA UNK F 62 -4.25 25.98 -13.84
C UNK F 62 -4.62 26.32 -15.27
N UNK F 63 -5.21 25.33 -15.96
CA UNK F 63 -5.58 25.45 -17.37
C UNK F 63 -6.59 26.58 -17.55
N UNK F 64 -7.52 26.70 -16.61
CA UNK F 64 -8.46 27.80 -16.64
C UNK F 64 -7.64 29.08 -16.54
N UNK F 65 -6.64 29.06 -15.67
CA UNK F 65 -5.70 30.16 -15.59
C UNK F 65 -4.95 30.25 -16.92
N UNK F 66 -4.57 29.10 -17.47
CA UNK F 66 -3.85 29.06 -18.74
C UNK F 66 -4.74 29.43 -19.92
#